data_2YU4
#
_entry.id   2YU4
#
loop_
_entity.id
_entity.type
_entity.pdbx_description
1 polymer 'E3 SUMO-protein ligase NSE2'
2 non-polymer 'ZINC ION'
#
_entity_poly.entity_id   1
_entity_poly.type   'polypeptide(L)'
_entity_poly.pdbx_seq_one_letter_code
;GSSGSSGFTCPITKEEMKKPVKNKVCGHTYEEDAIVRMIESRQKRKKKAYCPQIGCSHTDIRKSDLIQDEALRRAIENHN
KKRHRHSESGPSSG
;
_entity_poly.pdbx_strand_id   A
#
loop_
_chem_comp.id
_chem_comp.type
_chem_comp.name
_chem_comp.formula
ZN non-polymer 'ZINC ION' 'Zn 2'
#
# COMPACT_ATOMS: atom_id res chain seq x y z
N GLY A 1 13.40 4.25 -5.66
CA GLY A 1 12.31 4.66 -4.79
C GLY A 1 12.53 4.22 -3.36
N SER A 2 12.48 5.18 -2.43
CA SER A 2 12.67 4.89 -1.01
C SER A 2 11.96 5.91 -0.15
N SER A 3 11.17 5.43 0.81
CA SER A 3 10.43 6.29 1.71
C SER A 3 10.77 6.01 3.16
N GLY A 4 10.67 4.73 3.54
CA GLY A 4 10.97 4.33 4.90
C GLY A 4 11.79 3.06 4.97
N SER A 5 12.83 3.07 5.81
CA SER A 5 13.69 1.90 5.95
C SER A 5 12.93 0.73 6.57
N SER A 6 11.99 1.05 7.47
CA SER A 6 11.19 0.03 8.13
C SER A 6 9.76 0.50 8.33
N GLY A 7 8.88 0.09 7.43
CA GLY A 7 7.49 0.49 7.52
C GLY A 7 6.87 0.77 6.17
N PHE A 8 5.54 0.68 6.09
CA PHE A 8 4.83 0.93 4.84
C PHE A 8 3.58 1.77 5.08
N THR A 9 3.54 2.95 4.50
CA THR A 9 2.40 3.85 4.65
C THR A 9 1.80 4.21 3.30
N CYS A 10 0.48 4.14 3.21
CA CYS A 10 -0.22 4.46 1.97
C CYS A 10 -0.33 5.97 1.77
N PRO A 11 0.06 6.44 0.58
CA PRO A 11 0.02 7.86 0.24
C PRO A 11 -1.40 8.38 0.10
N ILE A 12 -2.38 7.48 0.12
CA ILE A 12 -3.77 7.85 0.00
C ILE A 12 -4.46 7.87 1.36
N THR A 13 -4.59 6.69 1.97
CA THR A 13 -5.22 6.57 3.27
C THR A 13 -4.36 7.19 4.36
N LYS A 14 -3.07 7.30 4.08
CA LYS A 14 -2.13 7.88 5.04
C LYS A 14 -2.05 7.02 6.30
N GLU A 15 -2.00 5.70 6.11
CA GLU A 15 -1.91 4.77 7.23
C GLU A 15 -1.18 3.49 6.83
N GLU A 16 -0.86 2.68 7.82
CA GLU A 16 -0.15 1.42 7.57
C GLU A 16 -0.89 0.59 6.50
N MET A 17 -0.11 -0.14 5.71
CA MET A 17 -0.68 -0.97 4.66
C MET A 17 -0.61 -2.45 5.03
N LYS A 18 -1.66 -3.19 4.68
CA LYS A 18 -1.73 -4.63 4.97
C LYS A 18 -1.79 -5.44 3.69
N LYS A 19 -2.37 -4.86 2.65
CA LYS A 19 -2.50 -5.54 1.36
C LYS A 19 -1.86 -4.71 0.25
N PRO A 20 -0.53 -4.83 0.10
CA PRO A 20 0.21 -4.10 -0.93
C PRO A 20 -0.10 -4.60 -2.33
N VAL A 21 -0.51 -3.69 -3.21
CA VAL A 21 -0.83 -4.04 -4.58
C VAL A 21 0.10 -3.33 -5.57
N LYS A 22 0.80 -4.12 -6.38
CA LYS A 22 1.72 -3.56 -7.36
C LYS A 22 1.06 -3.44 -8.73
N ASN A 23 1.38 -2.37 -9.44
CA ASN A 23 0.80 -2.14 -10.77
C ASN A 23 1.71 -2.72 -11.85
N LYS A 24 1.09 -3.13 -12.96
CA LYS A 24 1.83 -3.71 -14.07
C LYS A 24 2.35 -2.62 -15.01
N VAL A 25 1.67 -1.48 -15.00
CA VAL A 25 2.07 -0.36 -15.85
C VAL A 25 3.27 0.38 -15.27
N CYS A 26 3.08 1.00 -14.11
CA CYS A 26 4.15 1.74 -13.45
C CYS A 26 5.03 0.80 -12.62
N GLY A 27 4.45 0.25 -11.55
CA GLY A 27 5.19 -0.65 -10.69
C GLY A 27 5.05 -0.30 -9.22
N HIS A 28 4.60 0.93 -8.95
CA HIS A 28 4.44 1.39 -7.59
C HIS A 28 3.56 0.43 -6.79
N THR A 29 3.46 0.67 -5.49
CA THR A 29 2.65 -0.17 -4.61
C THR A 29 1.73 0.66 -3.72
N TYR A 30 0.50 0.20 -3.55
CA TYR A 30 -0.47 0.90 -2.73
C TYR A 30 -1.32 -0.08 -1.92
N GLU A 31 -2.21 0.47 -1.11
CA GLU A 31 -3.08 -0.36 -0.27
C GLU A 31 -4.31 -0.81 -1.06
N GLU A 32 -4.78 -2.03 -0.77
CA GLU A 32 -5.95 -2.58 -1.46
C GLU A 32 -7.14 -1.62 -1.36
N ASP A 33 -7.66 -1.46 -0.15
CA ASP A 33 -8.80 -0.58 0.08
C ASP A 33 -8.55 0.80 -0.52
N ALA A 34 -7.29 1.20 -0.56
CA ALA A 34 -6.92 2.49 -1.11
C ALA A 34 -7.13 2.53 -2.62
N ILE A 35 -6.41 1.67 -3.34
CA ILE A 35 -6.53 1.61 -4.79
C ILE A 35 -7.93 1.18 -5.22
N VAL A 36 -8.65 0.55 -4.30
CA VAL A 36 -10.01 0.09 -4.57
C VAL A 36 -11.02 1.21 -4.34
N ARG A 37 -10.79 2.00 -3.29
CA ARG A 37 -11.68 3.11 -2.97
C ARG A 37 -11.39 4.32 -3.83
N MET A 38 -10.16 4.41 -4.32
CA MET A 38 -9.74 5.52 -5.16
C MET A 38 -10.34 5.40 -6.56
N ILE A 39 -10.10 4.27 -7.21
CA ILE A 39 -10.61 4.04 -8.55
C ILE A 39 -12.13 4.20 -8.60
N GLU A 40 -12.78 3.79 -7.51
CA GLU A 40 -14.24 3.88 -7.42
C GLU A 40 -14.67 5.32 -7.11
N SER A 41 -13.80 6.06 -6.44
CA SER A 41 -14.09 7.45 -6.09
C SER A 41 -13.81 8.38 -7.27
N ARG A 42 -12.93 7.95 -8.15
CA ARG A 42 -12.57 8.75 -9.32
C ARG A 42 -13.58 8.55 -10.45
N GLN A 43 -13.83 7.29 -10.81
CA GLN A 43 -14.78 6.98 -11.87
C GLN A 43 -16.12 7.65 -11.62
N LYS A 44 -16.64 7.52 -10.40
CA LYS A 44 -17.91 8.12 -10.04
C LYS A 44 -17.89 9.62 -10.27
N ARG A 45 -16.70 10.21 -10.25
CA ARG A 45 -16.54 11.64 -10.47
C ARG A 45 -15.97 11.93 -11.86
N LYS A 46 -16.20 11.00 -12.78
CA LYS A 46 -15.70 11.14 -14.14
C LYS A 46 -14.21 11.46 -14.15
N LYS A 47 -13.46 10.74 -13.34
CA LYS A 47 -12.01 10.95 -13.26
C LYS A 47 -11.26 9.67 -13.61
N LYS A 48 -9.93 9.73 -13.53
CA LYS A 48 -9.10 8.57 -13.83
C LYS A 48 -8.12 8.30 -12.70
N ALA A 49 -7.78 7.03 -12.51
CA ALA A 49 -6.84 6.63 -11.47
C ALA A 49 -5.39 6.91 -11.89
N TYR A 50 -4.76 7.85 -11.19
CA TYR A 50 -3.38 8.22 -11.51
C TYR A 50 -2.45 7.86 -10.35
N CYS A 51 -1.17 7.67 -10.65
CA CYS A 51 -0.18 7.33 -9.65
C CYS A 51 -0.25 8.30 -8.47
N PRO A 52 -0.85 7.84 -7.36
CA PRO A 52 -0.98 8.65 -6.14
C PRO A 52 0.35 8.89 -5.44
N GLN A 53 1.36 8.12 -5.84
CA GLN A 53 2.70 8.25 -5.25
C GLN A 53 3.29 9.62 -5.55
N ILE A 54 3.30 10.49 -4.55
CA ILE A 54 3.85 11.83 -4.72
C ILE A 54 5.25 11.79 -5.30
N GLY A 55 5.37 12.18 -6.57
CA GLY A 55 6.67 12.17 -7.23
C GLY A 55 6.62 11.53 -8.59
N CYS A 56 5.61 10.71 -8.83
CA CYS A 56 5.44 10.03 -10.12
C CYS A 56 4.77 10.95 -11.13
N SER A 57 5.02 10.69 -12.41
CA SER A 57 4.44 11.49 -13.49
C SER A 57 3.30 10.73 -14.17
N HIS A 58 3.34 9.41 -14.09
CA HIS A 58 2.31 8.58 -14.70
C HIS A 58 0.92 9.01 -14.22
N THR A 59 -0.09 8.70 -15.03
CA THR A 59 -1.47 9.06 -14.71
C THR A 59 -2.46 8.10 -15.37
N ASP A 60 -2.08 6.84 -15.47
CA ASP A 60 -2.93 5.83 -16.09
C ASP A 60 -2.90 4.53 -15.30
N ILE A 61 -3.92 4.32 -14.48
CA ILE A 61 -4.02 3.12 -13.66
C ILE A 61 -5.36 2.42 -13.87
N ARG A 62 -5.30 1.11 -14.10
CA ARG A 62 -6.50 0.32 -14.30
C ARG A 62 -6.59 -0.83 -13.30
N LYS A 63 -7.79 -1.10 -12.82
CA LYS A 63 -8.01 -2.18 -11.86
C LYS A 63 -7.51 -3.50 -12.40
N SER A 64 -7.47 -3.62 -13.72
CA SER A 64 -7.01 -4.84 -14.37
C SER A 64 -5.51 -4.99 -14.24
N ASP A 65 -4.81 -3.86 -14.07
CA ASP A 65 -3.37 -3.87 -13.93
C ASP A 65 -2.96 -3.88 -12.46
N LEU A 66 -3.84 -4.37 -11.60
CA LEU A 66 -3.57 -4.45 -10.17
C LEU A 66 -3.36 -5.89 -9.73
N ILE A 67 -2.21 -6.14 -9.10
CA ILE A 67 -1.89 -7.48 -8.62
C ILE A 67 -1.44 -7.44 -7.16
N GLN A 68 -1.51 -8.59 -6.50
CA GLN A 68 -1.11 -8.69 -5.09
C GLN A 68 0.36 -9.04 -4.98
N ASP A 69 1.17 -8.07 -4.53
CA ASP A 69 2.60 -8.28 -4.36
C ASP A 69 2.88 -9.17 -3.16
N GLU A 70 3.53 -10.31 -3.42
CA GLU A 70 3.86 -11.25 -2.37
C GLU A 70 5.12 -10.83 -1.63
N ALA A 71 6.13 -10.42 -2.38
CA ALA A 71 7.39 -9.97 -1.81
C ALA A 71 7.16 -8.91 -0.73
N LEU A 72 6.15 -8.08 -0.94
CA LEU A 72 5.82 -7.02 0.01
C LEU A 72 4.90 -7.54 1.11
N ARG A 73 4.00 -8.45 0.74
CA ARG A 73 3.06 -9.03 1.69
C ARG A 73 3.80 -9.69 2.85
N ARG A 74 4.68 -10.63 2.53
CA ARG A 74 5.44 -11.35 3.54
C ARG A 74 6.33 -10.38 4.33
N ALA A 75 6.72 -9.29 3.68
CA ALA A 75 7.57 -8.29 4.31
C ALA A 75 6.86 -7.61 5.46
N ILE A 76 5.68 -7.04 5.18
CA ILE A 76 4.90 -6.36 6.19
C ILE A 76 4.62 -7.27 7.38
N GLU A 77 4.31 -8.53 7.10
CA GLU A 77 4.03 -9.51 8.14
C GLU A 77 5.24 -9.72 9.04
N ASN A 78 6.42 -9.53 8.46
CA ASN A 78 7.68 -9.70 9.20
C ASN A 78 7.77 -8.69 10.34
N HIS A 79 7.11 -7.55 10.17
CA HIS A 79 7.12 -6.50 11.18
C HIS A 79 5.95 -6.65 12.14
N ASN A 80 4.79 -7.00 11.60
CA ASN A 80 3.59 -7.18 12.41
C ASN A 80 3.80 -8.28 13.45
N LYS A 81 4.58 -9.29 13.09
CA LYS A 81 4.86 -10.40 13.98
C LYS A 81 5.50 -9.91 15.27
N LYS A 82 6.24 -8.81 15.17
CA LYS A 82 6.90 -8.23 16.33
C LYS A 82 5.93 -8.00 17.48
N ARG A 83 4.69 -7.64 17.14
CA ARG A 83 3.66 -7.39 18.13
C ARG A 83 4.11 -6.33 19.13
N HIS A 84 3.79 -5.07 18.83
CA HIS A 84 4.16 -3.96 19.70
C HIS A 84 3.09 -2.88 19.69
N ARG A 85 1.82 -3.31 19.67
CA ARG A 85 0.70 -2.38 19.65
C ARG A 85 -0.39 -2.82 20.62
N HIS A 86 -1.00 -3.96 20.34
CA HIS A 86 -2.05 -4.50 21.20
C HIS A 86 -1.49 -5.50 22.19
N SER A 87 -1.06 -6.66 21.68
CA SER A 87 -0.51 -7.71 22.53
C SER A 87 -1.49 -8.09 23.64
N GLU A 88 -2.73 -8.35 23.25
CA GLU A 88 -3.76 -8.72 24.21
C GLU A 88 -5.02 -9.22 23.50
N SER A 89 -4.91 -10.37 22.85
CA SER A 89 -6.03 -10.95 22.13
C SER A 89 -6.04 -12.47 22.27
N GLY A 90 -6.96 -12.98 23.10
CA GLY A 90 -7.05 -14.41 23.31
C GLY A 90 -8.33 -15.00 22.74
N PRO A 91 -8.41 -15.08 21.40
CA PRO A 91 -9.57 -15.62 20.71
C PRO A 91 -9.72 -17.12 20.91
N SER A 92 -10.97 -17.58 21.02
CA SER A 92 -11.25 -19.00 21.21
C SER A 92 -10.86 -19.81 19.98
N SER A 93 -10.99 -19.18 18.81
CA SER A 93 -10.66 -19.85 17.55
C SER A 93 -9.77 -18.95 16.68
N GLY A 94 -8.54 -19.39 16.46
CA GLY A 94 -7.61 -18.61 15.65
C GLY A 94 -7.29 -19.30 14.34
ZN ZN B . 4.19 5.43 -10.26
N GLY A 1 3.12 7.53 18.19
CA GLY A 1 3.51 8.02 16.89
C GLY A 1 4.27 9.33 16.96
N SER A 2 5.59 9.26 16.93
CA SER A 2 6.42 10.46 16.99
C SER A 2 6.68 11.01 15.59
N SER A 3 5.61 11.24 14.84
CA SER A 3 5.71 11.78 13.49
C SER A 3 6.58 10.87 12.62
N GLY A 4 6.05 9.71 12.26
CA GLY A 4 6.78 8.77 11.43
C GLY A 4 6.47 7.33 11.77
N SER A 5 6.41 6.48 10.74
CA SER A 5 6.10 5.07 10.94
C SER A 5 6.96 4.20 10.02
N SER A 6 7.83 3.39 10.61
CA SER A 6 8.70 2.52 9.85
C SER A 6 7.94 1.31 9.32
N GLY A 7 8.11 1.02 8.03
CA GLY A 7 7.43 -0.10 7.42
C GLY A 7 6.83 0.25 6.06
N PHE A 8 5.51 0.14 5.97
CA PHE A 8 4.81 0.44 4.72
C PHE A 8 3.55 1.25 4.98
N THR A 9 3.51 2.47 4.44
CA THR A 9 2.35 3.34 4.63
C THR A 9 1.76 3.74 3.28
N CYS A 10 0.43 3.80 3.22
CA CYS A 10 -0.26 4.17 2.00
C CYS A 10 -0.34 5.70 1.85
N PRO A 11 0.06 6.20 0.68
CA PRO A 11 0.05 7.64 0.38
C PRO A 11 -1.37 8.19 0.26
N ILE A 12 -2.35 7.29 0.25
CA ILE A 12 -3.75 7.69 0.14
C ILE A 12 -4.43 7.69 1.51
N THR A 13 -4.63 6.50 2.06
CA THR A 13 -5.27 6.36 3.36
C THR A 13 -4.38 6.90 4.47
N LYS A 14 -3.09 7.04 4.18
CA LYS A 14 -2.14 7.55 5.15
C LYS A 14 -2.02 6.62 6.36
N GLU A 15 -2.12 5.32 6.09
CA GLU A 15 -2.04 4.32 7.16
C GLU A 15 -1.30 3.08 6.68
N GLU A 16 -1.11 2.12 7.59
CA GLU A 16 -0.41 0.88 7.26
C GLU A 16 -1.12 0.14 6.12
N MET A 17 -0.33 -0.58 5.32
CA MET A 17 -0.89 -1.34 4.20
C MET A 17 -0.89 -2.84 4.50
N LYS A 18 -2.08 -3.41 4.65
CA LYS A 18 -2.22 -4.82 4.93
C LYS A 18 -2.25 -5.64 3.65
N LYS A 19 -2.81 -5.05 2.58
CA LYS A 19 -2.90 -5.72 1.30
C LYS A 19 -2.23 -4.90 0.20
N PRO A 20 -0.90 -5.03 0.10
CA PRO A 20 -0.11 -4.30 -0.91
C PRO A 20 -0.38 -4.80 -2.32
N VAL A 21 -0.69 -3.88 -3.21
CA VAL A 21 -0.97 -4.22 -4.61
C VAL A 21 0.00 -3.51 -5.55
N LYS A 22 0.71 -4.29 -6.35
CA LYS A 22 1.67 -3.73 -7.30
C LYS A 22 1.04 -3.59 -8.69
N ASN A 23 1.33 -2.47 -9.34
CA ASN A 23 0.79 -2.20 -10.67
C ASN A 23 1.66 -2.84 -11.76
N LYS A 24 1.04 -3.20 -12.87
CA LYS A 24 1.76 -3.82 -13.98
C LYS A 24 2.33 -2.76 -14.92
N VAL A 25 1.70 -1.59 -14.93
CA VAL A 25 2.14 -0.49 -15.78
C VAL A 25 3.35 0.21 -15.19
N CYS A 26 3.15 0.86 -14.05
CA CYS A 26 4.23 1.59 -13.38
C CYS A 26 5.08 0.63 -12.53
N GLY A 27 4.47 0.06 -11.49
CA GLY A 27 5.19 -0.85 -10.63
C GLY A 27 5.04 -0.51 -9.16
N HIS A 28 4.62 0.72 -8.89
CA HIS A 28 4.44 1.18 -7.52
C HIS A 28 3.53 0.23 -6.74
N THR A 29 3.40 0.47 -5.44
CA THR A 29 2.57 -0.37 -4.59
C THR A 29 1.65 0.48 -3.72
N TYR A 30 0.41 0.02 -3.56
CA TYR A 30 -0.57 0.75 -2.76
C TYR A 30 -1.45 -0.23 -1.97
N GLU A 31 -2.35 0.32 -1.16
CA GLU A 31 -3.25 -0.50 -0.36
C GLU A 31 -4.48 -0.90 -1.16
N GLU A 32 -4.99 -2.10 -0.89
CA GLU A 32 -6.16 -2.61 -1.58
C GLU A 32 -7.32 -1.63 -1.47
N ASP A 33 -7.85 -1.48 -0.26
CA ASP A 33 -8.97 -0.58 -0.01
C ASP A 33 -8.68 0.80 -0.58
N ALA A 34 -7.40 1.17 -0.63
CA ALA A 34 -7.00 2.48 -1.15
C ALA A 34 -7.21 2.54 -2.66
N ILE A 35 -6.51 1.68 -3.39
CA ILE A 35 -6.62 1.64 -4.85
C ILE A 35 -8.03 1.26 -5.28
N VAL A 36 -8.78 0.63 -4.37
CA VAL A 36 -10.15 0.21 -4.66
C VAL A 36 -11.13 1.36 -4.41
N ARG A 37 -10.88 2.11 -3.34
CA ARG A 37 -11.75 3.24 -2.99
C ARG A 37 -11.42 4.46 -3.84
N MET A 38 -10.18 4.53 -4.32
CA MET A 38 -9.74 5.65 -5.15
C MET A 38 -10.34 5.56 -6.54
N ILE A 39 -10.07 4.46 -7.23
CA ILE A 39 -10.58 4.25 -8.58
C ILE A 39 -12.09 4.44 -8.63
N GLU A 40 -12.78 3.93 -7.61
CA GLU A 40 -14.23 4.04 -7.53
C GLU A 40 -14.65 5.49 -7.33
N SER A 41 -13.96 6.17 -6.43
CA SER A 41 -14.28 7.57 -6.13
C SER A 41 -14.02 8.46 -7.34
N ARG A 42 -12.91 8.18 -8.05
CA ARG A 42 -12.55 8.95 -9.23
C ARG A 42 -13.60 8.79 -10.32
N GLN A 43 -13.92 7.54 -10.66
CA GLN A 43 -14.91 7.26 -11.69
C GLN A 43 -16.21 8.01 -11.43
N LYS A 44 -16.62 8.08 -10.16
CA LYS A 44 -17.83 8.77 -9.77
C LYS A 44 -17.80 10.22 -10.25
N ARG A 45 -16.60 10.79 -10.32
CA ARG A 45 -16.44 12.17 -10.76
C ARG A 45 -15.85 12.23 -12.16
N LYS A 46 -16.08 11.19 -12.93
CA LYS A 46 -15.57 11.11 -14.30
C LYS A 46 -14.06 11.33 -14.33
N LYS A 47 -13.39 10.93 -13.25
CA LYS A 47 -11.94 11.08 -13.15
C LYS A 47 -11.24 9.76 -13.45
N LYS A 48 -9.92 9.76 -13.35
CA LYS A 48 -9.12 8.56 -13.62
C LYS A 48 -8.17 8.27 -12.46
N ALA A 49 -7.64 7.06 -12.42
CA ALA A 49 -6.71 6.66 -11.37
C ALA A 49 -5.26 6.90 -11.81
N TYR A 50 -4.60 7.83 -11.13
CA TYR A 50 -3.22 8.16 -11.44
C TYR A 50 -2.29 7.81 -10.27
N CYS A 51 -1.02 7.60 -10.58
CA CYS A 51 -0.03 7.25 -9.56
C CYS A 51 -0.10 8.22 -8.38
N PRO A 52 -0.70 7.77 -7.27
CA PRO A 52 -0.84 8.59 -6.06
C PRO A 52 0.49 8.82 -5.36
N GLN A 53 1.50 8.03 -5.74
CA GLN A 53 2.83 8.15 -5.14
C GLN A 53 3.44 9.51 -5.47
N ILE A 54 3.46 10.40 -4.48
CA ILE A 54 4.03 11.73 -4.67
C ILE A 54 5.44 11.64 -5.24
N GLY A 55 5.56 11.96 -6.53
CA GLY A 55 6.85 11.92 -7.18
C GLY A 55 6.79 11.28 -8.56
N CYS A 56 5.75 10.49 -8.80
CA CYS A 56 5.58 9.81 -10.07
C CYS A 56 4.86 10.72 -11.08
N SER A 57 5.17 10.53 -12.35
CA SER A 57 4.56 11.33 -13.40
C SER A 57 3.42 10.57 -14.08
N HIS A 58 3.49 9.24 -14.02
CA HIS A 58 2.46 8.40 -14.63
C HIS A 58 1.07 8.81 -14.15
N THR A 59 0.07 8.54 -14.98
CA THR A 59 -1.31 8.88 -14.65
C THR A 59 -2.29 7.94 -15.34
N ASP A 60 -1.92 6.66 -15.42
CA ASP A 60 -2.77 5.67 -16.05
C ASP A 60 -2.78 4.37 -15.24
N ILE A 61 -3.82 4.18 -14.44
CA ILE A 61 -3.95 2.98 -13.62
C ILE A 61 -5.29 2.29 -13.86
N ARG A 62 -5.24 0.99 -14.09
CA ARG A 62 -6.45 0.20 -14.33
C ARG A 62 -6.55 -0.95 -13.35
N LYS A 63 -7.77 -1.24 -12.90
CA LYS A 63 -8.01 -2.32 -11.95
C LYS A 63 -7.48 -3.64 -12.51
N SER A 64 -7.42 -3.74 -13.82
CA SER A 64 -6.94 -4.96 -14.48
C SER A 64 -5.42 -5.07 -14.36
N ASP A 65 -4.75 -3.93 -14.20
CA ASP A 65 -3.30 -3.90 -14.08
C ASP A 65 -2.89 -3.88 -12.61
N LEU A 66 -3.74 -4.40 -11.74
CA LEU A 66 -3.46 -4.44 -10.31
C LEU A 66 -3.30 -5.88 -9.83
N ILE A 67 -2.13 -6.17 -9.26
CA ILE A 67 -1.85 -7.51 -8.75
C ILE A 67 -1.40 -7.45 -7.29
N GLN A 68 -1.43 -8.60 -6.62
CA GLN A 68 -1.02 -8.69 -5.22
C GLN A 68 0.46 -9.02 -5.11
N ASP A 69 1.22 -8.10 -4.52
CA ASP A 69 2.66 -8.30 -4.35
C ASP A 69 2.95 -9.11 -3.09
N GLU A 70 3.46 -10.32 -3.28
CA GLU A 70 3.77 -11.19 -2.15
C GLU A 70 5.09 -10.77 -1.49
N ALA A 71 6.04 -10.34 -2.31
CA ALA A 71 7.34 -9.91 -1.82
C ALA A 71 7.19 -8.84 -0.74
N LEU A 72 6.15 -8.04 -0.86
CA LEU A 72 5.89 -6.97 0.11
C LEU A 72 5.09 -7.50 1.30
N ARG A 73 4.11 -8.34 1.03
CA ARG A 73 3.27 -8.92 2.07
C ARG A 73 4.13 -9.62 3.11
N ARG A 74 4.95 -10.57 2.65
CA ARG A 74 5.82 -11.32 3.54
C ARG A 74 6.72 -10.39 4.35
N ALA A 75 7.18 -9.32 3.71
CA ALA A 75 8.04 -8.35 4.37
C ALA A 75 7.35 -7.73 5.58
N ILE A 76 6.18 -7.15 5.35
CA ILE A 76 5.42 -6.52 6.43
C ILE A 76 5.16 -7.50 7.57
N GLU A 77 5.08 -8.79 7.23
CA GLU A 77 4.85 -9.83 8.23
C GLU A 77 6.13 -10.19 8.95
N ASN A 78 7.26 -10.10 8.24
CA ASN A 78 8.56 -10.43 8.82
C ASN A 78 9.02 -9.32 9.76
N HIS A 79 8.54 -8.11 9.51
CA HIS A 79 8.91 -6.96 10.34
C HIS A 79 8.05 -6.90 11.60
N ASN A 80 6.81 -7.35 11.48
CA ASN A 80 5.88 -7.35 12.61
C ASN A 80 6.16 -8.51 13.55
N LYS A 81 6.53 -9.65 12.99
CA LYS A 81 6.85 -10.84 13.79
C LYS A 81 8.15 -10.65 14.54
N LYS A 82 9.06 -9.88 13.96
CA LYS A 82 10.36 -9.63 14.58
C LYS A 82 10.19 -8.93 15.94
N ARG A 83 9.12 -8.15 16.05
CA ARG A 83 8.83 -7.43 17.29
C ARG A 83 7.37 -7.56 17.69
N HIS A 84 7.04 -8.66 18.36
CA HIS A 84 5.67 -8.91 18.79
C HIS A 84 5.64 -9.48 20.21
N ARG A 85 6.64 -9.13 21.01
CA ARG A 85 6.74 -9.61 22.38
C ARG A 85 7.45 -8.58 23.27
N HIS A 86 8.61 -8.12 22.81
CA HIS A 86 9.38 -7.14 23.56
C HIS A 86 9.13 -5.73 23.04
N SER A 87 8.12 -5.07 23.59
CA SER A 87 7.77 -3.72 23.17
C SER A 87 8.68 -2.69 23.83
N GLU A 88 9.65 -2.19 23.08
CA GLU A 88 10.59 -1.21 23.60
C GLU A 88 9.97 0.19 23.63
N SER A 89 10.75 1.18 24.05
CA SER A 89 10.26 2.55 24.13
C SER A 89 11.38 3.53 23.85
N GLY A 90 12.21 3.22 22.85
CA GLY A 90 13.32 4.09 22.50
C GLY A 90 13.13 4.74 21.14
N PRO A 91 12.35 5.83 21.10
CA PRO A 91 12.08 6.56 19.86
C PRO A 91 13.31 7.30 19.35
N SER A 92 13.80 6.89 18.19
CA SER A 92 14.98 7.51 17.59
C SER A 92 14.96 7.35 16.07
N SER A 93 14.30 8.29 15.39
CA SER A 93 14.19 8.25 13.94
C SER A 93 13.94 9.65 13.38
N GLY A 94 14.66 9.99 12.32
CA GLY A 94 14.49 11.30 11.71
C GLY A 94 13.06 11.56 11.27
ZN ZN B . 4.24 5.26 -10.14
N GLY A 1 13.67 4.93 -7.51
CA GLY A 1 14.58 4.79 -6.40
C GLY A 1 14.39 5.85 -5.34
N SER A 2 15.48 6.35 -4.79
CA SER A 2 15.42 7.38 -3.75
C SER A 2 14.50 6.95 -2.62
N SER A 3 14.54 5.66 -2.28
CA SER A 3 13.70 5.12 -1.22
C SER A 3 14.52 4.24 -0.27
N GLY A 4 13.90 3.80 0.81
CA GLY A 4 14.58 2.96 1.77
C GLY A 4 14.00 3.09 3.16
N SER A 5 12.68 3.02 3.27
CA SER A 5 12.00 3.14 4.55
C SER A 5 11.74 1.76 5.16
N SER A 6 11.55 1.73 6.47
CA SER A 6 11.29 0.47 7.17
C SER A 6 9.82 0.09 7.08
N GLY A 7 8.96 0.93 7.65
CA GLY A 7 7.54 0.66 7.63
C GLY A 7 6.92 0.88 6.25
N PHE A 8 5.60 0.79 6.17
CA PHE A 8 4.90 0.98 4.90
C PHE A 8 3.64 1.82 5.10
N THR A 9 3.62 2.99 4.48
CA THR A 9 2.49 3.90 4.58
C THR A 9 1.91 4.22 3.20
N CYS A 10 0.59 4.23 3.10
CA CYS A 10 -0.08 4.52 1.84
C CYS A 10 -0.17 6.02 1.61
N PRO A 11 0.24 6.46 0.41
CA PRO A 11 0.23 7.88 0.04
C PRO A 11 -1.20 8.41 -0.14
N ILE A 12 -2.17 7.51 -0.12
CA ILE A 12 -3.56 7.89 -0.28
C ILE A 12 -4.27 7.97 1.07
N THR A 13 -4.45 6.82 1.70
CA THR A 13 -5.11 6.76 3.00
C THR A 13 -4.25 7.38 4.09
N LYS A 14 -2.95 7.49 3.82
CA LYS A 14 -2.01 8.07 4.77
C LYS A 14 -1.93 7.23 6.04
N GLU A 15 -1.99 5.91 5.87
CA GLU A 15 -1.92 5.00 7.01
C GLU A 15 -1.11 3.76 6.65
N GLU A 16 -0.98 2.84 7.61
CA GLU A 16 -0.24 1.61 7.40
C GLU A 16 -0.87 0.77 6.29
N MET A 17 -0.04 0.02 5.58
CA MET A 17 -0.52 -0.82 4.49
C MET A 17 -0.49 -2.30 4.89
N LYS A 18 -1.56 -3.02 4.56
CA LYS A 18 -1.65 -4.43 4.88
C LYS A 18 -1.69 -5.29 3.61
N LYS A 19 -2.26 -4.73 2.55
CA LYS A 19 -2.37 -5.43 1.28
C LYS A 19 -1.73 -4.62 0.16
N PRO A 20 -0.40 -4.73 0.02
CA PRO A 20 0.35 -4.02 -1.02
C PRO A 20 0.06 -4.54 -2.42
N VAL A 21 -0.36 -3.65 -3.31
CA VAL A 21 -0.67 -4.03 -4.67
C VAL A 21 0.23 -3.29 -5.66
N LYS A 22 0.92 -4.05 -6.50
CA LYS A 22 1.82 -3.47 -7.50
C LYS A 22 1.12 -3.34 -8.84
N ASN A 23 1.42 -2.26 -9.55
CA ASN A 23 0.83 -2.02 -10.87
C ASN A 23 1.67 -2.63 -11.97
N LYS A 24 1.02 -2.99 -13.08
CA LYS A 24 1.71 -3.58 -14.21
C LYS A 24 2.23 -2.50 -15.16
N VAL A 25 1.58 -1.33 -15.13
CA VAL A 25 1.98 -0.23 -15.99
C VAL A 25 3.20 0.50 -15.43
N CYS A 26 3.02 1.14 -14.27
CA CYS A 26 4.11 1.87 -13.63
C CYS A 26 4.99 0.93 -12.82
N GLY A 27 4.42 0.37 -11.75
CA GLY A 27 5.17 -0.54 -10.90
C GLY A 27 5.07 -0.19 -9.43
N HIS A 28 4.62 1.03 -9.15
CA HIS A 28 4.48 1.50 -7.78
C HIS A 28 3.62 0.52 -6.96
N THR A 29 3.54 0.78 -5.66
CA THR A 29 2.75 -0.07 -4.77
C THR A 29 1.81 0.75 -3.90
N TYR A 30 0.59 0.26 -3.72
CA TYR A 30 -0.40 0.97 -2.90
C TYR A 30 -1.23 -0.02 -2.08
N GLU A 31 -2.13 0.51 -1.26
CA GLU A 31 -2.98 -0.32 -0.42
C GLU A 31 -4.23 -0.77 -1.18
N GLU A 32 -4.69 -1.98 -0.88
CA GLU A 32 -5.87 -2.52 -1.55
C GLU A 32 -7.05 -1.58 -1.41
N ASP A 33 -7.55 -1.43 -0.19
CA ASP A 33 -8.68 -0.54 0.06
C ASP A 33 -8.45 0.84 -0.54
N ALA A 34 -7.18 1.24 -0.60
CA ALA A 34 -6.82 2.54 -1.17
C ALA A 34 -7.07 2.58 -2.67
N ILE A 35 -6.37 1.72 -3.41
CA ILE A 35 -6.51 1.67 -4.85
C ILE A 35 -7.93 1.24 -5.24
N VAL A 36 -8.63 0.61 -4.31
CA VAL A 36 -9.99 0.16 -4.55
C VAL A 36 -11.00 1.27 -4.30
N ARG A 37 -10.75 2.05 -3.26
CA ARG A 37 -11.63 3.16 -2.90
C ARG A 37 -11.35 4.39 -3.76
N MET A 38 -10.13 4.47 -4.28
CA MET A 38 -9.74 5.58 -5.13
C MET A 38 -10.35 5.46 -6.52
N ILE A 39 -10.07 4.34 -7.19
CA ILE A 39 -10.59 4.10 -8.53
C ILE A 39 -12.11 4.18 -8.54
N GLU A 40 -12.74 3.67 -7.48
CA GLU A 40 -14.19 3.69 -7.38
C GLU A 40 -14.70 5.10 -7.15
N SER A 41 -13.95 5.88 -6.38
CA SER A 41 -14.33 7.25 -6.07
C SER A 41 -14.14 8.15 -7.29
N ARG A 42 -13.06 7.92 -8.04
CA ARG A 42 -12.76 8.70 -9.23
C ARG A 42 -13.84 8.52 -10.29
N GLN A 43 -14.14 7.26 -10.61
CA GLN A 43 -15.15 6.95 -11.62
C GLN A 43 -16.47 7.65 -11.29
N LYS A 44 -16.73 7.84 -10.00
CA LYS A 44 -17.95 8.50 -9.56
C LYS A 44 -17.93 9.99 -9.91
N ARG A 45 -16.74 10.58 -9.84
CA ARG A 45 -16.58 11.99 -10.14
C ARG A 45 -16.05 12.19 -11.56
N LYS A 46 -16.32 11.21 -12.43
CA LYS A 46 -15.87 11.28 -13.82
C LYS A 46 -14.38 11.56 -13.89
N LYS A 47 -13.62 10.96 -12.99
CA LYS A 47 -12.18 11.14 -12.95
C LYS A 47 -11.46 9.86 -13.37
N LYS A 48 -10.13 9.88 -13.30
CA LYS A 48 -9.32 8.72 -13.67
C LYS A 48 -8.28 8.43 -12.59
N ALA A 49 -7.90 7.16 -12.48
CA ALA A 49 -6.91 6.74 -11.49
C ALA A 49 -5.49 7.06 -11.96
N TYR A 50 -4.79 7.88 -11.18
CA TYR A 50 -3.43 8.28 -11.52
C TYR A 50 -2.46 7.94 -10.38
N CYS A 51 -1.19 7.77 -10.73
CA CYS A 51 -0.17 7.44 -9.73
C CYS A 51 -0.23 8.41 -8.56
N PRO A 52 -0.79 7.94 -7.43
CA PRO A 52 -0.91 8.74 -6.22
C PRO A 52 0.43 9.01 -5.56
N GLN A 53 1.45 8.25 -5.96
CA GLN A 53 2.78 8.40 -5.41
C GLN A 53 3.35 9.78 -5.73
N ILE A 54 3.41 10.64 -4.73
CA ILE A 54 3.93 11.99 -4.90
C ILE A 54 5.33 11.96 -5.52
N GLY A 55 5.39 12.25 -6.81
CA GLY A 55 6.68 12.24 -7.50
C GLY A 55 6.60 11.61 -8.88
N CYS A 56 5.57 10.79 -9.09
CA CYS A 56 5.38 10.13 -10.37
C CYS A 56 4.63 11.02 -11.35
N SER A 57 4.90 10.82 -12.64
CA SER A 57 4.25 11.63 -13.68
C SER A 57 3.10 10.86 -14.32
N HIS A 58 3.19 9.53 -14.27
CA HIS A 58 2.15 8.67 -14.85
C HIS A 58 0.77 9.07 -14.34
N THR A 59 -0.26 8.75 -15.11
CA THR A 59 -1.63 9.08 -14.74
C THR A 59 -2.62 8.13 -15.40
N ASP A 60 -2.24 6.86 -15.50
CA ASP A 60 -3.09 5.85 -16.11
C ASP A 60 -3.05 4.56 -15.33
N ILE A 61 -4.06 4.34 -14.49
CA ILE A 61 -4.13 3.12 -13.68
C ILE A 61 -5.47 2.42 -13.88
N ARG A 62 -5.41 1.11 -14.12
CA ARG A 62 -6.61 0.31 -14.33
C ARG A 62 -6.66 -0.85 -13.34
N LYS A 63 -7.86 -1.14 -12.84
CA LYS A 63 -8.05 -2.23 -11.89
C LYS A 63 -7.54 -3.55 -12.47
N SER A 64 -7.52 -3.65 -13.79
CA SER A 64 -7.06 -4.85 -14.47
C SER A 64 -5.54 -4.97 -14.39
N ASP A 65 -4.87 -3.83 -14.24
CA ASP A 65 -3.42 -3.79 -14.15
C ASP A 65 -2.96 -3.78 -12.70
N LEU A 66 -3.79 -4.32 -11.81
CA LEU A 66 -3.47 -4.37 -10.39
C LEU A 66 -3.26 -5.81 -9.94
N ILE A 67 -2.10 -6.07 -9.35
CA ILE A 67 -1.77 -7.40 -8.87
C ILE A 67 -1.35 -7.38 -7.40
N GLN A 68 -1.35 -8.54 -6.77
CA GLN A 68 -0.99 -8.64 -5.36
C GLN A 68 0.50 -8.99 -5.21
N ASP A 69 1.22 -8.16 -4.47
CA ASP A 69 2.65 -8.39 -4.25
C ASP A 69 2.88 -9.23 -3.00
N GLU A 70 3.33 -10.46 -3.19
CA GLU A 70 3.59 -11.37 -2.08
C GLU A 70 4.89 -10.99 -1.36
N ALA A 71 5.92 -10.69 -2.14
CA ALA A 71 7.20 -10.31 -1.57
C ALA A 71 7.05 -9.19 -0.57
N LEU A 72 6.07 -8.32 -0.79
CA LEU A 72 5.82 -7.20 0.11
C LEU A 72 4.89 -7.59 1.24
N ARG A 73 3.87 -8.39 0.90
CA ARG A 73 2.91 -8.86 1.90
C ARG A 73 3.61 -9.54 3.07
N ARG A 74 4.44 -10.54 2.75
CA ARG A 74 5.16 -11.29 3.76
C ARG A 74 6.15 -10.38 4.49
N ALA A 75 6.64 -9.36 3.80
CA ALA A 75 7.59 -8.41 4.38
C ALA A 75 7.04 -7.79 5.66
N ILE A 76 5.88 -7.16 5.54
CA ILE A 76 5.24 -6.53 6.70
C ILE A 76 4.94 -7.54 7.79
N GLU A 77 4.66 -8.78 7.38
CA GLU A 77 4.36 -9.84 8.33
C GLU A 77 5.60 -10.26 9.10
N ASN A 78 6.76 -10.11 8.47
CA ASN A 78 8.03 -10.47 9.11
C ASN A 78 8.53 -9.34 10.00
N HIS A 79 8.12 -8.11 9.68
CA HIS A 79 8.52 -6.95 10.46
C HIS A 79 7.67 -6.81 11.71
N ASN A 80 6.46 -7.34 11.66
CA ASN A 80 5.54 -7.28 12.80
C ASN A 80 5.80 -8.43 13.77
N LYS A 81 5.85 -9.64 13.23
CA LYS A 81 6.08 -10.84 14.05
C LYS A 81 7.34 -10.66 14.91
N LYS A 82 8.28 -9.89 14.41
CA LYS A 82 9.53 -9.64 15.13
C LYS A 82 9.24 -9.08 16.52
N ARG A 83 8.18 -8.29 16.63
CA ARG A 83 7.80 -7.69 17.90
C ARG A 83 7.27 -8.75 18.86
N HIS A 84 7.05 -8.36 20.12
CA HIS A 84 6.54 -9.27 21.12
C HIS A 84 5.19 -8.81 21.65
N ARG A 85 5.19 -7.68 22.36
CA ARG A 85 3.96 -7.12 22.91
C ARG A 85 3.36 -8.07 23.95
N HIS A 86 2.29 -7.63 24.59
CA HIS A 86 1.60 -8.44 25.60
C HIS A 86 2.55 -8.78 26.74
N SER A 87 2.06 -9.56 27.71
CA SER A 87 2.86 -9.95 28.86
C SER A 87 3.54 -11.30 28.62
N GLU A 88 4.80 -11.25 28.20
CA GLU A 88 5.55 -12.47 27.94
C GLU A 88 6.81 -12.53 28.81
N SER A 89 6.62 -12.38 30.12
CA SER A 89 7.73 -12.41 31.06
C SER A 89 8.05 -13.85 31.48
N GLY A 90 9.24 -14.04 32.03
CA GLY A 90 9.65 -15.37 32.47
C GLY A 90 10.58 -15.34 33.65
N PRO A 91 10.01 -15.22 34.86
CA PRO A 91 10.78 -15.17 36.10
C PRO A 91 11.45 -16.50 36.43
N SER A 92 10.79 -17.60 36.03
CA SER A 92 11.33 -18.93 36.28
C SER A 92 12.72 -19.09 35.68
N SER A 93 13.71 -19.32 36.53
CA SER A 93 15.08 -19.48 36.08
C SER A 93 15.41 -20.95 35.90
N GLY A 94 15.87 -21.31 34.70
CA GLY A 94 16.21 -22.69 34.41
C GLY A 94 16.94 -22.84 33.09
ZN ZN B . 4.16 5.54 -10.41
N GLY A 1 13.63 18.91 5.93
CA GLY A 1 13.29 17.76 5.13
C GLY A 1 13.98 16.49 5.59
N SER A 2 13.24 15.40 5.66
CA SER A 2 13.79 14.13 6.10
C SER A 2 13.59 13.05 5.04
N SER A 3 14.33 11.95 5.17
CA SER A 3 14.24 10.85 4.21
C SER A 3 14.46 9.51 4.91
N GLY A 4 13.42 8.66 4.90
CA GLY A 4 13.53 7.36 5.54
C GLY A 4 12.23 6.58 5.46
N SER A 5 12.34 5.26 5.37
CA SER A 5 11.18 4.40 5.29
C SER A 5 11.37 3.14 6.12
N SER A 6 10.69 3.09 7.26
CA SER A 6 10.78 1.94 8.16
C SER A 6 9.78 0.86 7.78
N GLY A 7 8.50 1.18 7.91
CA GLY A 7 7.46 0.23 7.57
C GLY A 7 6.85 0.49 6.21
N PHE A 8 5.52 0.44 6.13
CA PHE A 8 4.83 0.67 4.88
C PHE A 8 3.60 1.54 5.08
N THR A 9 3.62 2.73 4.47
CA THR A 9 2.51 3.67 4.58
C THR A 9 1.93 4.01 3.22
N CYS A 10 0.60 4.09 3.15
CA CYS A 10 -0.08 4.41 1.90
C CYS A 10 -0.15 5.92 1.70
N PRO A 11 0.25 6.37 0.50
CA PRO A 11 0.24 7.79 0.14
C PRO A 11 -1.17 8.35 -0.02
N ILE A 12 -2.14 7.45 -0.11
CA ILE A 12 -3.53 7.86 -0.25
C ILE A 12 -4.24 7.91 1.09
N THR A 13 -4.35 6.75 1.75
CA THR A 13 -5.00 6.66 3.05
C THR A 13 -4.15 7.31 4.14
N LYS A 14 -2.85 7.43 3.87
CA LYS A 14 -1.93 8.04 4.83
C LYS A 14 -1.86 7.21 6.12
N GLU A 15 -1.81 5.90 5.96
CA GLU A 15 -1.74 5.00 7.12
C GLU A 15 -1.01 3.71 6.76
N GLU A 16 -0.91 2.81 7.72
CA GLU A 16 -0.23 1.53 7.51
C GLU A 16 -0.94 0.71 6.44
N MET A 17 -0.17 -0.07 5.69
CA MET A 17 -0.72 -0.91 4.64
C MET A 17 -0.71 -2.38 5.05
N LYS A 18 -1.76 -3.10 4.67
CA LYS A 18 -1.88 -4.52 4.99
C LYS A 18 -1.93 -5.37 3.73
N LYS A 19 -2.51 -4.80 2.67
CA LYS A 19 -2.62 -5.50 1.40
C LYS A 19 -1.97 -4.70 0.27
N PRO A 20 -0.65 -4.82 0.13
CA PRO A 20 0.11 -4.12 -0.90
C PRO A 20 -0.19 -4.65 -2.30
N VAL A 21 -0.55 -3.75 -3.21
CA VAL A 21 -0.86 -4.13 -4.58
C VAL A 21 0.07 -3.40 -5.56
N LYS A 22 0.76 -4.19 -6.40
CA LYS A 22 1.67 -3.63 -7.39
C LYS A 22 0.98 -3.49 -8.75
N ASN A 23 1.35 -2.45 -9.48
CA ASN A 23 0.76 -2.21 -10.80
C ASN A 23 1.63 -2.83 -11.90
N LYS A 24 1.01 -3.12 -13.03
CA LYS A 24 1.70 -3.72 -14.16
C LYS A 24 2.24 -2.65 -15.10
N VAL A 25 1.59 -1.48 -15.09
CA VAL A 25 2.00 -0.37 -15.93
C VAL A 25 3.23 0.34 -15.37
N CYS A 26 3.06 0.97 -14.21
CA CYS A 26 4.16 1.69 -13.58
C CYS A 26 5.01 0.73 -12.73
N GLY A 27 4.39 0.11 -11.73
CA GLY A 27 5.10 -0.81 -10.88
C GLY A 27 5.00 -0.44 -9.42
N HIS A 28 4.58 0.79 -9.15
CA HIS A 28 4.43 1.26 -7.77
C HIS A 28 3.56 0.32 -6.96
N THR A 29 3.46 0.59 -5.66
CA THR A 29 2.65 -0.24 -4.78
C THR A 29 1.74 0.62 -3.90
N TYR A 30 0.52 0.16 -3.69
CA TYR A 30 -0.45 0.89 -2.86
C TYR A 30 -1.29 -0.07 -2.04
N GLU A 31 -2.17 0.48 -1.21
CA GLU A 31 -3.04 -0.32 -0.36
C GLU A 31 -4.30 -0.75 -1.13
N GLU A 32 -4.79 -1.95 -0.81
CA GLU A 32 -5.98 -2.48 -1.47
C GLU A 32 -7.14 -1.50 -1.36
N ASP A 33 -7.64 -1.32 -0.14
CA ASP A 33 -8.75 -0.40 0.10
C ASP A 33 -8.49 0.96 -0.52
N ALA A 34 -7.21 1.33 -0.59
CA ALA A 34 -6.81 2.61 -1.17
C ALA A 34 -7.06 2.63 -2.67
N ILE A 35 -6.38 1.75 -3.40
CA ILE A 35 -6.52 1.68 -4.84
C ILE A 35 -7.94 1.28 -5.23
N VAL A 36 -8.66 0.67 -4.29
CA VAL A 36 -10.03 0.25 -4.54
C VAL A 36 -11.01 1.39 -4.30
N ARG A 37 -10.75 2.18 -3.27
CA ARG A 37 -11.62 3.31 -2.93
C ARG A 37 -11.31 4.51 -3.82
N MET A 38 -10.08 4.56 -4.33
CA MET A 38 -9.65 5.66 -5.19
C MET A 38 -10.26 5.52 -6.58
N ILE A 39 -9.96 4.40 -7.24
CA ILE A 39 -10.48 4.14 -8.58
C ILE A 39 -12.00 4.23 -8.61
N GLU A 40 -12.63 3.67 -7.58
CA GLU A 40 -14.09 3.68 -7.49
C GLU A 40 -14.61 5.10 -7.30
N SER A 41 -13.97 5.84 -6.40
CA SER A 41 -14.37 7.21 -6.11
C SER A 41 -14.17 8.11 -7.33
N ARG A 42 -13.08 7.88 -8.05
CA ARG A 42 -12.76 8.66 -9.24
C ARG A 42 -13.81 8.43 -10.33
N GLN A 43 -14.03 7.16 -10.67
CA GLN A 43 -15.00 6.82 -11.70
C GLN A 43 -16.36 7.47 -11.41
N LYS A 44 -16.75 7.47 -10.14
CA LYS A 44 -18.02 8.06 -9.73
C LYS A 44 -18.12 9.51 -10.22
N ARG A 45 -16.98 10.17 -10.33
CA ARG A 45 -16.95 11.56 -10.78
C ARG A 45 -16.31 11.67 -12.17
N LYS A 46 -16.40 10.59 -12.94
CA LYS A 46 -15.84 10.56 -14.28
C LYS A 46 -14.37 10.98 -14.26
N LYS A 47 -13.69 10.67 -13.16
CA LYS A 47 -12.27 11.01 -13.03
C LYS A 47 -11.38 9.88 -13.53
N LYS A 48 -10.08 10.06 -13.40
CA LYS A 48 -9.12 9.05 -13.84
C LYS A 48 -8.12 8.73 -12.73
N ALA A 49 -7.73 7.46 -12.64
CA ALA A 49 -6.79 7.02 -11.63
C ALA A 49 -5.35 7.31 -12.07
N TYR A 50 -4.60 8.00 -11.23
CA TYR A 50 -3.21 8.34 -11.53
C TYR A 50 -2.30 7.95 -10.38
N CYS A 51 -1.02 7.74 -10.68
CA CYS A 51 -0.04 7.36 -9.68
C CYS A 51 -0.09 8.32 -8.50
N PRO A 52 -0.68 7.86 -7.39
CA PRO A 52 -0.82 8.66 -6.16
C PRO A 52 0.52 8.86 -5.46
N GLN A 53 1.53 8.13 -5.91
CA GLN A 53 2.87 8.22 -5.33
C GLN A 53 3.49 9.58 -5.62
N ILE A 54 3.51 10.45 -4.61
CA ILE A 54 4.09 11.79 -4.78
C ILE A 54 5.49 11.72 -5.36
N GLY A 55 5.62 12.12 -6.62
CA GLY A 55 6.92 12.10 -7.27
C GLY A 55 6.87 11.45 -8.64
N CYS A 56 5.82 10.66 -8.88
CA CYS A 56 5.66 9.97 -10.15
C CYS A 56 5.01 10.89 -11.19
N SER A 57 5.27 10.62 -12.46
CA SER A 57 4.71 11.42 -13.54
C SER A 57 3.55 10.70 -14.21
N HIS A 58 3.54 9.38 -14.11
CA HIS A 58 2.49 8.55 -14.71
C HIS A 58 1.12 9.02 -14.24
N THR A 59 0.10 8.74 -15.04
CA THR A 59 -1.27 9.13 -14.70
C THR A 59 -2.28 8.19 -15.36
N ASP A 60 -1.93 6.92 -15.49
CA ASP A 60 -2.80 5.93 -16.10
C ASP A 60 -2.78 4.62 -15.32
N ILE A 61 -3.79 4.42 -14.48
CA ILE A 61 -3.88 3.21 -13.68
C ILE A 61 -5.23 2.52 -13.87
N ARG A 62 -5.20 1.22 -14.10
CA ARG A 62 -6.42 0.45 -14.30
C ARG A 62 -6.51 -0.71 -13.32
N LYS A 63 -7.70 -0.95 -12.79
CA LYS A 63 -7.92 -2.03 -11.83
C LYS A 63 -7.46 -3.37 -12.41
N SER A 64 -7.47 -3.47 -13.73
CA SER A 64 -7.06 -4.69 -14.41
C SER A 64 -5.55 -4.89 -14.32
N ASP A 65 -4.83 -3.79 -14.14
CA ASP A 65 -3.37 -3.83 -14.03
C ASP A 65 -2.94 -3.88 -12.58
N LEU A 66 -3.84 -4.34 -11.71
CA LEU A 66 -3.54 -4.43 -10.28
C LEU A 66 -3.30 -5.88 -9.86
N ILE A 67 -2.17 -6.11 -9.20
CA ILE A 67 -1.82 -7.45 -8.74
C ILE A 67 -1.35 -7.44 -7.29
N GLN A 68 -1.36 -8.60 -6.65
CA GLN A 68 -0.93 -8.72 -5.26
C GLN A 68 0.56 -9.03 -5.19
N ASP A 69 1.32 -8.13 -4.55
CA ASP A 69 2.75 -8.30 -4.40
C ASP A 69 3.08 -9.11 -3.15
N GLU A 70 3.41 -10.38 -3.34
CA GLU A 70 3.75 -11.26 -2.23
C GLU A 70 5.06 -10.85 -1.58
N ALA A 71 6.01 -10.39 -2.39
CA ALA A 71 7.31 -9.96 -1.91
C ALA A 71 7.15 -8.91 -0.81
N LEU A 72 6.07 -8.16 -0.87
CA LEU A 72 5.80 -7.12 0.12
C LEU A 72 4.95 -7.66 1.27
N ARG A 73 3.97 -8.49 0.93
CA ARG A 73 3.08 -9.08 1.92
C ARG A 73 3.88 -9.79 3.01
N ARG A 74 4.81 -10.65 2.59
CA ARG A 74 5.65 -11.39 3.52
C ARG A 74 6.49 -10.44 4.38
N ALA A 75 6.84 -9.29 3.81
CA ALA A 75 7.63 -8.31 4.52
C ALA A 75 6.86 -7.72 5.70
N ILE A 76 5.67 -7.19 5.41
CA ILE A 76 4.83 -6.59 6.44
C ILE A 76 4.53 -7.59 7.55
N GLU A 77 4.40 -8.87 7.18
CA GLU A 77 4.11 -9.92 8.14
C GLU A 77 5.30 -10.17 9.05
N ASN A 78 6.50 -10.14 8.47
CA ASN A 78 7.73 -10.36 9.23
C ASN A 78 7.98 -9.22 10.21
N HIS A 79 7.45 -8.05 9.88
CA HIS A 79 7.61 -6.87 10.73
C HIS A 79 6.53 -6.83 11.81
N ASN A 80 5.38 -7.42 11.50
CA ASN A 80 4.26 -7.45 12.44
C ASN A 80 4.44 -8.55 13.48
N LYS A 81 4.92 -9.71 13.03
CA LYS A 81 5.14 -10.85 13.91
C LYS A 81 6.18 -10.51 14.97
N LYS A 82 7.07 -9.58 14.64
CA LYS A 82 8.12 -9.16 15.57
C LYS A 82 7.54 -8.45 16.78
N ARG A 83 6.55 -7.59 16.54
CA ARG A 83 5.91 -6.84 17.61
C ARG A 83 5.26 -7.78 18.61
N HIS A 84 4.56 -8.79 18.11
CA HIS A 84 3.88 -9.77 18.96
C HIS A 84 4.89 -10.68 19.64
N ARG A 85 5.26 -10.34 20.87
CA ARG A 85 6.22 -11.14 21.62
C ARG A 85 5.53 -12.27 22.38
N HIS A 86 6.24 -13.37 22.57
CA HIS A 86 5.69 -14.52 23.29
C HIS A 86 4.46 -15.06 22.56
N SER A 87 4.66 -16.09 21.75
CA SER A 87 3.57 -16.69 20.99
C SER A 87 3.72 -18.21 20.96
N GLU A 88 2.79 -18.90 21.61
CA GLU A 88 2.82 -20.37 21.65
C GLU A 88 1.98 -20.96 20.52
N SER A 89 2.66 -21.57 19.56
CA SER A 89 1.99 -22.17 18.41
C SER A 89 1.23 -23.43 18.83
N GLY A 90 -0.02 -23.53 18.39
CA GLY A 90 -0.83 -24.68 18.73
C GLY A 90 -2.31 -24.45 18.48
N PRO A 91 -2.72 -24.58 17.20
CA PRO A 91 -4.11 -24.39 16.80
C PRO A 91 -5.02 -25.49 17.31
N SER A 92 -4.44 -26.65 17.60
CA SER A 92 -5.20 -27.79 18.10
C SER A 92 -6.31 -28.17 17.11
N SER A 93 -5.90 -28.73 15.97
CA SER A 93 -6.86 -29.13 14.95
C SER A 93 -7.30 -30.58 15.16
N GLY A 94 -6.33 -31.50 15.21
CA GLY A 94 -6.65 -32.90 15.41
C GLY A 94 -5.55 -33.63 16.16
ZN ZN B . 4.28 5.37 -10.37
N GLY A 1 8.13 12.50 11.49
CA GLY A 1 9.04 11.38 11.60
C GLY A 1 10.48 11.80 11.39
N SER A 2 11.41 11.13 12.08
CA SER A 2 12.82 11.44 11.97
C SER A 2 13.66 10.24 12.41
N SER A 3 13.27 9.05 11.97
CA SER A 3 13.99 7.83 12.31
C SER A 3 13.53 6.66 11.45
N GLY A 4 14.28 5.58 11.48
CA GLY A 4 13.93 4.40 10.70
C GLY A 4 12.69 3.70 11.24
N SER A 5 12.60 2.40 10.98
CA SER A 5 11.46 1.62 11.45
C SER A 5 10.15 2.25 10.99
N SER A 6 10.13 2.74 9.75
CA SER A 6 8.95 3.37 9.20
C SER A 6 7.91 2.32 8.79
N GLY A 7 8.33 1.36 7.99
CA GLY A 7 7.42 0.31 7.55
C GLY A 7 6.82 0.60 6.20
N PHE A 8 5.50 0.49 6.10
CA PHE A 8 4.80 0.73 4.84
C PHE A 8 3.57 1.61 5.07
N THR A 9 3.57 2.79 4.47
CA THR A 9 2.45 3.72 4.60
C THR A 9 1.88 4.08 3.24
N CYS A 10 0.55 4.11 3.17
CA CYS A 10 -0.14 4.44 1.92
C CYS A 10 -0.23 5.95 1.73
N PRO A 11 0.18 6.42 0.54
CA PRO A 11 0.15 7.85 0.20
C PRO A 11 -1.26 8.39 0.05
N ILE A 12 -2.23 7.49 0.06
CA ILE A 12 -3.63 7.88 -0.08
C ILE A 12 -4.32 7.94 1.29
N THR A 13 -4.48 6.78 1.92
CA THR A 13 -5.12 6.71 3.23
C THR A 13 -4.23 7.30 4.31
N LYS A 14 -2.94 7.39 4.02
CA LYS A 14 -1.98 7.95 4.97
C LYS A 14 -1.90 7.08 6.23
N GLU A 15 -1.96 5.77 6.04
CA GLU A 15 -1.90 4.84 7.17
C GLU A 15 -1.11 3.58 6.79
N GLU A 16 -0.97 2.68 7.74
CA GLU A 16 -0.25 1.43 7.51
C GLU A 16 -0.93 0.61 6.42
N MET A 17 -0.12 -0.13 5.66
CA MET A 17 -0.65 -0.96 4.59
C MET A 17 -0.58 -2.44 4.96
N LYS A 18 -1.63 -3.18 4.62
CA LYS A 18 -1.70 -4.60 4.94
C LYS A 18 -1.75 -5.43 3.65
N LYS A 19 -2.33 -4.86 2.60
CA LYS A 19 -2.44 -5.54 1.31
C LYS A 19 -1.82 -4.71 0.20
N PRO A 20 -0.49 -4.83 0.05
CA PRO A 20 0.26 -4.09 -0.97
C PRO A 20 -0.04 -4.60 -2.38
N VAL A 21 -0.45 -3.69 -3.25
CA VAL A 21 -0.77 -4.04 -4.63
C VAL A 21 0.15 -3.33 -5.61
N LYS A 22 0.84 -4.10 -6.45
CA LYS A 22 1.76 -3.53 -7.43
C LYS A 22 1.07 -3.39 -8.79
N ASN A 23 1.40 -2.31 -9.49
CA ASN A 23 0.81 -2.04 -10.81
C ASN A 23 1.66 -2.67 -11.91
N LYS A 24 1.01 -3.03 -13.02
CA LYS A 24 1.70 -3.63 -14.15
C LYS A 24 2.24 -2.56 -15.10
N VAL A 25 1.61 -1.38 -15.05
CA VAL A 25 2.03 -0.27 -15.90
C VAL A 25 3.25 0.44 -15.32
N CYS A 26 3.06 1.07 -14.18
CA CYS A 26 4.14 1.79 -13.52
C CYS A 26 5.01 0.84 -12.70
N GLY A 27 4.43 0.29 -11.64
CA GLY A 27 5.17 -0.63 -10.78
C GLY A 27 5.06 -0.28 -9.32
N HIS A 28 4.62 0.95 -9.03
CA HIS A 28 4.47 1.41 -7.66
C HIS A 28 3.60 0.45 -6.86
N THR A 29 3.52 0.68 -5.55
CA THR A 29 2.71 -0.16 -4.67
C THR A 29 1.79 0.68 -3.79
N TYR A 30 0.56 0.20 -3.62
CA TYR A 30 -0.42 0.91 -2.80
C TYR A 30 -1.26 -0.07 -1.99
N GLU A 31 -2.16 0.47 -1.17
CA GLU A 31 -3.01 -0.36 -0.33
C GLU A 31 -4.26 -0.81 -1.10
N GLU A 32 -4.72 -2.02 -0.81
CA GLU A 32 -5.90 -2.56 -1.48
C GLU A 32 -7.08 -1.61 -1.37
N ASP A 33 -7.59 -1.44 -0.15
CA ASP A 33 -8.73 -0.56 0.09
C ASP A 33 -8.48 0.82 -0.52
N ALA A 34 -7.21 1.21 -0.57
CA ALA A 34 -6.84 2.51 -1.13
C ALA A 34 -7.07 2.54 -2.64
N ILE A 35 -6.37 1.68 -3.36
CA ILE A 35 -6.50 1.62 -4.81
C ILE A 35 -7.91 1.21 -5.22
N VAL A 36 -8.62 0.58 -4.30
CA VAL A 36 -9.99 0.12 -4.55
C VAL A 36 -10.99 1.25 -4.31
N ARG A 37 -10.74 2.04 -3.27
CA ARG A 37 -11.63 3.14 -2.93
C ARG A 37 -11.33 4.37 -3.80
N MET A 38 -10.11 4.44 -4.31
CA MET A 38 -9.69 5.55 -5.15
C MET A 38 -10.31 5.44 -6.55
N ILE A 39 -10.09 4.29 -7.19
CA ILE A 39 -10.63 4.06 -8.52
C ILE A 39 -12.15 4.21 -8.54
N GLU A 40 -12.79 3.73 -7.48
CA GLU A 40 -14.25 3.80 -7.39
C GLU A 40 -14.70 5.24 -7.11
N SER A 41 -13.89 5.97 -6.33
CA SER A 41 -14.21 7.35 -6.00
C SER A 41 -13.92 8.28 -7.18
N ARG A 42 -13.03 7.84 -8.06
CA ARG A 42 -12.67 8.62 -9.23
C ARG A 42 -13.70 8.44 -10.36
N GLN A 43 -13.96 7.18 -10.71
CA GLN A 43 -14.91 6.86 -11.76
C GLN A 43 -16.24 7.57 -11.52
N LYS A 44 -16.77 7.44 -10.31
CA LYS A 44 -18.03 8.07 -9.95
C LYS A 44 -17.98 9.57 -10.18
N ARG A 45 -16.76 10.13 -10.15
CA ARG A 45 -16.58 11.56 -10.35
C ARG A 45 -16.05 11.84 -11.76
N LYS A 46 -16.29 10.92 -12.67
CA LYS A 46 -15.83 11.06 -14.05
C LYS A 46 -14.34 11.38 -14.10
N LYS A 47 -13.59 10.80 -13.17
CA LYS A 47 -12.14 11.02 -13.11
C LYS A 47 -11.38 9.76 -13.51
N LYS A 48 -10.06 9.81 -13.38
CA LYS A 48 -9.21 8.68 -13.72
C LYS A 48 -8.21 8.39 -12.62
N ALA A 49 -7.80 7.13 -12.50
CA ALA A 49 -6.84 6.73 -11.49
C ALA A 49 -5.41 7.03 -11.93
N TYR A 50 -4.73 7.88 -11.16
CA TYR A 50 -3.36 8.25 -11.48
C TYR A 50 -2.41 7.90 -10.33
N CYS A 51 -1.14 7.71 -10.66
CA CYS A 51 -0.14 7.38 -9.65
C CYS A 51 -0.20 8.34 -8.47
N PRO A 52 -0.78 7.87 -7.36
CA PRO A 52 -0.92 8.67 -6.13
C PRO A 52 0.43 8.92 -5.45
N GLN A 53 1.43 8.15 -5.86
CA GLN A 53 2.77 8.29 -5.28
C GLN A 53 3.36 9.66 -5.58
N ILE A 54 3.36 10.53 -4.57
CA ILE A 54 3.90 11.88 -4.74
C ILE A 54 5.30 11.85 -5.32
N GLY A 55 5.41 12.15 -6.61
CA GLY A 55 6.70 12.16 -7.27
C GLY A 55 6.65 11.53 -8.64
N CYS A 56 5.62 10.73 -8.88
CA CYS A 56 5.46 10.05 -10.17
C CYS A 56 4.76 10.96 -11.18
N SER A 57 5.03 10.75 -12.45
CA SER A 57 4.42 11.55 -13.52
C SER A 57 3.28 10.80 -14.18
N HIS A 58 3.32 9.47 -14.12
CA HIS A 58 2.29 8.62 -14.70
C HIS A 58 0.90 9.06 -14.23
N THR A 59 -0.11 8.76 -15.04
CA THR A 59 -1.48 9.12 -14.69
C THR A 59 -2.48 8.18 -15.36
N ASP A 60 -2.10 6.91 -15.48
CA ASP A 60 -2.96 5.90 -16.10
C ASP A 60 -2.92 4.60 -15.31
N ILE A 61 -3.93 4.38 -14.47
CA ILE A 61 -4.02 3.17 -13.67
C ILE A 61 -5.35 2.47 -13.87
N ARG A 62 -5.31 1.16 -14.09
CA ARG A 62 -6.51 0.37 -14.30
C ARG A 62 -6.58 -0.78 -13.30
N LYS A 63 -7.78 -1.04 -12.79
CA LYS A 63 -7.98 -2.11 -11.83
C LYS A 63 -7.51 -3.46 -12.39
N SER A 64 -7.51 -3.56 -13.72
CA SER A 64 -7.08 -4.79 -14.39
C SER A 64 -5.56 -4.92 -14.33
N ASP A 65 -4.88 -3.80 -14.18
CA ASP A 65 -3.42 -3.80 -14.11
C ASP A 65 -2.94 -3.82 -12.67
N LEU A 66 -3.78 -4.33 -11.78
CA LEU A 66 -3.44 -4.41 -10.37
C LEU A 66 -3.21 -5.86 -9.94
N ILE A 67 -2.12 -6.09 -9.22
CA ILE A 67 -1.80 -7.43 -8.75
C ILE A 67 -1.35 -7.40 -7.28
N GLN A 68 -1.37 -8.58 -6.65
CA GLN A 68 -0.97 -8.68 -5.25
C GLN A 68 0.51 -9.03 -5.13
N ASP A 69 1.26 -8.15 -4.49
CA ASP A 69 2.69 -8.35 -4.30
C ASP A 69 2.96 -9.22 -3.07
N GLU A 70 3.42 -10.45 -3.29
CA GLU A 70 3.71 -11.36 -2.21
C GLU A 70 5.00 -10.97 -1.49
N ALA A 71 6.02 -10.64 -2.28
CA ALA A 71 7.31 -10.24 -1.72
C ALA A 71 7.14 -9.13 -0.69
N LEU A 72 6.11 -8.31 -0.87
CA LEU A 72 5.83 -7.21 0.05
C LEU A 72 4.88 -7.64 1.16
N ARG A 73 3.88 -8.44 0.79
CA ARG A 73 2.91 -8.93 1.76
C ARG A 73 3.60 -9.60 2.95
N ARG A 74 4.52 -10.51 2.64
CA ARG A 74 5.25 -11.23 3.68
C ARG A 74 6.16 -10.28 4.46
N ALA A 75 6.65 -9.25 3.78
CA ALA A 75 7.54 -8.28 4.41
C ALA A 75 6.83 -7.56 5.56
N ILE A 76 5.70 -6.93 5.26
CA ILE A 76 4.93 -6.22 6.26
C ILE A 76 4.55 -7.13 7.42
N GLU A 77 4.12 -8.35 7.09
CA GLU A 77 3.74 -9.32 8.11
C GLU A 77 4.89 -9.60 9.06
N ASN A 78 6.12 -9.42 8.58
CA ASN A 78 7.30 -9.65 9.40
C ASN A 78 7.49 -8.52 10.41
N HIS A 79 6.98 -7.34 10.08
CA HIS A 79 7.09 -6.19 10.96
C HIS A 79 5.99 -6.19 12.01
N ASN A 80 4.83 -6.74 11.65
CA ASN A 80 3.70 -6.81 12.56
C ASN A 80 3.83 -7.99 13.52
N LYS A 81 4.18 -9.15 12.96
CA LYS A 81 4.34 -10.36 13.76
C LYS A 81 5.38 -10.15 14.86
N LYS A 82 6.32 -9.25 14.61
CA LYS A 82 7.36 -8.94 15.58
C LYS A 82 6.83 -8.06 16.72
N ARG A 83 5.82 -7.26 16.40
CA ARG A 83 5.21 -6.37 17.38
C ARG A 83 6.28 -5.50 18.06
N HIS A 84 7.16 -4.93 17.25
CA HIS A 84 8.22 -4.06 17.77
C HIS A 84 7.71 -2.66 18.04
N ARG A 85 7.89 -2.20 19.27
CA ARG A 85 7.44 -0.86 19.65
C ARG A 85 5.93 -0.70 19.42
N HIS A 86 5.14 -1.26 20.33
CA HIS A 86 3.69 -1.19 20.23
C HIS A 86 3.04 -1.14 21.61
N SER A 87 3.17 -2.25 22.35
CA SER A 87 2.59 -2.35 23.68
C SER A 87 3.10 -3.59 24.41
N GLU A 88 4.41 -3.78 24.37
CA GLU A 88 5.03 -4.94 25.02
C GLU A 88 4.63 -5.00 26.49
N SER A 89 4.87 -6.16 27.11
CA SER A 89 4.54 -6.36 28.51
C SER A 89 5.66 -7.10 29.24
N GLY A 90 6.02 -6.60 30.41
CA GLY A 90 7.07 -7.23 31.19
C GLY A 90 8.40 -7.25 30.47
N PRO A 91 9.46 -7.64 31.17
CA PRO A 91 10.82 -7.71 30.61
C PRO A 91 10.96 -8.82 29.57
N SER A 92 11.55 -8.49 28.43
CA SER A 92 11.75 -9.47 27.37
C SER A 92 13.23 -9.60 27.02
N SER A 93 13.57 -10.65 26.27
CA SER A 93 14.95 -10.90 25.87
C SER A 93 15.03 -11.20 24.37
N GLY A 94 15.52 -10.22 23.61
CA GLY A 94 15.64 -10.39 22.17
C GLY A 94 17.08 -10.62 21.74
ZN ZN B . 4.20 5.47 -10.28
N GLY A 1 12.76 17.22 11.25
CA GLY A 1 12.57 15.87 10.77
C GLY A 1 12.71 14.83 11.87
N SER A 2 13.89 14.22 11.96
CA SER A 2 14.14 13.20 12.97
C SER A 2 13.07 12.12 12.94
N SER A 3 12.66 11.74 11.74
CA SER A 3 11.64 10.71 11.57
C SER A 3 11.90 9.88 10.32
N GLY A 4 12.47 8.70 10.51
CA GLY A 4 12.76 7.82 9.40
C GLY A 4 12.25 6.41 9.62
N SER A 5 10.95 6.28 9.78
CA SER A 5 10.34 4.98 10.00
C SER A 5 10.75 3.99 8.92
N SER A 6 10.70 2.70 9.25
CA SER A 6 11.08 1.66 8.31
C SER A 6 9.91 0.68 8.08
N GLY A 7 8.83 1.19 7.52
CA GLY A 7 7.67 0.36 7.27
C GLY A 7 7.02 0.65 5.93
N PHE A 8 5.70 0.58 5.87
CA PHE A 8 4.97 0.84 4.64
C PHE A 8 3.72 1.67 4.92
N THR A 9 3.66 2.85 4.32
CA THR A 9 2.51 3.74 4.50
C THR A 9 1.87 4.08 3.16
N CYS A 10 0.54 4.07 3.14
CA CYS A 10 -0.20 4.38 1.92
C CYS A 10 -0.30 5.88 1.71
N PRO A 11 0.06 6.34 0.49
CA PRO A 11 0.02 7.76 0.14
C PRO A 11 -1.42 8.29 0.04
N ILE A 12 -2.38 7.39 0.11
CA ILE A 12 -3.79 7.78 0.02
C ILE A 12 -4.44 7.80 1.40
N THR A 13 -4.49 6.62 2.04
CA THR A 13 -5.09 6.51 3.37
C THR A 13 -4.18 7.12 4.43
N LYS A 14 -2.89 7.24 4.11
CA LYS A 14 -1.92 7.82 5.04
C LYS A 14 -1.80 6.96 6.29
N GLU A 15 -1.76 5.65 6.10
CA GLU A 15 -1.64 4.72 7.23
C GLU A 15 -0.96 3.42 6.79
N GLU A 16 -0.62 2.59 7.77
CA GLU A 16 0.04 1.32 7.48
C GLU A 16 -0.76 0.51 6.46
N MET A 17 -0.05 -0.22 5.61
CA MET A 17 -0.68 -1.04 4.59
C MET A 17 -0.69 -2.51 4.99
N LYS A 18 -1.74 -3.22 4.60
CA LYS A 18 -1.87 -4.64 4.92
C LYS A 18 -1.93 -5.48 3.65
N LYS A 19 -2.48 -4.90 2.59
CA LYS A 19 -2.60 -5.59 1.31
C LYS A 19 -1.93 -4.79 0.19
N PRO A 20 -0.60 -4.95 0.08
CA PRO A 20 0.19 -4.26 -0.94
C PRO A 20 -0.09 -4.77 -2.34
N VAL A 21 -0.49 -3.87 -3.24
CA VAL A 21 -0.79 -4.24 -4.61
C VAL A 21 0.14 -3.53 -5.60
N LYS A 22 0.82 -4.31 -6.42
CA LYS A 22 1.74 -3.75 -7.41
C LYS A 22 1.07 -3.60 -8.76
N ASN A 23 1.43 -2.54 -9.48
CA ASN A 23 0.85 -2.27 -10.79
C ASN A 23 1.69 -2.90 -11.89
N LYS A 24 1.06 -3.20 -13.02
CA LYS A 24 1.75 -3.80 -14.16
C LYS A 24 2.30 -2.73 -15.09
N VAL A 25 1.69 -1.55 -15.05
CA VAL A 25 2.13 -0.45 -15.89
C VAL A 25 3.34 0.27 -15.29
N CYS A 26 3.14 0.90 -14.14
CA CYS A 26 4.20 1.61 -13.46
C CYS A 26 5.07 0.65 -12.64
N GLY A 27 4.48 0.09 -11.59
CA GLY A 27 5.20 -0.84 -10.75
C GLY A 27 5.10 -0.48 -9.28
N HIS A 28 4.63 0.73 -8.99
CA HIS A 28 4.49 1.19 -7.61
C HIS A 28 3.63 0.23 -6.81
N THR A 29 3.48 0.51 -5.52
CA THR A 29 2.69 -0.33 -4.63
C THR A 29 1.75 0.50 -3.77
N TYR A 30 0.52 0.03 -3.62
CA TYR A 30 -0.48 0.74 -2.83
C TYR A 30 -1.33 -0.23 -2.02
N GLU A 31 -2.24 0.30 -1.22
CA GLU A 31 -3.12 -0.52 -0.40
C GLU A 31 -4.36 -0.95 -1.18
N GLU A 32 -4.85 -2.15 -0.91
CA GLU A 32 -6.03 -2.67 -1.59
C GLU A 32 -7.20 -1.71 -1.46
N ASP A 33 -7.71 -1.56 -0.25
CA ASP A 33 -8.84 -0.66 0.01
C ASP A 33 -8.57 0.72 -0.58
N ALA A 34 -7.30 1.11 -0.62
CA ALA A 34 -6.91 2.40 -1.16
C ALA A 34 -7.13 2.47 -2.67
N ILE A 35 -6.43 1.61 -3.40
CA ILE A 35 -6.56 1.57 -4.85
C ILE A 35 -7.97 1.17 -5.27
N VAL A 36 -8.70 0.55 -4.36
CA VAL A 36 -10.06 0.11 -4.63
C VAL A 36 -11.06 1.24 -4.37
N ARG A 37 -10.82 2.00 -3.31
CA ARG A 37 -11.69 3.11 -2.95
C ARG A 37 -11.38 4.34 -3.81
N MET A 38 -10.15 4.42 -4.30
CA MET A 38 -9.73 5.54 -5.12
C MET A 38 -10.34 5.44 -6.53
N ILE A 39 -10.01 4.35 -7.22
CA ILE A 39 -10.52 4.14 -8.57
C ILE A 39 -12.04 4.28 -8.61
N GLU A 40 -12.70 3.93 -7.51
CA GLU A 40 -14.15 4.02 -7.43
C GLU A 40 -14.59 5.46 -7.17
N SER A 41 -13.88 6.14 -6.27
CA SER A 41 -14.20 7.53 -5.94
C SER A 41 -13.96 8.44 -7.13
N ARG A 42 -12.91 8.14 -7.89
CA ARG A 42 -12.56 8.94 -9.06
C ARG A 42 -13.64 8.83 -10.14
N GLN A 43 -13.98 7.60 -10.50
CA GLN A 43 -14.99 7.35 -11.51
C GLN A 43 -16.28 8.12 -11.20
N LYS A 44 -16.62 8.19 -9.92
CA LYS A 44 -17.83 8.89 -9.49
C LYS A 44 -17.77 10.36 -9.89
N ARG A 45 -16.56 10.93 -9.88
CA ARG A 45 -16.37 12.32 -10.24
C ARG A 45 -15.84 12.45 -11.67
N LYS A 46 -16.13 11.45 -12.49
CA LYS A 46 -15.69 11.45 -13.88
C LYS A 46 -14.17 11.63 -13.97
N LYS A 47 -13.46 11.10 -12.98
CA LYS A 47 -12.01 11.20 -12.95
C LYS A 47 -11.35 9.87 -13.27
N LYS A 48 -10.03 9.83 -13.23
CA LYS A 48 -9.28 8.61 -13.52
C LYS A 48 -8.29 8.31 -12.40
N ALA A 49 -7.77 7.08 -12.40
CA ALA A 49 -6.80 6.67 -11.40
C ALA A 49 -5.38 6.92 -11.85
N TYR A 50 -4.67 7.79 -11.13
CA TYR A 50 -3.30 8.12 -11.46
C TYR A 50 -2.36 7.76 -10.31
N CYS A 51 -1.08 7.57 -10.64
CA CYS A 51 -0.08 7.23 -9.65
C CYS A 51 -0.12 8.20 -8.46
N PRO A 52 -0.71 7.74 -7.34
CA PRO A 52 -0.83 8.56 -6.13
C PRO A 52 0.51 8.79 -5.45
N GLN A 53 1.51 8.01 -5.84
CA GLN A 53 2.85 8.14 -5.27
C GLN A 53 3.46 9.49 -5.61
N ILE A 54 3.49 10.38 -4.61
CA ILE A 54 4.06 11.71 -4.80
C ILE A 54 5.45 11.64 -5.42
N GLY A 55 5.54 11.97 -6.70
CA GLY A 55 6.82 11.94 -7.39
C GLY A 55 6.73 11.31 -8.76
N CYS A 56 5.69 10.50 -8.97
CA CYS A 56 5.50 9.83 -10.25
C CYS A 56 4.77 10.73 -11.23
N SER A 57 5.05 10.55 -12.51
CA SER A 57 4.43 11.35 -13.56
C SER A 57 3.28 10.59 -14.22
N HIS A 58 3.36 9.27 -14.17
CA HIS A 58 2.32 8.42 -14.76
C HIS A 58 0.94 8.83 -14.26
N THR A 59 -0.08 8.54 -15.07
CA THR A 59 -1.46 8.88 -14.72
C THR A 59 -2.44 7.94 -15.38
N ASP A 60 -2.07 6.67 -15.47
CA ASP A 60 -2.94 5.66 -16.09
C ASP A 60 -2.92 4.36 -15.28
N ILE A 61 -3.97 4.18 -14.47
CA ILE A 61 -4.07 2.99 -13.65
C ILE A 61 -5.41 2.29 -13.86
N ARG A 62 -5.37 0.99 -14.11
CA ARG A 62 -6.57 0.20 -14.33
C ARG A 62 -6.66 -0.97 -13.35
N LYS A 63 -7.86 -1.26 -12.88
CA LYS A 63 -8.09 -2.35 -11.94
C LYS A 63 -7.55 -3.66 -12.51
N SER A 64 -7.50 -3.75 -13.83
CA SER A 64 -7.02 -4.96 -14.49
C SER A 64 -5.51 -5.07 -14.39
N ASP A 65 -4.84 -3.92 -14.24
CA ASP A 65 -3.39 -3.89 -14.12
C ASP A 65 -2.96 -3.86 -12.66
N LEU A 66 -3.81 -4.39 -11.78
CA LEU A 66 -3.52 -4.43 -10.36
C LEU A 66 -3.33 -5.86 -9.88
N ILE A 67 -2.16 -6.14 -9.32
CA ILE A 67 -1.86 -7.48 -8.81
C ILE A 67 -1.40 -7.42 -7.35
N GLN A 68 -1.41 -8.57 -6.69
CA GLN A 68 -0.99 -8.66 -5.30
C GLN A 68 0.49 -9.00 -5.19
N ASP A 69 1.23 -8.18 -4.46
CA ASP A 69 2.66 -8.39 -4.27
C ASP A 69 2.92 -9.28 -3.05
N GLU A 70 3.61 -10.39 -3.27
CA GLU A 70 3.93 -11.33 -2.20
C GLU A 70 5.19 -10.89 -1.45
N ALA A 71 6.20 -10.46 -2.21
CA ALA A 71 7.45 -10.01 -1.63
C ALA A 71 7.22 -8.92 -0.58
N LEU A 72 6.24 -8.06 -0.85
CA LEU A 72 5.92 -6.97 0.06
C LEU A 72 4.96 -7.44 1.16
N ARG A 73 4.01 -8.28 0.78
CA ARG A 73 3.04 -8.81 1.72
C ARG A 73 3.73 -9.47 2.91
N ARG A 74 4.64 -10.38 2.63
CA ARG A 74 5.38 -11.08 3.68
C ARG A 74 6.22 -10.10 4.50
N ALA A 75 6.78 -9.10 3.83
CA ALA A 75 7.60 -8.09 4.49
C ALA A 75 6.85 -7.45 5.65
N ILE A 76 5.72 -6.84 5.34
CA ILE A 76 4.90 -6.18 6.36
C ILE A 76 4.53 -7.15 7.48
N GLU A 77 4.42 -8.43 7.13
CA GLU A 77 4.07 -9.46 8.11
C GLU A 77 5.27 -9.78 8.99
N ASN A 78 6.47 -9.63 8.44
CA ASN A 78 7.69 -9.92 9.18
C ASN A 78 7.95 -8.84 10.23
N HIS A 79 7.45 -7.64 9.97
CA HIS A 79 7.63 -6.52 10.88
C HIS A 79 6.48 -6.45 11.89
N ASN A 80 5.32 -6.94 11.48
CA ASN A 80 4.14 -6.93 12.35
C ASN A 80 4.34 -7.85 13.54
N LYS A 81 5.03 -8.97 13.31
CA LYS A 81 5.29 -9.93 14.37
C LYS A 81 5.95 -9.26 15.58
N LYS A 82 6.70 -8.20 15.31
CA LYS A 82 7.39 -7.47 16.37
C LYS A 82 6.40 -6.99 17.42
N ARG A 83 5.22 -6.59 16.98
CA ARG A 83 4.18 -6.11 17.89
C ARG A 83 3.09 -7.16 18.09
N HIS A 84 2.95 -7.63 19.32
CA HIS A 84 1.96 -8.64 19.64
C HIS A 84 0.54 -8.13 19.32
N ARG A 85 -0.43 -9.01 19.47
CA ARG A 85 -1.82 -8.66 19.19
C ARG A 85 -2.52 -8.17 20.46
N HIS A 86 -2.05 -8.63 21.61
CA HIS A 86 -2.63 -8.23 22.88
C HIS A 86 -2.38 -6.75 23.15
N SER A 87 -3.41 -5.93 22.91
CA SER A 87 -3.31 -4.49 23.11
C SER A 87 -3.08 -4.17 24.60
N GLU A 88 -2.32 -3.12 24.85
CA GLU A 88 -2.03 -2.71 26.22
C GLU A 88 -2.76 -1.41 26.56
N SER A 89 -4.07 -1.52 26.78
CA SER A 89 -4.89 -0.35 27.11
C SER A 89 -4.82 0.70 26.01
N GLY A 90 -5.80 0.67 25.11
CA GLY A 90 -5.83 1.62 24.02
C GLY A 90 -7.20 2.25 23.83
N PRO A 91 -7.28 3.23 22.92
CA PRO A 91 -8.54 3.93 22.63
C PRO A 91 -9.55 3.03 21.91
N SER A 92 -9.05 2.11 21.11
CA SER A 92 -9.91 1.19 20.37
C SER A 92 -10.67 0.27 21.32
N SER A 93 -11.79 -0.27 20.84
CA SER A 93 -12.61 -1.16 21.65
C SER A 93 -13.35 -2.17 20.76
N GLY A 94 -13.03 -3.45 20.93
CA GLY A 94 -13.66 -4.48 20.15
C GLY A 94 -12.77 -5.70 19.95
ZN ZN B . 4.21 5.25 -10.20
N GLY A 1 0.22 2.30 21.73
CA GLY A 1 0.37 1.52 20.51
C GLY A 1 1.05 2.31 19.41
N SER A 2 2.01 3.15 19.78
CA SER A 2 2.74 3.96 18.82
C SER A 2 3.59 3.09 17.90
N SER A 3 4.00 3.65 16.77
CA SER A 3 4.82 2.92 15.81
C SER A 3 5.81 3.85 15.13
N GLY A 4 7.10 3.60 15.36
CA GLY A 4 8.14 4.43 14.77
C GLY A 4 9.29 3.61 14.23
N SER A 5 9.03 2.86 13.16
CA SER A 5 10.04 2.02 12.53
C SER A 5 9.80 1.87 11.04
N SER A 6 10.70 1.20 10.36
CA SER A 6 10.59 0.99 8.91
C SER A 6 9.44 0.03 8.59
N GLY A 7 8.38 0.55 7.99
CA GLY A 7 7.24 -0.26 7.64
C GLY A 7 6.66 0.09 6.30
N PHE A 8 5.34 0.06 6.19
CA PHE A 8 4.65 0.38 4.94
C PHE A 8 3.44 1.27 5.20
N THR A 9 3.46 2.47 4.64
CA THR A 9 2.36 3.41 4.81
C THR A 9 1.78 3.83 3.46
N CYS A 10 0.46 3.84 3.37
CA CYS A 10 -0.23 4.22 2.13
C CYS A 10 -0.30 5.73 2.00
N PRO A 11 0.11 6.25 0.83
CA PRO A 11 0.09 7.69 0.55
C PRO A 11 -1.32 8.24 0.41
N ILE A 12 -2.30 7.33 0.33
CA ILE A 12 -3.69 7.74 0.20
C ILE A 12 -4.39 7.74 1.55
N THR A 13 -4.53 6.56 2.15
CA THR A 13 -5.18 6.43 3.45
C THR A 13 -4.31 7.02 4.55
N LYS A 14 -3.01 7.12 4.29
CA LYS A 14 -2.08 7.67 5.27
C LYS A 14 -2.02 6.78 6.51
N GLU A 15 -1.98 5.47 6.31
CA GLU A 15 -1.93 4.53 7.42
C GLU A 15 -1.24 3.23 6.99
N GLU A 16 -0.97 2.36 7.96
CA GLU A 16 -0.32 1.09 7.69
C GLU A 16 -1.07 0.31 6.61
N MET A 17 -0.32 -0.45 5.81
CA MET A 17 -0.92 -1.24 4.74
C MET A 17 -0.91 -2.72 5.09
N LYS A 18 -1.94 -3.43 4.64
CA LYS A 18 -2.06 -4.86 4.91
C LYS A 18 -2.08 -5.66 3.61
N LYS A 19 -2.63 -5.07 2.56
CA LYS A 19 -2.71 -5.72 1.26
C LYS A 19 -2.07 -4.86 0.18
N PRO A 20 -0.73 -4.97 0.07
CA PRO A 20 0.04 -4.20 -0.92
C PRO A 20 -0.21 -4.69 -2.34
N VAL A 21 -0.55 -3.75 -3.23
CA VAL A 21 -0.81 -4.08 -4.63
C VAL A 21 0.10 -3.29 -5.56
N LYS A 22 0.83 -4.01 -6.41
CA LYS A 22 1.74 -3.39 -7.36
C LYS A 22 1.10 -3.27 -8.73
N ASN A 23 1.46 -2.21 -9.46
CA ASN A 23 0.92 -1.97 -10.80
C ASN A 23 1.92 -2.38 -11.87
N LYS A 24 1.51 -3.30 -12.74
CA LYS A 24 2.39 -3.76 -13.82
C LYS A 24 2.74 -2.62 -14.76
N VAL A 25 1.90 -1.59 -14.78
CA VAL A 25 2.13 -0.44 -15.63
C VAL A 25 3.33 0.37 -15.16
N CYS A 26 3.19 0.98 -13.98
CA CYS A 26 4.27 1.78 -13.40
C CYS A 26 5.20 0.92 -12.55
N GLY A 27 4.65 0.33 -11.50
CA GLY A 27 5.44 -0.51 -10.62
C GLY A 27 5.25 -0.17 -9.16
N HIS A 28 4.74 1.04 -8.90
CA HIS A 28 4.51 1.48 -7.53
C HIS A 28 3.60 0.52 -6.78
N THR A 29 3.48 0.70 -5.47
CA THR A 29 2.65 -0.15 -4.64
C THR A 29 1.72 0.68 -3.76
N TYR A 30 0.50 0.18 -3.57
CA TYR A 30 -0.49 0.88 -2.75
C TYR A 30 -1.35 -0.12 -1.96
N GLU A 31 -2.24 0.40 -1.14
CA GLU A 31 -3.12 -0.44 -0.33
C GLU A 31 -4.35 -0.85 -1.12
N GLU A 32 -4.83 -2.06 -0.86
CA GLU A 32 -6.01 -2.58 -1.55
C GLU A 32 -7.18 -1.62 -1.42
N ASP A 33 -7.70 -1.48 -0.21
CA ASP A 33 -8.83 -0.59 0.04
C ASP A 33 -8.57 0.79 -0.53
N ALA A 34 -7.30 1.19 -0.57
CA ALA A 34 -6.91 2.49 -1.09
C ALA A 34 -7.13 2.56 -2.60
N ILE A 35 -6.42 1.70 -3.34
CA ILE A 35 -6.55 1.68 -4.79
C ILE A 35 -7.96 1.29 -5.22
N VAL A 36 -8.68 0.64 -4.31
CA VAL A 36 -10.05 0.20 -4.58
C VAL A 36 -11.04 1.33 -4.32
N ARG A 37 -10.80 2.09 -3.27
CA ARG A 37 -11.68 3.20 -2.91
C ARG A 37 -11.36 4.44 -3.75
N MET A 38 -10.13 4.51 -4.25
CA MET A 38 -9.71 5.65 -5.07
C MET A 38 -10.32 5.57 -6.46
N ILE A 39 -10.08 4.44 -7.14
CA ILE A 39 -10.61 4.25 -8.48
C ILE A 39 -12.13 4.42 -8.51
N GLU A 40 -12.81 3.77 -7.58
CA GLU A 40 -14.26 3.86 -7.49
C GLU A 40 -14.71 5.30 -7.25
N SER A 41 -13.93 6.02 -6.46
CA SER A 41 -14.25 7.41 -6.14
C SER A 41 -13.91 8.32 -7.31
N ARG A 42 -12.99 7.89 -8.17
CA ARG A 42 -12.59 8.66 -9.33
C ARG A 42 -13.58 8.49 -10.48
N GLN A 43 -13.82 7.23 -10.85
CA GLN A 43 -14.75 6.93 -11.94
C GLN A 43 -16.10 7.61 -11.71
N LYS A 44 -16.65 7.44 -10.51
CA LYS A 44 -17.93 8.04 -10.16
C LYS A 44 -17.89 9.55 -10.36
N ARG A 45 -16.69 10.12 -10.29
CA ARG A 45 -16.53 11.56 -10.45
C ARG A 45 -15.96 11.89 -11.83
N LYS A 46 -16.17 10.99 -12.78
CA LYS A 46 -15.68 11.18 -14.14
C LYS A 46 -14.19 11.50 -14.13
N LYS A 47 -13.44 10.78 -13.31
CA LYS A 47 -12.00 10.98 -13.21
C LYS A 47 -11.24 9.71 -13.60
N LYS A 48 -9.92 9.74 -13.45
CA LYS A 48 -9.08 8.60 -13.77
C LYS A 48 -8.08 8.33 -12.65
N ALA A 49 -7.73 7.05 -12.48
CA ALA A 49 -6.78 6.66 -11.44
C ALA A 49 -5.34 6.98 -11.87
N TYR A 50 -4.68 7.84 -11.11
CA TYR A 50 -3.31 8.23 -11.42
C TYR A 50 -2.38 7.90 -10.25
N CYS A 51 -1.10 7.72 -10.56
CA CYS A 51 -0.11 7.40 -9.54
C CYS A 51 -0.19 8.38 -8.37
N PRO A 52 -0.78 7.93 -7.25
CA PRO A 52 -0.94 8.75 -6.05
C PRO A 52 0.39 9.02 -5.35
N GLN A 53 1.41 8.25 -5.73
CA GLN A 53 2.74 8.40 -5.14
C GLN A 53 3.33 9.77 -5.47
N ILE A 54 3.30 10.67 -4.49
CA ILE A 54 3.82 12.01 -4.67
C ILE A 54 5.25 11.98 -5.23
N GLY A 55 5.38 12.27 -6.51
CA GLY A 55 6.69 12.27 -7.14
C GLY A 55 6.68 11.61 -8.51
N CYS A 56 5.65 10.80 -8.76
CA CYS A 56 5.52 10.11 -10.04
C CYS A 56 4.83 10.99 -11.08
N SER A 57 5.10 10.73 -12.35
CA SER A 57 4.51 11.51 -13.43
C SER A 57 3.37 10.73 -14.09
N HIS A 58 3.43 9.41 -13.99
CA HIS A 58 2.40 8.56 -14.58
C HIS A 58 1.01 8.97 -14.09
N THR A 59 -0.01 8.68 -14.89
CA THR A 59 -1.38 9.02 -14.55
C THR A 59 -2.36 8.08 -15.24
N ASP A 60 -2.00 6.82 -15.36
CA ASP A 60 -2.85 5.82 -15.99
C ASP A 60 -2.83 4.51 -15.22
N ILE A 61 -3.85 4.30 -14.40
CA ILE A 61 -3.95 3.07 -13.60
C ILE A 61 -5.28 2.38 -13.82
N ARG A 62 -5.24 1.07 -14.04
CA ARG A 62 -6.44 0.29 -14.26
C ARG A 62 -6.54 -0.86 -13.25
N LYS A 63 -7.75 -1.13 -12.80
CA LYS A 63 -7.99 -2.20 -11.83
C LYS A 63 -7.47 -3.53 -12.36
N SER A 64 -7.40 -3.65 -13.68
CA SER A 64 -6.92 -4.89 -14.31
C SER A 64 -5.42 -5.02 -14.13
N ASP A 65 -4.74 -3.91 -13.90
CA ASP A 65 -3.30 -3.91 -13.73
C ASP A 65 -2.93 -3.94 -12.23
N LEU A 66 -3.85 -4.46 -11.43
CA LEU A 66 -3.64 -4.56 -9.99
C LEU A 66 -3.34 -6.00 -9.58
N ILE A 67 -2.17 -6.20 -8.99
CA ILE A 67 -1.75 -7.54 -8.55
C ILE A 67 -1.29 -7.51 -7.10
N GLN A 68 -1.43 -8.64 -6.43
CA GLN A 68 -1.01 -8.76 -5.03
C GLN A 68 0.44 -9.17 -4.92
N ASP A 69 1.30 -8.20 -4.62
CA ASP A 69 2.73 -8.45 -4.48
C ASP A 69 3.02 -9.29 -3.24
N GLU A 70 3.47 -10.51 -3.45
CA GLU A 70 3.77 -11.41 -2.34
C GLU A 70 5.08 -11.00 -1.66
N ALA A 71 6.07 -10.61 -2.46
CA ALA A 71 7.36 -10.19 -1.94
C ALA A 71 7.20 -9.07 -0.92
N LEU A 72 6.15 -8.27 -1.08
CA LEU A 72 5.88 -7.16 -0.16
C LEU A 72 4.97 -7.60 0.97
N ARG A 73 3.99 -8.43 0.65
CA ARG A 73 3.05 -8.92 1.65
C ARG A 73 3.78 -9.61 2.80
N ARG A 74 4.70 -10.50 2.46
CA ARG A 74 5.48 -11.22 3.46
C ARG A 74 6.37 -10.27 4.25
N ALA A 75 6.74 -9.15 3.62
CA ALA A 75 7.59 -8.16 4.27
C ALA A 75 6.89 -7.53 5.47
N ILE A 76 5.69 -7.01 5.23
CA ILE A 76 4.92 -6.38 6.30
C ILE A 76 4.76 -7.31 7.49
N GLU A 77 4.66 -8.61 7.21
CA GLU A 77 4.51 -9.60 8.27
C GLU A 77 5.86 -9.93 8.90
N ASN A 78 6.93 -9.78 8.13
CA ASN A 78 8.27 -10.06 8.61
C ASN A 78 8.68 -9.04 9.68
N HIS A 79 8.11 -7.85 9.61
CA HIS A 79 8.42 -6.79 10.56
C HIS A 79 7.46 -6.82 11.74
N ASN A 80 6.24 -7.31 11.49
CA ASN A 80 5.23 -7.41 12.54
C ASN A 80 5.46 -8.63 13.42
N LYS A 81 5.82 -9.74 12.79
CA LYS A 81 6.08 -10.99 13.51
C LYS A 81 7.20 -10.80 14.53
N LYS A 82 8.11 -9.88 14.24
CA LYS A 82 9.23 -9.61 15.14
C LYS A 82 8.75 -8.92 16.42
N ARG A 83 7.72 -8.09 16.27
CA ARG A 83 7.17 -7.37 17.42
C ARG A 83 8.25 -6.53 18.10
N HIS A 84 8.63 -5.43 17.45
CA HIS A 84 9.65 -4.54 18.00
C HIS A 84 9.22 -3.99 19.35
N ARG A 85 9.85 -4.47 20.41
CA ARG A 85 9.53 -4.02 21.76
C ARG A 85 10.59 -4.48 22.75
N HIS A 86 11.16 -3.52 23.49
CA HIS A 86 12.19 -3.83 24.47
C HIS A 86 11.78 -3.34 25.85
N SER A 87 12.48 -3.82 26.88
CA SER A 87 12.18 -3.44 28.26
C SER A 87 13.25 -2.48 28.79
N GLU A 88 14.49 -2.68 28.34
CA GLU A 88 15.61 -1.84 28.78
C GLU A 88 15.59 -0.50 28.05
N SER A 89 15.83 -0.54 26.74
CA SER A 89 15.85 0.67 25.94
C SER A 89 14.72 0.66 24.91
N GLY A 90 13.72 1.50 25.13
CA GLY A 90 12.59 1.58 24.22
C GLY A 90 12.89 2.41 22.99
N PRO A 91 11.87 2.59 22.13
CA PRO A 91 12.01 3.38 20.90
C PRO A 91 12.19 4.86 21.17
N SER A 92 13.41 5.36 20.98
CA SER A 92 13.71 6.76 21.20
C SER A 92 13.14 7.63 20.09
N SER A 93 11.97 8.22 20.33
CA SER A 93 11.33 9.08 19.34
C SER A 93 10.52 10.18 20.02
N GLY A 94 9.43 9.79 20.67
CA GLY A 94 8.58 10.76 21.35
C GLY A 94 7.11 10.55 21.05
ZN ZN B . 4.24 5.51 -10.25
N GLY A 1 9.12 19.04 5.26
CA GLY A 1 9.99 17.92 4.92
C GLY A 1 9.92 16.81 5.95
N SER A 2 9.67 15.59 5.48
CA SER A 2 9.58 14.44 6.37
C SER A 2 9.70 13.14 5.58
N SER A 3 10.75 12.38 5.85
CA SER A 3 10.99 11.12 5.17
C SER A 3 11.97 10.26 5.94
N GLY A 4 11.56 9.03 6.25
CA GLY A 4 12.42 8.12 6.99
C GLY A 4 12.27 6.68 6.53
N SER A 5 12.13 5.77 7.49
CA SER A 5 11.98 4.35 7.18
C SER A 5 11.54 3.56 8.41
N SER A 6 10.38 2.93 8.31
CA SER A 6 9.85 2.15 9.43
C SER A 6 9.15 0.88 8.91
N GLY A 7 8.04 1.07 8.21
CA GLY A 7 7.30 -0.06 7.68
C GLY A 7 6.70 0.24 6.31
N PHE A 8 5.39 0.10 6.20
CA PHE A 8 4.69 0.35 4.94
C PHE A 8 3.45 1.21 5.17
N THR A 9 3.46 2.41 4.59
CA THR A 9 2.34 3.32 4.74
C THR A 9 1.78 3.71 3.37
N CYS A 10 0.46 3.85 3.30
CA CYS A 10 -0.21 4.21 2.05
C CYS A 10 -0.27 5.73 1.89
N PRO A 11 0.15 6.22 0.72
CA PRO A 11 0.16 7.65 0.41
C PRO A 11 -1.25 8.22 0.26
N ILE A 12 -2.24 7.33 0.20
CA ILE A 12 -3.63 7.74 0.05
C ILE A 12 -4.33 7.80 1.40
N THR A 13 -4.51 6.63 2.01
CA THR A 13 -5.18 6.55 3.31
C THR A 13 -4.29 7.13 4.41
N LYS A 14 -3.00 7.21 4.14
CA LYS A 14 -2.05 7.76 5.10
C LYS A 14 -1.98 6.87 6.34
N GLU A 15 -2.05 5.56 6.14
CA GLU A 15 -1.99 4.61 7.24
C GLU A 15 -1.22 3.36 6.84
N GLU A 16 -1.23 2.36 7.72
CA GLU A 16 -0.52 1.11 7.47
C GLU A 16 -1.20 0.33 6.35
N MET A 17 -0.40 -0.42 5.59
CA MET A 17 -0.93 -1.21 4.48
C MET A 17 -0.92 -2.70 4.83
N LYS A 18 -2.08 -3.33 4.73
CA LYS A 18 -2.22 -4.75 5.03
C LYS A 18 -2.25 -5.57 3.75
N LYS A 19 -2.80 -5.01 2.69
CA LYS A 19 -2.89 -5.68 1.41
C LYS A 19 -2.24 -4.86 0.30
N PRO A 20 -0.91 -4.98 0.18
CA PRO A 20 -0.13 -4.25 -0.82
C PRO A 20 -0.39 -4.77 -2.23
N VAL A 21 -0.67 -3.84 -3.15
CA VAL A 21 -0.95 -4.20 -4.54
C VAL A 21 -0.01 -3.46 -5.49
N LYS A 22 0.70 -4.20 -6.32
CA LYS A 22 1.62 -3.62 -7.28
C LYS A 22 0.97 -3.50 -8.66
N ASN A 23 1.36 -2.46 -9.40
CA ASN A 23 0.82 -2.22 -10.74
C ASN A 23 1.71 -2.84 -11.81
N LYS A 24 1.12 -3.19 -12.94
CA LYS A 24 1.87 -3.79 -14.04
C LYS A 24 2.41 -2.70 -14.98
N VAL A 25 1.76 -1.54 -14.96
CA VAL A 25 2.19 -0.42 -15.80
C VAL A 25 3.39 0.30 -15.20
N CYS A 26 3.18 0.93 -14.06
CA CYS A 26 4.25 1.65 -13.38
C CYS A 26 5.11 0.70 -12.54
N GLY A 27 4.50 0.11 -11.52
CA GLY A 27 5.23 -0.82 -10.66
C GLY A 27 5.12 -0.44 -9.21
N HIS A 28 4.63 0.76 -8.93
CA HIS A 28 4.48 1.23 -7.56
C HIS A 28 3.62 0.28 -6.74
N THR A 29 3.45 0.58 -5.46
CA THR A 29 2.66 -0.26 -4.57
C THR A 29 1.70 0.59 -3.73
N TYR A 30 0.48 0.10 -3.56
CA TYR A 30 -0.52 0.81 -2.78
C TYR A 30 -1.38 -0.16 -1.97
N GLU A 31 -2.29 0.38 -1.18
CA GLU A 31 -3.17 -0.44 -0.35
C GLU A 31 -4.42 -0.86 -1.13
N GLU A 32 -4.93 -2.05 -0.82
CA GLU A 32 -6.11 -2.56 -1.49
C GLU A 32 -7.27 -1.58 -1.39
N ASP A 33 -7.78 -1.40 -0.18
CA ASP A 33 -8.89 -0.48 0.05
C ASP A 33 -8.60 0.89 -0.55
N ALA A 34 -7.32 1.25 -0.60
CA ALA A 34 -6.91 2.53 -1.16
C ALA A 34 -7.14 2.57 -2.66
N ILE A 35 -6.46 1.69 -3.38
CA ILE A 35 -6.58 1.64 -4.83
C ILE A 35 -8.00 1.26 -5.25
N VAL A 36 -8.73 0.65 -4.32
CA VAL A 36 -10.10 0.22 -4.59
C VAL A 36 -11.09 1.37 -4.35
N ARG A 37 -10.82 2.16 -3.30
CA ARG A 37 -11.67 3.29 -2.97
C ARG A 37 -11.35 4.50 -3.84
N MET A 38 -10.11 4.55 -4.33
CA MET A 38 -9.67 5.65 -5.17
C MET A 38 -10.28 5.55 -6.57
N ILE A 39 -10.03 4.42 -7.24
CA ILE A 39 -10.56 4.20 -8.57
C ILE A 39 -12.07 4.38 -8.61
N GLU A 40 -12.76 3.79 -7.65
CA GLU A 40 -14.21 3.89 -7.57
C GLU A 40 -14.65 5.33 -7.32
N SER A 41 -13.90 6.02 -6.46
CA SER A 41 -14.22 7.41 -6.14
C SER A 41 -13.99 8.32 -7.34
N ARG A 42 -12.96 8.01 -8.12
CA ARG A 42 -12.63 8.79 -9.31
C ARG A 42 -13.69 8.62 -10.39
N GLN A 43 -14.01 7.36 -10.69
CA GLN A 43 -15.02 7.06 -11.71
C GLN A 43 -16.31 7.81 -11.43
N LYS A 44 -16.61 8.03 -10.16
CA LYS A 44 -17.82 8.75 -9.77
C LYS A 44 -17.84 10.15 -10.36
N ARG A 45 -16.68 10.81 -10.36
CA ARG A 45 -16.56 12.16 -10.90
C ARG A 45 -15.96 12.14 -12.30
N LYS A 46 -16.12 11.01 -12.99
CA LYS A 46 -15.59 10.86 -14.34
C LYS A 46 -14.09 11.11 -14.36
N LYS A 47 -13.43 10.88 -13.23
CA LYS A 47 -12.00 11.09 -13.12
C LYS A 47 -11.24 9.83 -13.54
N LYS A 48 -9.92 9.88 -13.44
CA LYS A 48 -9.07 8.74 -13.80
C LYS A 48 -8.07 8.43 -12.70
N ALA A 49 -7.73 7.16 -12.55
CA ALA A 49 -6.78 6.73 -11.54
C ALA A 49 -5.35 7.02 -11.97
N TYR A 50 -4.64 7.81 -11.16
CA TYR A 50 -3.27 8.17 -11.46
C TYR A 50 -2.33 7.81 -10.31
N CYS A 51 -1.06 7.63 -10.61
CA CYS A 51 -0.07 7.28 -9.59
C CYS A 51 -0.15 8.24 -8.41
N PRO A 52 -0.74 7.76 -7.31
CA PRO A 52 -0.89 8.57 -6.09
C PRO A 52 0.43 8.80 -5.38
N GLN A 53 1.47 8.07 -5.80
CA GLN A 53 2.79 8.20 -5.21
C GLN A 53 3.39 9.57 -5.53
N ILE A 54 3.39 10.45 -4.54
CA ILE A 54 3.95 11.79 -4.72
C ILE A 54 5.36 11.73 -5.29
N GLY A 55 5.48 12.05 -6.58
CA GLY A 55 6.78 12.03 -7.23
C GLY A 55 6.74 11.38 -8.59
N CYS A 56 5.71 10.58 -8.83
CA CYS A 56 5.56 9.89 -10.10
C CYS A 56 4.87 10.78 -11.13
N SER A 57 5.20 10.58 -12.41
CA SER A 57 4.61 11.37 -13.48
C SER A 57 3.46 10.63 -14.14
N HIS A 58 3.48 9.31 -14.04
CA HIS A 58 2.44 8.48 -14.63
C HIS A 58 1.06 8.94 -14.17
N THR A 59 0.04 8.64 -14.99
CA THR A 59 -1.32 9.03 -14.67
C THR A 59 -2.33 8.09 -15.33
N ASP A 60 -1.96 6.82 -15.45
CA ASP A 60 -2.84 5.83 -16.06
C ASP A 60 -2.81 4.52 -15.27
N ILE A 61 -3.83 4.32 -14.44
CA ILE A 61 -3.92 3.12 -13.64
C ILE A 61 -5.27 2.42 -13.83
N ARG A 62 -5.24 1.12 -14.07
CA ARG A 62 -6.45 0.34 -14.27
C ARG A 62 -6.53 -0.82 -13.29
N LYS A 63 -7.74 -1.09 -12.79
CA LYS A 63 -7.95 -2.17 -11.84
C LYS A 63 -7.45 -3.50 -12.41
N SER A 64 -7.44 -3.60 -13.73
CA SER A 64 -7.00 -4.82 -14.40
C SER A 64 -5.48 -4.98 -14.29
N ASP A 65 -4.79 -3.86 -14.10
CA ASP A 65 -3.33 -3.88 -13.98
C ASP A 65 -2.91 -3.91 -12.52
N LEU A 66 -3.80 -4.40 -11.66
CA LEU A 66 -3.52 -4.49 -10.23
C LEU A 66 -3.26 -5.93 -9.81
N ILE A 67 -2.11 -6.15 -9.19
CA ILE A 67 -1.74 -7.49 -8.73
C ILE A 67 -1.28 -7.47 -7.28
N GLN A 68 -1.28 -8.64 -6.65
CA GLN A 68 -0.87 -8.75 -5.25
C GLN A 68 0.64 -8.97 -5.15
N ASP A 69 1.31 -8.10 -4.41
CA ASP A 69 2.75 -8.19 -4.23
C ASP A 69 3.09 -9.07 -3.02
N GLU A 70 3.45 -10.32 -3.30
CA GLU A 70 3.80 -11.26 -2.23
C GLU A 70 5.12 -10.87 -1.57
N ALA A 71 6.10 -10.50 -2.38
CA ALA A 71 7.41 -10.10 -1.87
C ALA A 71 7.27 -9.02 -0.81
N LEU A 72 6.23 -8.20 -0.94
CA LEU A 72 5.99 -7.12 0.01
C LEU A 72 5.09 -7.60 1.15
N ARG A 73 4.05 -8.36 0.80
CA ARG A 73 3.12 -8.88 1.79
C ARG A 73 3.85 -9.60 2.91
N ARG A 74 4.81 -10.45 2.53
CA ARG A 74 5.60 -11.20 3.50
C ARG A 74 6.50 -10.29 4.31
N ALA A 75 6.94 -9.20 3.68
CA ALA A 75 7.81 -8.24 4.35
C ALA A 75 7.13 -7.62 5.56
N ILE A 76 5.89 -7.17 5.37
CA ILE A 76 5.13 -6.55 6.44
C ILE A 76 4.99 -7.49 7.64
N GLU A 77 4.79 -8.77 7.35
CA GLU A 77 4.64 -9.77 8.40
C GLU A 77 5.97 -10.01 9.11
N ASN A 78 7.06 -9.90 8.37
CA ASN A 78 8.39 -10.10 8.92
C ASN A 78 8.73 -9.01 9.94
N HIS A 79 8.15 -7.83 9.74
CA HIS A 79 8.38 -6.70 10.64
C HIS A 79 7.40 -6.72 11.80
N ASN A 80 6.22 -7.28 11.56
CA ASN A 80 5.19 -7.36 12.60
C ASN A 80 5.63 -8.29 13.72
N LYS A 81 6.35 -9.35 13.36
CA LYS A 81 6.82 -10.32 14.34
C LYS A 81 7.69 -9.65 15.40
N LYS A 82 8.32 -8.54 15.02
CA LYS A 82 9.18 -7.80 15.93
C LYS A 82 8.34 -7.07 16.99
N ARG A 83 7.19 -6.57 16.58
CA ARG A 83 6.31 -5.86 17.49
C ARG A 83 6.96 -4.59 18.00
N HIS A 84 6.57 -3.44 17.45
CA HIS A 84 7.12 -2.16 17.87
C HIS A 84 6.29 -1.53 18.98
N ARG A 85 6.74 -1.72 20.22
CA ARG A 85 6.04 -1.18 21.37
C ARG A 85 5.85 0.34 21.23
N HIS A 86 4.60 0.78 21.27
CA HIS A 86 4.29 2.20 21.14
C HIS A 86 4.84 2.77 19.84
N SER A 87 4.04 2.67 18.78
CA SER A 87 4.45 3.17 17.47
C SER A 87 4.12 4.65 17.33
N GLU A 88 5.09 5.42 16.85
CA GLU A 88 4.90 6.86 16.66
C GLU A 88 5.82 7.39 15.57
N SER A 89 5.67 8.67 15.25
CA SER A 89 6.48 9.30 14.21
C SER A 89 7.06 10.63 14.71
N GLY A 90 8.38 10.74 14.69
CA GLY A 90 9.02 11.96 15.14
C GLY A 90 10.47 12.05 14.68
N PRO A 91 10.66 12.46 13.42
CA PRO A 91 12.01 12.60 12.83
C PRO A 91 12.78 13.76 13.43
N SER A 92 14.06 13.85 13.09
CA SER A 92 14.92 14.92 13.60
C SER A 92 14.85 16.15 12.69
N SER A 93 13.76 16.89 12.79
CA SER A 93 13.56 18.09 11.99
C SER A 93 12.52 19.00 12.62
N GLY A 94 12.65 20.31 12.36
CA GLY A 94 11.71 21.26 12.91
C GLY A 94 10.38 21.26 12.17
ZN ZN B . 4.24 5.31 -10.15
N GLY A 1 20.54 4.66 20.27
CA GLY A 1 20.89 4.95 18.89
C GLY A 1 20.30 3.95 17.92
N SER A 2 18.98 3.90 17.84
CA SER A 2 18.30 2.98 16.95
C SER A 2 16.90 3.47 16.61
N SER A 3 16.38 3.05 15.46
CA SER A 3 15.05 3.45 15.02
C SER A 3 14.31 2.28 14.36
N GLY A 4 13.06 2.10 14.74
CA GLY A 4 12.25 1.03 14.18
C GLY A 4 11.16 1.53 13.27
N SER A 5 11.39 2.68 12.64
CA SER A 5 10.42 3.27 11.74
C SER A 5 10.65 2.81 10.31
N SER A 6 10.43 1.52 10.06
CA SER A 6 10.63 0.95 8.73
C SER A 6 9.51 -0.03 8.40
N GLY A 7 8.49 0.45 7.70
CA GLY A 7 7.38 -0.41 7.33
C GLY A 7 6.79 -0.04 5.98
N PHE A 8 5.47 -0.06 5.88
CA PHE A 8 4.79 0.26 4.63
C PHE A 8 3.54 1.10 4.89
N THR A 9 3.52 2.31 4.33
CA THR A 9 2.40 3.22 4.51
C THR A 9 1.80 3.62 3.17
N CYS A 10 0.48 3.73 3.12
CA CYS A 10 -0.22 4.11 1.89
C CYS A 10 -0.29 5.61 1.76
N PRO A 11 0.09 6.12 0.57
CA PRO A 11 0.08 7.56 0.28
C PRO A 11 -1.33 8.12 0.16
N ILE A 12 -2.30 7.22 0.05
CA ILE A 12 -3.70 7.63 -0.06
C ILE A 12 -4.39 7.61 1.30
N THR A 13 -4.51 6.43 1.88
CA THR A 13 -5.14 6.28 3.20
C THR A 13 -4.28 6.88 4.30
N LYS A 14 -2.99 7.03 4.02
CA LYS A 14 -2.05 7.58 4.98
C LYS A 14 -1.94 6.68 6.21
N GLU A 15 -2.01 5.37 5.99
CA GLU A 15 -1.92 4.41 7.08
C GLU A 15 -1.21 3.13 6.62
N GLU A 16 -1.06 2.19 7.54
CA GLU A 16 -0.40 0.92 7.23
C GLU A 16 -1.16 0.18 6.13
N MET A 17 -0.42 -0.59 5.33
CA MET A 17 -1.02 -1.35 4.24
C MET A 17 -1.06 -2.84 4.58
N LYS A 18 -2.26 -3.39 4.69
CA LYS A 18 -2.43 -4.80 4.99
C LYS A 18 -2.44 -5.64 3.73
N LYS A 19 -2.97 -5.08 2.65
CA LYS A 19 -3.04 -5.78 1.38
C LYS A 19 -2.36 -4.98 0.27
N PRO A 20 -1.02 -5.10 0.19
CA PRO A 20 -0.22 -4.38 -0.81
C PRO A 20 -0.46 -4.91 -2.22
N VAL A 21 -0.71 -4.00 -3.16
CA VAL A 21 -0.94 -4.37 -4.55
C VAL A 21 -0.02 -3.62 -5.49
N LYS A 22 0.69 -4.35 -6.34
CA LYS A 22 1.60 -3.74 -7.30
C LYS A 22 0.94 -3.58 -8.66
N ASN A 23 1.32 -2.53 -9.38
CA ASN A 23 0.77 -2.26 -10.70
C ASN A 23 1.65 -2.86 -11.80
N LYS A 24 1.04 -3.09 -12.96
CA LYS A 24 1.77 -3.66 -14.09
C LYS A 24 2.28 -2.56 -15.02
N VAL A 25 1.65 -1.40 -14.97
CA VAL A 25 2.04 -0.27 -15.80
C VAL A 25 3.26 0.44 -15.22
N CYS A 26 3.07 1.05 -14.06
CA CYS A 26 4.16 1.77 -13.39
C CYS A 26 5.01 0.82 -12.56
N GLY A 27 4.36 0.05 -11.69
CA GLY A 27 5.08 -0.89 -10.85
C GLY A 27 4.99 -0.54 -9.38
N HIS A 28 4.51 0.67 -9.08
CA HIS A 28 4.37 1.12 -7.71
C HIS A 28 3.49 0.17 -6.90
N THR A 29 3.33 0.44 -5.62
CA THR A 29 2.52 -0.39 -4.74
C THR A 29 1.60 0.46 -3.88
N TYR A 30 0.38 -0.04 -3.67
CA TYR A 30 -0.60 0.68 -2.86
C TYR A 30 -1.46 -0.30 -2.06
N GLU A 31 -2.36 0.25 -1.25
CA GLU A 31 -3.25 -0.56 -0.43
C GLU A 31 -4.49 -0.97 -1.21
N GLU A 32 -5.00 -2.16 -0.91
CA GLU A 32 -6.18 -2.68 -1.59
C GLU A 32 -7.34 -1.69 -1.48
N ASP A 33 -7.86 -1.52 -0.27
CA ASP A 33 -8.96 -0.60 -0.02
C ASP A 33 -8.67 0.77 -0.62
N ALA A 34 -7.39 1.12 -0.67
CA ALA A 34 -6.97 2.41 -1.21
C ALA A 34 -7.21 2.47 -2.72
N ILE A 35 -6.52 1.60 -3.44
CA ILE A 35 -6.65 1.54 -4.90
C ILE A 35 -8.07 1.17 -5.31
N VAL A 36 -8.81 0.55 -4.39
CA VAL A 36 -10.18 0.15 -4.65
C VAL A 36 -11.16 1.30 -4.41
N ARG A 37 -10.89 2.08 -3.36
CA ARG A 37 -11.74 3.21 -3.02
C ARG A 37 -11.40 4.42 -3.88
N MET A 38 -10.18 4.47 -4.37
CA MET A 38 -9.73 5.58 -5.22
C MET A 38 -10.33 5.48 -6.61
N ILE A 39 -10.10 4.36 -7.28
CA ILE A 39 -10.62 4.14 -8.62
C ILE A 39 -12.13 4.33 -8.66
N GLU A 40 -12.79 4.02 -7.54
CA GLU A 40 -14.24 4.15 -7.45
C GLU A 40 -14.63 5.59 -7.12
N SER A 41 -13.84 6.24 -6.27
CA SER A 41 -14.10 7.61 -5.87
C SER A 41 -13.81 8.58 -7.02
N ARG A 42 -12.94 8.16 -7.93
CA ARG A 42 -12.58 8.98 -9.07
C ARG A 42 -13.57 8.81 -10.21
N GLN A 43 -13.83 7.56 -10.58
CA GLN A 43 -14.77 7.26 -11.65
C GLN A 43 -16.11 7.95 -11.42
N LYS A 44 -16.62 7.83 -10.21
CA LYS A 44 -17.90 8.45 -9.85
C LYS A 44 -17.86 9.96 -10.12
N ARG A 45 -16.67 10.53 -10.11
CA ARG A 45 -16.50 11.96 -10.35
C ARG A 45 -15.91 12.21 -11.73
N LYS A 46 -16.14 11.26 -12.64
CA LYS A 46 -15.63 11.39 -14.01
C LYS A 46 -14.14 11.68 -14.01
N LYS A 47 -13.41 11.09 -13.07
CA LYS A 47 -11.98 11.30 -12.96
C LYS A 47 -11.22 10.03 -13.34
N LYS A 48 -9.89 10.08 -13.23
CA LYS A 48 -9.05 8.93 -13.56
C LYS A 48 -8.10 8.61 -12.41
N ALA A 49 -7.69 7.35 -12.33
CA ALA A 49 -6.77 6.91 -11.28
C ALA A 49 -5.33 7.16 -11.68
N TYR A 50 -4.68 8.09 -11.00
CA TYR A 50 -3.29 8.41 -11.30
C TYR A 50 -2.37 7.99 -10.15
N CYS A 51 -1.09 7.79 -10.46
CA CYS A 51 -0.12 7.37 -9.47
C CYS A 51 -0.17 8.26 -8.23
N PRO A 52 -0.79 7.75 -7.15
CA PRO A 52 -0.92 8.50 -5.90
C PRO A 52 0.41 8.67 -5.18
N GLN A 53 1.43 8.00 -5.68
CA GLN A 53 2.77 8.07 -5.09
C GLN A 53 3.40 9.43 -5.35
N ILE A 54 3.43 10.28 -4.32
CA ILE A 54 4.01 11.61 -4.44
C ILE A 54 5.42 11.55 -5.04
N GLY A 55 5.55 12.02 -6.28
CA GLY A 55 6.84 12.01 -6.94
C GLY A 55 6.78 11.38 -8.31
N CYS A 56 5.72 10.61 -8.56
CA CYS A 56 5.56 9.94 -9.86
C CYS A 56 4.86 10.86 -10.85
N SER A 57 5.18 10.69 -12.13
CA SER A 57 4.59 11.51 -13.18
C SER A 57 3.44 10.77 -13.86
N HIS A 58 3.48 9.44 -13.80
CA HIS A 58 2.43 8.63 -14.40
C HIS A 58 1.05 9.04 -13.90
N THR A 59 0.04 8.81 -14.72
CA THR A 59 -1.34 9.16 -14.35
C THR A 59 -2.34 8.26 -15.07
N ASP A 60 -1.97 7.00 -15.26
CA ASP A 60 -2.84 6.04 -15.92
C ASP A 60 -2.80 4.69 -15.21
N ILE A 61 -3.82 4.43 -14.38
CA ILE A 61 -3.90 3.18 -13.65
C ILE A 61 -5.23 2.50 -13.86
N ARG A 62 -5.20 1.20 -14.13
CA ARG A 62 -6.41 0.43 -14.36
C ARG A 62 -6.50 -0.75 -13.40
N LYS A 63 -7.70 -1.01 -12.89
CA LYS A 63 -7.93 -2.10 -11.96
C LYS A 63 -7.47 -3.43 -12.55
N SER A 64 -7.45 -3.51 -13.88
CA SER A 64 -7.03 -4.72 -14.58
C SER A 64 -5.52 -4.91 -14.45
N ASP A 65 -4.80 -3.81 -14.26
CA ASP A 65 -3.35 -3.87 -14.13
C ASP A 65 -2.94 -3.91 -12.66
N LEU A 66 -3.83 -4.42 -11.82
CA LEU A 66 -3.56 -4.51 -10.38
C LEU A 66 -3.32 -5.96 -9.98
N ILE A 67 -2.17 -6.20 -9.35
CA ILE A 67 -1.81 -7.55 -8.91
C ILE A 67 -1.39 -7.54 -7.44
N GLN A 68 -1.36 -8.72 -6.84
CA GLN A 68 -0.98 -8.86 -5.44
C GLN A 68 0.52 -9.15 -5.31
N ASP A 69 1.21 -8.33 -4.52
CA ASP A 69 2.64 -8.51 -4.32
C ASP A 69 2.93 -9.26 -3.02
N GLU A 70 3.53 -10.44 -3.14
CA GLU A 70 3.84 -11.27 -1.98
C GLU A 70 5.14 -10.81 -1.33
N ALA A 71 6.15 -10.51 -2.16
CA ALA A 71 7.44 -10.06 -1.67
C ALA A 71 7.28 -8.90 -0.70
N LEU A 72 6.24 -8.10 -0.91
CA LEU A 72 5.98 -6.95 -0.04
C LEU A 72 5.17 -7.36 1.18
N ARG A 73 4.17 -8.21 0.97
CA ARG A 73 3.31 -8.68 2.06
C ARG A 73 4.14 -9.35 3.14
N ARG A 74 4.92 -10.35 2.74
CA ARG A 74 5.77 -11.09 3.68
C ARG A 74 6.63 -10.13 4.49
N ALA A 75 7.18 -9.12 3.82
CA ALA A 75 8.03 -8.14 4.49
C ALA A 75 7.32 -7.53 5.70
N ILE A 76 6.10 -7.05 5.49
CA ILE A 76 5.33 -6.44 6.56
C ILE A 76 5.15 -7.42 7.73
N GLU A 77 5.04 -8.70 7.41
CA GLU A 77 4.88 -9.73 8.43
C GLU A 77 6.17 -9.93 9.22
N ASN A 78 7.30 -9.80 8.54
CA ASN A 78 8.60 -9.97 9.18
C ASN A 78 8.89 -8.82 10.13
N HIS A 79 8.27 -7.66 9.86
CA HIS A 79 8.47 -6.49 10.71
C HIS A 79 7.58 -6.56 11.95
N ASN A 80 6.42 -7.19 11.81
CA ASN A 80 5.48 -7.32 12.91
C ASN A 80 5.94 -8.40 13.89
N LYS A 81 6.22 -9.59 13.37
CA LYS A 81 6.68 -10.70 14.20
C LYS A 81 7.89 -10.30 15.03
N LYS A 82 8.67 -9.35 14.52
CA LYS A 82 9.86 -8.88 15.23
C LYS A 82 9.47 -7.98 16.39
N ARG A 83 8.50 -7.09 16.16
CA ARG A 83 8.05 -6.18 17.19
C ARG A 83 7.63 -6.94 18.45
N HIS A 84 6.72 -7.90 18.27
CA HIS A 84 6.24 -8.70 19.39
C HIS A 84 7.36 -9.56 19.97
N ARG A 85 7.63 -9.38 21.27
CA ARG A 85 8.69 -10.13 21.93
C ARG A 85 8.42 -10.21 23.43
N HIS A 86 7.15 -10.25 23.81
CA HIS A 86 6.76 -10.32 25.22
C HIS A 86 6.68 -11.78 25.67
N SER A 87 6.12 -12.64 24.83
CA SER A 87 5.99 -14.05 25.16
C SER A 87 6.81 -14.92 24.21
N GLU A 88 7.72 -15.70 24.76
CA GLU A 88 8.57 -16.58 23.97
C GLU A 88 8.04 -18.01 23.96
N SER A 89 6.73 -18.14 24.13
CA SER A 89 6.09 -19.45 24.15
C SER A 89 5.48 -19.79 22.79
N GLY A 90 4.77 -20.91 22.73
CA GLY A 90 4.15 -21.32 21.48
C GLY A 90 4.91 -22.43 20.79
N PRO A 91 4.26 -23.10 19.84
CA PRO A 91 4.87 -24.21 19.08
C PRO A 91 5.96 -23.73 18.13
N SER A 92 7.14 -24.32 18.25
CA SER A 92 8.27 -23.95 17.40
C SER A 92 8.04 -24.40 15.97
N SER A 93 8.53 -23.62 15.02
CA SER A 93 8.38 -23.93 13.60
C SER A 93 9.43 -23.20 12.76
N GLY A 94 10.53 -23.89 12.48
CA GLY A 94 11.59 -23.30 11.69
C GLY A 94 11.22 -23.17 10.23
ZN ZN B . 4.16 5.37 -10.08
N GLY A 1 18.98 14.20 5.66
CA GLY A 1 17.59 14.57 5.55
C GLY A 1 16.86 14.54 6.87
N SER A 2 15.75 15.26 6.96
CA SER A 2 14.97 15.32 8.19
C SER A 2 13.85 14.28 8.16
N SER A 3 13.08 14.26 7.07
CA SER A 3 11.97 13.32 6.93
C SER A 3 12.48 11.89 6.93
N GLY A 4 11.64 10.97 7.37
CA GLY A 4 12.01 9.56 7.41
C GLY A 4 10.84 8.65 7.15
N SER A 5 11.12 7.35 7.00
CA SER A 5 10.08 6.36 6.73
C SER A 5 10.14 5.24 7.77
N SER A 6 9.04 4.48 7.85
CA SER A 6 8.97 3.38 8.80
C SER A 6 7.87 2.39 8.39
N GLY A 7 8.29 1.17 8.04
CA GLY A 7 7.34 0.16 7.62
C GLY A 7 6.71 0.45 6.28
N PHE A 8 5.40 0.36 6.20
CA PHE A 8 4.68 0.62 4.96
C PHE A 8 3.43 1.47 5.22
N THR A 9 3.42 2.68 4.66
CA THR A 9 2.30 3.58 4.83
C THR A 9 1.71 3.99 3.49
N CYS A 10 0.39 3.94 3.38
CA CYS A 10 -0.30 4.30 2.14
C CYS A 10 -0.38 5.81 2.00
N PRO A 11 0.01 6.31 0.82
CA PRO A 11 -0.01 7.76 0.53
C PRO A 11 -1.44 8.29 0.38
N ILE A 12 -2.41 7.38 0.38
CA ILE A 12 -3.81 7.77 0.26
C ILE A 12 -4.49 7.83 1.62
N THR A 13 -4.50 6.70 2.33
CA THR A 13 -5.11 6.63 3.65
C THR A 13 -4.18 7.19 4.71
N LYS A 14 -2.93 7.46 4.33
CA LYS A 14 -1.95 8.00 5.25
C LYS A 14 -1.81 7.11 6.48
N GLU A 15 -2.11 5.83 6.32
CA GLU A 15 -2.02 4.87 7.41
C GLU A 15 -1.20 3.65 7.00
N GLU A 16 -1.15 2.66 7.88
CA GLU A 16 -0.40 1.43 7.62
C GLU A 16 -1.07 0.63 6.50
N MET A 17 -0.27 -0.15 5.78
CA MET A 17 -0.78 -0.97 4.69
C MET A 17 -0.79 -2.45 5.09
N LYS A 18 -1.82 -3.16 4.66
CA LYS A 18 -1.95 -4.58 4.97
C LYS A 18 -1.97 -5.42 3.69
N LYS A 19 -2.53 -4.84 2.63
CA LYS A 19 -2.61 -5.53 1.35
C LYS A 19 -1.95 -4.71 0.24
N PRO A 20 -0.61 -4.83 0.14
CA PRO A 20 0.16 -4.10 -0.87
C PRO A 20 -0.10 -4.62 -2.28
N VAL A 21 -0.50 -3.72 -3.17
CA VAL A 21 -0.78 -4.08 -4.56
C VAL A 21 0.17 -3.37 -5.51
N LYS A 22 0.91 -4.15 -6.28
CA LYS A 22 1.86 -3.61 -7.25
C LYS A 22 1.24 -3.52 -8.64
N ASN A 23 1.51 -2.41 -9.34
CA ASN A 23 0.98 -2.22 -10.68
C ASN A 23 1.97 -2.69 -11.74
N LYS A 24 1.45 -3.34 -12.77
CA LYS A 24 2.29 -3.84 -13.86
C LYS A 24 2.71 -2.72 -14.79
N VAL A 25 1.94 -1.64 -14.79
CA VAL A 25 2.23 -0.49 -15.64
C VAL A 25 3.43 0.30 -15.10
N CYS A 26 3.25 0.90 -13.92
CA CYS A 26 4.31 1.68 -13.30
C CYS A 26 5.21 0.79 -12.44
N GLY A 27 4.65 0.24 -11.38
CA GLY A 27 5.41 -0.63 -10.51
C GLY A 27 5.22 -0.27 -9.04
N HIS A 28 4.75 0.94 -8.78
CA HIS A 28 4.53 1.40 -7.41
C HIS A 28 3.64 0.43 -6.65
N THR A 29 3.48 0.68 -5.36
CA THR A 29 2.65 -0.18 -4.51
C THR A 29 1.72 0.66 -3.64
N TYR A 30 0.49 0.18 -3.46
CA TYR A 30 -0.50 0.87 -2.65
C TYR A 30 -1.36 -0.11 -1.88
N GLU A 31 -2.27 0.42 -1.05
CA GLU A 31 -3.16 -0.42 -0.26
C GLU A 31 -4.37 -0.84 -1.08
N GLU A 32 -4.85 -2.06 -0.82
CA GLU A 32 -6.01 -2.59 -1.53
C GLU A 32 -7.20 -1.63 -1.43
N ASP A 33 -7.74 -1.50 -0.22
CA ASP A 33 -8.87 -0.62 0.01
C ASP A 33 -8.61 0.77 -0.56
N ALA A 34 -7.34 1.17 -0.57
CA ALA A 34 -6.96 2.47 -1.10
C ALA A 34 -7.15 2.55 -2.60
N ILE A 35 -6.43 1.71 -3.33
CA ILE A 35 -6.52 1.66 -4.78
C ILE A 35 -7.92 1.25 -5.23
N VAL A 36 -8.66 0.61 -4.34
CA VAL A 36 -10.01 0.17 -4.64
C VAL A 36 -11.02 1.28 -4.39
N ARG A 37 -10.81 2.05 -3.33
CA ARG A 37 -11.69 3.15 -2.99
C ARG A 37 -11.38 4.39 -3.82
N MET A 38 -10.14 4.47 -4.29
CA MET A 38 -9.71 5.61 -5.11
C MET A 38 -10.31 5.52 -6.52
N ILE A 39 -10.03 4.41 -7.20
CA ILE A 39 -10.53 4.20 -8.55
C ILE A 39 -12.05 4.37 -8.61
N GLU A 40 -12.73 3.82 -7.61
CA GLU A 40 -14.19 3.91 -7.55
C GLU A 40 -14.64 5.35 -7.31
N SER A 41 -13.85 6.08 -6.53
CA SER A 41 -14.16 7.47 -6.20
C SER A 41 -13.86 8.38 -7.39
N ARG A 42 -12.98 7.92 -8.28
CA ARG A 42 -12.61 8.70 -9.45
C ARG A 42 -13.63 8.49 -10.58
N GLN A 43 -13.92 7.24 -10.89
CA GLN A 43 -14.87 6.90 -11.94
C GLN A 43 -16.18 7.66 -11.73
N LYS A 44 -16.72 7.59 -10.52
CA LYS A 44 -17.97 8.27 -10.20
C LYS A 44 -17.88 9.76 -10.50
N ARG A 45 -16.66 10.29 -10.49
CA ARG A 45 -16.44 11.70 -10.77
C ARG A 45 -15.87 11.90 -12.17
N LYS A 46 -16.14 10.94 -13.05
CA LYS A 46 -15.67 11.00 -14.42
C LYS A 46 -14.17 11.28 -14.47
N LYS A 47 -13.45 10.81 -13.45
CA LYS A 47 -12.02 10.99 -13.38
C LYS A 47 -11.28 9.70 -13.73
N LYS A 48 -9.95 9.71 -13.56
CA LYS A 48 -9.14 8.54 -13.85
C LYS A 48 -8.16 8.26 -12.72
N ALA A 49 -7.73 7.01 -12.61
CA ALA A 49 -6.78 6.62 -11.58
C ALA A 49 -5.35 6.92 -11.98
N TYR A 50 -4.67 7.75 -11.20
CA TYR A 50 -3.30 8.12 -11.49
C TYR A 50 -2.38 7.79 -10.31
N CYS A 51 -1.11 7.62 -10.60
CA CYS A 51 -0.12 7.30 -9.57
C CYS A 51 -0.21 8.28 -8.41
N PRO A 52 -0.83 7.84 -7.30
CA PRO A 52 -0.99 8.67 -6.10
C PRO A 52 0.33 8.93 -5.39
N GLN A 53 1.36 8.16 -5.75
CA GLN A 53 2.67 8.31 -5.13
C GLN A 53 3.27 9.68 -5.46
N ILE A 54 3.24 10.58 -4.49
CA ILE A 54 3.78 11.92 -4.67
C ILE A 54 5.20 11.87 -5.22
N GLY A 55 5.34 12.17 -6.50
CA GLY A 55 6.65 12.16 -7.12
C GLY A 55 6.64 11.50 -8.49
N CYS A 56 5.62 10.69 -8.74
CA CYS A 56 5.50 10.00 -10.02
C CYS A 56 4.83 10.90 -11.06
N SER A 57 5.11 10.63 -12.34
CA SER A 57 4.54 11.41 -13.42
C SER A 57 3.41 10.65 -14.11
N HIS A 58 3.45 9.32 -14.01
CA HIS A 58 2.43 8.47 -14.62
C HIS A 58 1.03 8.90 -14.17
N THR A 59 0.03 8.59 -14.98
CA THR A 59 -1.35 8.94 -14.66
C THR A 59 -2.32 8.00 -15.36
N ASP A 60 -1.95 6.73 -15.44
CA ASP A 60 -2.80 5.73 -16.08
C ASP A 60 -2.81 4.43 -15.27
N ILE A 61 -3.86 4.23 -14.49
CA ILE A 61 -3.98 3.04 -13.66
C ILE A 61 -5.32 2.34 -13.90
N ARG A 62 -5.28 1.03 -14.09
CA ARG A 62 -6.48 0.24 -14.33
C ARG A 62 -6.63 -0.86 -13.29
N LYS A 63 -7.86 -1.11 -12.86
CA LYS A 63 -8.14 -2.15 -11.87
C LYS A 63 -7.62 -3.50 -12.35
N SER A 64 -7.53 -3.66 -13.67
CA SER A 64 -7.06 -4.91 -14.26
C SER A 64 -5.55 -5.05 -14.12
N ASP A 65 -4.88 -3.91 -13.95
CA ASP A 65 -3.43 -3.90 -13.81
C ASP A 65 -3.03 -3.87 -12.33
N LEU A 66 -3.91 -4.39 -11.48
CA LEU A 66 -3.66 -4.41 -10.04
C LEU A 66 -3.46 -5.85 -9.55
N ILE A 67 -2.30 -6.10 -8.95
CA ILE A 67 -1.98 -7.43 -8.44
C ILE A 67 -1.36 -7.34 -7.04
N GLN A 68 -1.40 -8.46 -6.32
CA GLN A 68 -0.85 -8.51 -4.97
C GLN A 68 0.65 -8.81 -5.01
N ASP A 69 1.43 -7.95 -4.36
CA ASP A 69 2.87 -8.12 -4.32
C ASP A 69 3.28 -9.04 -3.17
N GLU A 70 3.52 -10.31 -3.48
CA GLU A 70 3.91 -11.28 -2.47
C GLU A 70 5.18 -10.84 -1.75
N ALA A 71 6.16 -10.38 -2.52
CA ALA A 71 7.43 -9.92 -1.96
C ALA A 71 7.19 -8.88 -0.86
N LEU A 72 6.10 -8.14 -0.98
CA LEU A 72 5.76 -7.12 0.00
C LEU A 72 4.85 -7.67 1.08
N ARG A 73 3.89 -8.50 0.68
CA ARG A 73 2.95 -9.10 1.63
C ARG A 73 3.69 -9.80 2.75
N ARG A 74 4.69 -10.60 2.40
CA ARG A 74 5.48 -11.33 3.39
C ARG A 74 6.38 -10.37 4.18
N ALA A 75 6.80 -9.29 3.52
CA ALA A 75 7.65 -8.30 4.17
C ALA A 75 6.97 -7.69 5.39
N ILE A 76 5.80 -7.09 5.17
CA ILE A 76 5.05 -6.47 6.26
C ILE A 76 4.84 -7.44 7.40
N GLU A 77 4.66 -8.72 7.07
CA GLU A 77 4.45 -9.76 8.08
C GLU A 77 5.75 -10.06 8.83
N ASN A 78 6.86 -9.97 8.12
CA ASN A 78 8.17 -10.23 8.71
C ASN A 78 8.48 -9.22 9.82
N HIS A 79 7.88 -8.04 9.72
CA HIS A 79 8.10 -6.99 10.71
C HIS A 79 7.03 -7.05 11.80
N ASN A 80 5.84 -7.51 11.42
CA ASN A 80 4.73 -7.61 12.36
C ASN A 80 5.05 -8.62 13.47
N LYS A 81 5.81 -9.65 13.12
CA LYS A 81 6.19 -10.68 14.08
C LYS A 81 6.84 -10.08 15.31
N LYS A 82 7.52 -8.94 15.12
CA LYS A 82 8.19 -8.25 16.22
C LYS A 82 7.20 -7.95 17.35
N ARG A 83 5.93 -7.81 16.99
CA ARG A 83 4.89 -7.51 17.97
C ARG A 83 4.51 -8.77 18.76
N HIS A 84 3.89 -9.72 18.08
CA HIS A 84 3.48 -10.97 18.71
C HIS A 84 4.29 -12.15 18.17
N ARG A 85 4.95 -12.86 19.07
CA ARG A 85 5.76 -14.01 18.69
C ARG A 85 5.45 -15.22 19.57
N HIS A 86 4.17 -15.51 19.72
CA HIS A 86 3.73 -16.65 20.53
C HIS A 86 2.98 -17.67 19.68
N SER A 87 3.44 -17.87 18.46
CA SER A 87 2.80 -18.82 17.54
C SER A 87 1.33 -18.47 17.34
N GLU A 88 1.06 -17.23 16.97
CA GLU A 88 -0.30 -16.77 16.75
C GLU A 88 -1.13 -16.86 18.03
N SER A 89 -2.30 -16.25 18.02
CA SER A 89 -3.18 -16.25 19.19
C SER A 89 -4.04 -17.52 19.22
N GLY A 90 -4.86 -17.70 18.19
CA GLY A 90 -5.71 -18.87 18.11
C GLY A 90 -6.86 -18.69 17.14
N PRO A 91 -7.63 -19.76 16.93
CA PRO A 91 -8.78 -19.74 16.00
C PRO A 91 -9.93 -18.88 16.52
N SER A 92 -10.92 -18.65 15.68
CA SER A 92 -12.08 -17.84 16.06
C SER A 92 -13.24 -18.10 15.11
N SER A 93 -13.37 -19.33 14.64
CA SER A 93 -14.44 -19.70 13.72
C SER A 93 -15.61 -20.33 14.48
N GLY A 94 -16.55 -19.50 14.91
CA GLY A 94 -17.70 -20.00 15.64
C GLY A 94 -18.67 -18.89 16.00
ZN ZN B . 4.25 5.41 -10.15
N GLY A 1 21.37 10.31 0.57
CA GLY A 1 20.84 11.66 0.62
C GLY A 1 19.40 11.68 1.10
N SER A 2 18.56 10.84 0.51
CA SER A 2 17.15 10.78 0.88
C SER A 2 16.71 9.34 1.09
N SER A 3 17.65 8.49 1.51
CA SER A 3 17.36 7.08 1.74
C SER A 3 16.94 6.84 3.19
N GLY A 4 15.78 6.23 3.37
CA GLY A 4 15.28 5.95 4.71
C GLY A 4 13.80 5.62 4.72
N SER A 5 13.43 4.61 5.51
CA SER A 5 12.04 4.20 5.62
C SER A 5 11.81 3.39 6.89
N SER A 6 10.58 3.46 7.42
CA SER A 6 10.23 2.74 8.63
C SER A 6 8.84 2.13 8.52
N GLY A 7 8.73 1.08 7.72
CA GLY A 7 7.46 0.41 7.53
C GLY A 7 6.86 0.67 6.17
N PHE A 8 5.55 0.51 6.05
CA PHE A 8 4.85 0.73 4.79
C PHE A 8 3.61 1.59 5.00
N THR A 9 3.61 2.77 4.40
CA THR A 9 2.49 3.69 4.51
C THR A 9 1.93 4.05 3.14
N CYS A 10 0.60 4.07 3.04
CA CYS A 10 -0.06 4.40 1.78
C CYS A 10 -0.12 5.91 1.57
N PRO A 11 0.30 6.36 0.37
CA PRO A 11 0.31 7.78 0.02
C PRO A 11 -1.10 8.34 -0.15
N ILE A 12 -2.09 7.45 -0.20
CA ILE A 12 -3.47 7.85 -0.36
C ILE A 12 -4.19 7.93 0.98
N THR A 13 -4.32 6.78 1.64
CA THR A 13 -4.99 6.70 2.94
C THR A 13 -4.12 7.32 4.03
N LYS A 14 -2.83 7.42 3.77
CA LYS A 14 -1.89 8.00 4.73
C LYS A 14 -1.84 7.17 6.02
N GLU A 15 -1.82 5.85 5.86
CA GLU A 15 -1.77 4.95 7.00
C GLU A 15 -1.15 3.61 6.63
N GLU A 16 -0.85 2.79 7.63
CA GLU A 16 -0.25 1.49 7.40
C GLU A 16 -1.05 0.69 6.36
N MET A 17 -0.35 -0.12 5.59
CA MET A 17 -0.99 -0.94 4.57
C MET A 17 -1.03 -2.41 4.98
N LYS A 18 -2.16 -3.06 4.73
CA LYS A 18 -2.31 -4.47 5.08
C LYS A 18 -2.29 -5.34 3.83
N LYS A 19 -2.84 -4.83 2.75
CA LYS A 19 -2.88 -5.57 1.48
C LYS A 19 -2.22 -4.77 0.37
N PRO A 20 -0.89 -4.84 0.29
CA PRO A 20 -0.11 -4.13 -0.73
C PRO A 20 -0.31 -4.71 -2.12
N VAL A 21 -0.53 -3.83 -3.09
CA VAL A 21 -0.75 -4.26 -4.47
C VAL A 21 0.17 -3.50 -5.43
N LYS A 22 0.79 -4.23 -6.34
CA LYS A 22 1.70 -3.63 -7.32
C LYS A 22 1.03 -3.51 -8.68
N ASN A 23 1.37 -2.45 -9.41
CA ASN A 23 0.80 -2.23 -10.73
C ASN A 23 1.68 -2.85 -11.82
N LYS A 24 1.08 -3.09 -12.98
CA LYS A 24 1.81 -3.68 -14.11
C LYS A 24 2.30 -2.60 -15.07
N VAL A 25 1.64 -1.46 -15.05
CA VAL A 25 2.01 -0.34 -15.92
C VAL A 25 3.23 0.39 -15.37
N CYS A 26 3.06 1.03 -14.22
CA CYS A 26 4.13 1.77 -13.59
C CYS A 26 5.02 0.85 -12.74
N GLY A 27 4.38 0.08 -11.87
CA GLY A 27 5.12 -0.84 -11.02
C GLY A 27 5.07 -0.45 -9.56
N HIS A 28 4.58 0.75 -9.28
CA HIS A 28 4.48 1.25 -7.92
C HIS A 28 3.64 0.30 -7.06
N THR A 29 3.48 0.65 -5.79
CA THR A 29 2.71 -0.17 -4.86
C THR A 29 1.77 0.68 -4.03
N TYR A 30 0.56 0.17 -3.80
CA TYR A 30 -0.43 0.89 -3.01
C TYR A 30 -1.25 -0.07 -2.15
N GLU A 31 -2.16 0.49 -1.35
CA GLU A 31 -3.01 -0.32 -0.49
C GLU A 31 -4.28 -0.75 -1.21
N GLU A 32 -4.75 -1.96 -0.89
CA GLU A 32 -5.95 -2.49 -1.52
C GLU A 32 -7.11 -1.52 -1.37
N ASP A 33 -7.59 -1.36 -0.13
CA ASP A 33 -8.69 -0.46 0.14
C ASP A 33 -8.45 0.91 -0.47
N ALA A 34 -7.19 1.30 -0.58
CA ALA A 34 -6.83 2.59 -1.16
C ALA A 34 -7.10 2.62 -2.65
N ILE A 35 -6.44 1.75 -3.39
CA ILE A 35 -6.61 1.68 -4.84
C ILE A 35 -8.04 1.27 -5.20
N VAL A 36 -8.73 0.67 -4.24
CA VAL A 36 -10.10 0.23 -4.46
C VAL A 36 -11.09 1.36 -4.18
N ARG A 37 -10.80 2.15 -3.15
CA ARG A 37 -11.66 3.27 -2.78
C ARG A 37 -11.38 4.49 -3.67
N MET A 38 -10.17 4.55 -4.21
CA MET A 38 -9.78 5.65 -5.09
C MET A 38 -10.42 5.52 -6.46
N ILE A 39 -10.13 4.42 -7.14
CA ILE A 39 -10.69 4.17 -8.46
C ILE A 39 -12.20 4.29 -8.46
N GLU A 40 -12.83 3.77 -7.41
CA GLU A 40 -14.28 3.81 -7.29
C GLU A 40 -14.76 5.24 -7.03
N SER A 41 -13.89 6.04 -6.42
CA SER A 41 -14.22 7.42 -6.11
C SER A 41 -14.04 8.32 -7.34
N ARG A 42 -13.00 8.04 -8.11
CA ARG A 42 -12.73 8.82 -9.32
C ARG A 42 -13.81 8.62 -10.36
N GLN A 43 -14.10 7.35 -10.67
CA GLN A 43 -15.13 7.02 -11.66
C GLN A 43 -16.44 7.73 -11.34
N LYS A 44 -16.69 7.95 -10.05
CA LYS A 44 -17.91 8.61 -9.61
C LYS A 44 -17.92 10.07 -10.04
N ARG A 45 -16.75 10.70 -10.01
CA ARG A 45 -16.62 12.11 -10.39
C ARG A 45 -16.07 12.23 -11.81
N LYS A 46 -16.30 11.20 -12.62
CA LYS A 46 -15.84 11.19 -14.00
C LYS A 46 -14.34 11.49 -14.07
N LYS A 47 -13.58 10.91 -13.15
CA LYS A 47 -12.14 11.11 -13.11
C LYS A 47 -11.40 9.82 -13.44
N LYS A 48 -10.08 9.87 -13.40
CA LYS A 48 -9.26 8.71 -13.70
C LYS A 48 -8.30 8.40 -12.55
N ALA A 49 -7.75 7.19 -12.54
CA ALA A 49 -6.82 6.78 -11.50
C ALA A 49 -5.38 7.04 -11.92
N TYR A 50 -4.74 8.02 -11.28
CA TYR A 50 -3.37 8.37 -11.58
C TYR A 50 -2.43 7.98 -10.45
N CYS A 51 -1.15 7.80 -10.77
CA CYS A 51 -0.15 7.42 -9.77
C CYS A 51 -0.22 8.34 -8.57
N PRO A 52 -0.80 7.84 -7.47
CA PRO A 52 -0.94 8.60 -6.22
C PRO A 52 0.40 8.82 -5.53
N GLN A 53 1.43 8.12 -5.99
CA GLN A 53 2.76 8.23 -5.41
C GLN A 53 3.36 9.60 -5.71
N ILE A 54 3.37 10.46 -4.71
CA ILE A 54 3.92 11.80 -4.86
C ILE A 54 5.33 11.76 -5.43
N GLY A 55 5.46 12.18 -6.69
CA GLY A 55 6.76 12.18 -7.34
C GLY A 55 6.73 11.53 -8.71
N CYS A 56 5.69 10.72 -8.95
CA CYS A 56 5.54 10.03 -10.22
C CYS A 56 4.87 10.93 -11.26
N SER A 57 5.14 10.68 -12.53
CA SER A 57 4.56 11.46 -13.61
C SER A 57 3.39 10.72 -14.26
N HIS A 58 3.41 9.40 -14.16
CA HIS A 58 2.36 8.58 -14.73
C HIS A 58 0.98 9.01 -14.22
N THR A 59 -0.05 8.73 -15.01
CA THR A 59 -1.41 9.10 -14.64
C THR A 59 -2.42 8.17 -15.30
N ASP A 60 -2.05 6.90 -15.45
CA ASP A 60 -2.93 5.91 -16.05
C ASP A 60 -2.86 4.59 -15.29
N ILE A 61 -3.85 4.36 -14.44
CA ILE A 61 -3.90 3.13 -13.65
C ILE A 61 -5.24 2.42 -13.82
N ARG A 62 -5.20 1.12 -14.06
CA ARG A 62 -6.41 0.34 -14.25
C ARG A 62 -6.45 -0.84 -13.26
N LYS A 63 -7.63 -1.10 -12.72
CA LYS A 63 -7.81 -2.20 -11.76
C LYS A 63 -7.34 -3.52 -12.36
N SER A 64 -7.37 -3.60 -13.68
CA SER A 64 -6.95 -4.82 -14.38
C SER A 64 -5.43 -4.99 -14.30
N ASP A 65 -4.72 -3.89 -14.12
CA ASP A 65 -3.27 -3.92 -14.03
C ASP A 65 -2.82 -3.95 -12.57
N LEU A 66 -3.69 -4.44 -11.70
CA LEU A 66 -3.38 -4.54 -10.27
C LEU A 66 -3.11 -5.98 -9.87
N ILE A 67 -1.95 -6.21 -9.27
CA ILE A 67 -1.58 -7.55 -8.83
C ILE A 67 -1.16 -7.55 -7.36
N GLN A 68 -1.15 -8.73 -6.76
CA GLN A 68 -0.77 -8.87 -5.36
C GLN A 68 0.72 -9.16 -5.22
N ASP A 69 1.44 -8.25 -4.55
CA ASP A 69 2.87 -8.42 -4.35
C ASP A 69 3.17 -9.30 -3.15
N GLU A 70 3.63 -10.52 -3.41
CA GLU A 70 3.95 -11.46 -2.34
C GLU A 70 5.20 -11.03 -1.59
N ALA A 71 6.24 -10.69 -2.33
CA ALA A 71 7.50 -10.25 -1.73
C ALA A 71 7.28 -9.08 -0.78
N LEU A 72 6.21 -8.32 -1.02
CA LEU A 72 5.88 -7.17 -0.18
C LEU A 72 4.97 -7.58 0.97
N ARG A 73 4.00 -8.44 0.67
CA ARG A 73 3.06 -8.91 1.69
C ARG A 73 3.80 -9.55 2.87
N ARG A 74 4.63 -10.54 2.56
CA ARG A 74 5.40 -11.24 3.59
C ARG A 74 6.20 -10.24 4.44
N ALA A 75 6.61 -9.14 3.81
CA ALA A 75 7.38 -8.12 4.51
C ALA A 75 6.56 -7.49 5.64
N ILE A 76 5.39 -6.97 5.28
CA ILE A 76 4.51 -6.33 6.26
C ILE A 76 4.20 -7.29 7.42
N GLU A 77 4.06 -8.57 7.10
CA GLU A 77 3.76 -9.58 8.11
C GLU A 77 4.97 -9.82 9.02
N ASN A 78 6.16 -9.75 8.44
CA ASN A 78 7.39 -9.96 9.19
C ASN A 78 7.62 -8.82 10.17
N HIS A 79 7.09 -7.64 9.85
CA HIS A 79 7.24 -6.48 10.72
C HIS A 79 6.12 -6.42 11.75
N ASN A 80 4.94 -6.90 11.37
CA ASN A 80 3.79 -6.90 12.26
C ASN A 80 3.95 -7.96 13.35
N LYS A 81 4.51 -9.10 12.99
CA LYS A 81 4.73 -10.19 13.93
C LYS A 81 5.60 -9.73 15.09
N LYS A 82 6.45 -8.74 14.84
CA LYS A 82 7.34 -8.22 15.87
C LYS A 82 6.55 -7.78 17.09
N ARG A 83 5.29 -7.40 16.88
CA ARG A 83 4.43 -6.96 17.97
C ARG A 83 5.02 -5.74 18.68
N HIS A 84 4.59 -4.55 18.27
CA HIS A 84 5.08 -3.31 18.86
C HIS A 84 3.92 -2.40 19.23
N ARG A 85 2.97 -2.22 18.31
CA ARG A 85 1.81 -1.38 18.55
C ARG A 85 0.60 -2.22 18.95
N HIS A 86 0.86 -3.38 19.53
CA HIS A 86 -0.22 -4.27 19.96
C HIS A 86 -1.08 -4.69 18.77
N SER A 87 -0.48 -4.73 17.59
CA SER A 87 -1.18 -5.10 16.38
C SER A 87 -1.86 -6.47 16.55
N GLU A 88 -3.05 -6.60 15.99
CA GLU A 88 -3.80 -7.85 16.07
C GLU A 88 -3.80 -8.58 14.73
N SER A 89 -3.50 -9.87 14.77
CA SER A 89 -3.46 -10.68 13.56
C SER A 89 -3.91 -12.11 13.84
N GLY A 90 -5.15 -12.25 14.28
CA GLY A 90 -5.69 -13.57 14.58
C GLY A 90 -7.18 -13.66 14.35
N PRO A 91 -7.57 -13.84 13.09
CA PRO A 91 -8.98 -13.94 12.70
C PRO A 91 -9.63 -15.24 13.19
N SER A 92 -10.61 -15.12 14.07
CA SER A 92 -11.30 -16.28 14.62
C SER A 92 -12.72 -16.37 14.07
N SER A 93 -13.08 -17.56 13.59
CA SER A 93 -14.41 -17.78 13.04
C SER A 93 -14.89 -19.20 13.31
N GLY A 94 -14.23 -20.17 12.67
CA GLY A 94 -14.60 -21.56 12.86
C GLY A 94 -14.39 -22.39 11.61
ZN ZN B . 4.16 5.47 -10.39
N GLY A 1 16.85 7.04 7.08
CA GLY A 1 17.33 5.67 7.11
C GLY A 1 17.66 5.20 8.51
N SER A 2 18.70 5.79 9.10
CA SER A 2 19.13 5.41 10.45
C SER A 2 17.97 5.56 11.43
N SER A 3 17.35 4.44 11.79
CA SER A 3 16.23 4.43 12.72
C SER A 3 15.08 5.27 12.18
N GLY A 4 13.98 5.31 12.93
CA GLY A 4 12.83 6.07 12.52
C GLY A 4 11.52 5.35 12.78
N SER A 5 10.72 5.16 11.73
CA SER A 5 9.45 4.48 11.86
C SER A 5 9.41 3.23 11.00
N SER A 6 9.94 3.33 9.79
CA SER A 6 9.97 2.21 8.86
C SER A 6 8.57 1.63 8.65
N GLY A 7 8.50 0.49 7.97
CA GLY A 7 7.21 -0.13 7.73
C GLY A 7 6.67 0.20 6.35
N PHE A 8 5.35 0.19 6.22
CA PHE A 8 4.70 0.50 4.95
C PHE A 8 3.46 1.37 5.17
N THR A 9 3.47 2.56 4.58
CA THR A 9 2.35 3.49 4.70
C THR A 9 1.79 3.86 3.34
N CYS A 10 0.46 3.93 3.25
CA CYS A 10 -0.21 4.27 2.00
C CYS A 10 -0.26 5.79 1.83
N PRO A 11 0.16 6.26 0.64
CA PRO A 11 0.16 7.69 0.30
C PRO A 11 -1.25 8.25 0.14
N ILE A 12 -2.24 7.36 0.14
CA ILE A 12 -3.63 7.76 0.00
C ILE A 12 -4.33 7.83 1.36
N THR A 13 -4.51 6.67 1.97
CA THR A 13 -5.17 6.60 3.27
C THR A 13 -4.27 7.18 4.37
N LYS A 14 -2.98 7.26 4.10
CA LYS A 14 -2.03 7.80 5.05
C LYS A 14 -1.96 6.93 6.31
N GLU A 15 -2.03 5.62 6.11
CA GLU A 15 -1.98 4.68 7.23
C GLU A 15 -1.20 3.42 6.85
N GLU A 16 -1.16 2.46 7.76
CA GLU A 16 -0.43 1.21 7.52
C GLU A 16 -1.11 0.40 6.42
N MET A 17 -0.32 -0.34 5.65
CA MET A 17 -0.84 -1.16 4.57
C MET A 17 -0.79 -2.64 4.94
N LYS A 18 -1.84 -3.36 4.59
CA LYS A 18 -1.92 -4.79 4.89
C LYS A 18 -1.97 -5.61 3.60
N LYS A 19 -2.54 -5.03 2.55
CA LYS A 19 -2.65 -5.70 1.26
C LYS A 19 -2.01 -4.86 0.16
N PRO A 20 -0.68 -4.96 0.01
CA PRO A 20 0.06 -4.22 -1.01
C PRO A 20 -0.23 -4.72 -2.42
N VAL A 21 -0.59 -3.79 -3.30
CA VAL A 21 -0.90 -4.14 -4.69
C VAL A 21 0.02 -3.39 -5.65
N LYS A 22 0.72 -4.16 -6.50
CA LYS A 22 1.64 -3.57 -7.46
C LYS A 22 0.96 -3.41 -8.82
N ASN A 23 1.25 -2.29 -9.50
CA ASN A 23 0.67 -2.02 -10.81
C ASN A 23 1.53 -2.61 -11.92
N LYS A 24 0.88 -2.98 -13.03
CA LYS A 24 1.59 -3.55 -14.17
C LYS A 24 2.08 -2.46 -15.11
N VAL A 25 1.44 -1.30 -15.05
CA VAL A 25 1.81 -0.17 -15.90
C VAL A 25 3.04 0.54 -15.35
N CYS A 26 2.90 1.15 -14.19
CA CYS A 26 4.00 1.87 -13.56
C CYS A 26 4.88 0.92 -12.76
N GLY A 27 4.29 0.29 -11.74
CA GLY A 27 5.04 -0.64 -10.92
C GLY A 27 4.93 -0.31 -9.44
N HIS A 28 4.50 0.91 -9.14
CA HIS A 28 4.37 1.36 -7.75
C HIS A 28 3.49 0.39 -6.96
N THR A 29 3.39 0.61 -5.66
CA THR A 29 2.58 -0.23 -4.79
C THR A 29 1.69 0.61 -3.88
N TYR A 30 0.46 0.13 -3.68
CA TYR A 30 -0.50 0.83 -2.83
C TYR A 30 -1.34 -0.15 -2.04
N GLU A 31 -2.22 0.39 -1.19
CA GLU A 31 -3.10 -0.45 -0.36
C GLU A 31 -4.33 -0.88 -1.14
N GLU A 32 -4.81 -2.08 -0.86
CA GLU A 32 -5.99 -2.62 -1.53
C GLU A 32 -7.16 -1.66 -1.42
N ASP A 33 -7.67 -1.51 -0.19
CA ASP A 33 -8.80 -0.61 0.05
C ASP A 33 -8.55 0.77 -0.53
N ALA A 34 -7.27 1.16 -0.58
CA ALA A 34 -6.90 2.45 -1.13
C ALA A 34 -7.14 2.51 -2.63
N ILE A 35 -6.43 1.65 -3.37
CA ILE A 35 -6.57 1.60 -4.81
C ILE A 35 -7.98 1.20 -5.23
N VAL A 36 -8.70 0.56 -4.30
CA VAL A 36 -10.06 0.12 -4.57
C VAL A 36 -11.06 1.25 -4.32
N ARG A 37 -10.81 2.03 -3.28
CA ARG A 37 -11.68 3.15 -2.92
C ARG A 37 -11.37 4.37 -3.78
N MET A 38 -10.14 4.44 -4.29
CA MET A 38 -9.73 5.56 -5.12
C MET A 38 -10.35 5.46 -6.52
N ILE A 39 -10.14 4.32 -7.17
CA ILE A 39 -10.68 4.11 -8.50
C ILE A 39 -12.19 4.28 -8.52
N GLU A 40 -12.84 3.82 -7.46
CA GLU A 40 -14.29 3.91 -7.35
C GLU A 40 -14.73 5.35 -7.05
N SER A 41 -13.85 6.09 -6.37
CA SER A 41 -14.13 7.48 -6.02
C SER A 41 -13.84 8.41 -7.19
N ARG A 42 -12.96 7.96 -8.08
CA ARG A 42 -12.59 8.76 -9.25
C ARG A 42 -13.60 8.57 -10.38
N GLN A 43 -13.88 7.31 -10.72
CA GLN A 43 -14.83 7.00 -11.78
C GLN A 43 -16.15 7.73 -11.56
N LYS A 44 -16.67 7.65 -10.34
CA LYS A 44 -17.94 8.30 -10.01
C LYS A 44 -17.87 9.79 -10.30
N ARG A 45 -16.66 10.34 -10.30
CA ARG A 45 -16.46 11.77 -10.57
C ARG A 45 -15.89 11.98 -11.96
N LYS A 46 -16.14 11.02 -12.86
CA LYS A 46 -15.65 11.11 -14.22
C LYS A 46 -14.15 11.38 -14.25
N LYS A 47 -13.44 10.91 -13.23
CA LYS A 47 -12.00 11.11 -13.13
C LYS A 47 -11.25 9.85 -13.52
N LYS A 48 -9.93 9.87 -13.36
CA LYS A 48 -9.10 8.71 -13.69
C LYS A 48 -8.12 8.41 -12.55
N ALA A 49 -7.72 7.15 -12.44
CA ALA A 49 -6.78 6.73 -11.41
C ALA A 49 -5.35 7.06 -11.81
N TYR A 50 -4.74 7.99 -11.10
CA TYR A 50 -3.36 8.39 -11.38
C TYR A 50 -2.43 8.00 -10.24
N CYS A 51 -1.16 7.81 -10.56
CA CYS A 51 -0.17 7.42 -9.55
C CYS A 51 -0.22 8.37 -8.36
N PRO A 52 -0.81 7.90 -7.25
CA PRO A 52 -0.93 8.68 -6.02
C PRO A 52 0.41 8.88 -5.32
N GLN A 53 1.41 8.12 -5.75
CA GLN A 53 2.74 8.22 -5.17
C GLN A 53 3.35 9.60 -5.44
N ILE A 54 3.36 10.44 -4.42
CA ILE A 54 3.92 11.78 -4.54
C ILE A 54 5.32 11.74 -5.12
N GLY A 55 5.46 12.18 -6.37
CA GLY A 55 6.76 12.19 -7.02
C GLY A 55 6.72 11.55 -8.39
N CYS A 56 5.67 10.76 -8.66
CA CYS A 56 5.53 10.09 -9.95
C CYS A 56 4.88 11.02 -10.96
N SER A 57 5.16 10.77 -12.24
CA SER A 57 4.60 11.60 -13.31
C SER A 57 3.45 10.88 -14.00
N HIS A 58 3.43 9.55 -13.89
CA HIS A 58 2.38 8.75 -14.50
C HIS A 58 1.00 9.16 -13.97
N THR A 59 -0.03 8.90 -14.76
CA THR A 59 -1.40 9.24 -14.37
C THR A 59 -2.40 8.34 -15.07
N ASP A 60 -2.03 7.08 -15.28
CA ASP A 60 -2.91 6.12 -15.92
C ASP A 60 -2.83 4.76 -15.24
N ILE A 61 -3.81 4.49 -14.38
CA ILE A 61 -3.86 3.23 -13.65
C ILE A 61 -5.19 2.53 -13.84
N ARG A 62 -5.15 1.24 -14.17
CA ARG A 62 -6.36 0.47 -14.38
C ARG A 62 -6.43 -0.71 -13.40
N LYS A 63 -7.62 -0.94 -12.85
CA LYS A 63 -7.82 -2.03 -11.90
C LYS A 63 -7.39 -3.37 -12.49
N SER A 64 -7.43 -3.45 -13.82
CA SER A 64 -7.04 -4.68 -14.52
C SER A 64 -5.53 -4.90 -14.42
N ASP A 65 -4.80 -3.81 -14.25
CA ASP A 65 -3.34 -3.89 -14.14
C ASP A 65 -2.90 -3.94 -12.68
N LEU A 66 -3.80 -4.38 -11.82
CA LEU A 66 -3.51 -4.47 -10.38
C LEU A 66 -3.28 -5.92 -9.97
N ILE A 67 -2.20 -6.15 -9.22
CA ILE A 67 -1.87 -7.49 -8.76
C ILE A 67 -1.46 -7.48 -7.29
N GLN A 68 -1.51 -8.66 -6.67
CA GLN A 68 -1.14 -8.78 -5.26
C GLN A 68 0.34 -9.11 -5.11
N ASP A 69 1.07 -8.24 -4.42
CA ASP A 69 2.50 -8.44 -4.21
C ASP A 69 2.74 -9.33 -2.98
N GLU A 70 3.48 -10.41 -3.18
CA GLU A 70 3.78 -11.34 -2.10
C GLU A 70 5.08 -10.95 -1.40
N ALA A 71 6.11 -10.68 -2.19
CA ALA A 71 7.40 -10.29 -1.65
C ALA A 71 7.27 -9.10 -0.69
N LEU A 72 6.25 -8.29 -0.92
CA LEU A 72 6.01 -7.11 -0.08
C LEU A 72 5.12 -7.46 1.10
N ARG A 73 4.15 -8.35 0.86
CA ARG A 73 3.23 -8.76 1.91
C ARG A 73 3.98 -9.42 3.07
N ARG A 74 4.75 -10.46 2.75
CA ARG A 74 5.51 -11.18 3.76
C ARG A 74 6.41 -10.22 4.55
N ALA A 75 6.87 -9.17 3.88
CA ALA A 75 7.73 -8.18 4.51
C ALA A 75 7.03 -7.51 5.69
N ILE A 76 5.80 -7.08 5.48
CA ILE A 76 5.03 -6.42 6.52
C ILE A 76 4.69 -7.40 7.65
N GLU A 77 4.59 -8.68 7.30
CA GLU A 77 4.28 -9.71 8.29
C GLU A 77 5.49 -10.02 9.15
N ASN A 78 6.68 -9.97 8.55
CA ASN A 78 7.92 -10.25 9.26
C ASN A 78 8.23 -9.13 10.25
N HIS A 79 7.78 -7.92 9.94
CA HIS A 79 8.02 -6.78 10.79
C HIS A 79 6.98 -6.70 11.91
N ASN A 80 5.75 -7.10 11.58
CA ASN A 80 4.66 -7.09 12.55
C ASN A 80 4.77 -8.26 13.52
N LYS A 81 5.17 -9.41 13.00
CA LYS A 81 5.31 -10.61 13.81
C LYS A 81 6.44 -10.45 14.82
N LYS A 82 7.42 -9.62 14.48
CA LYS A 82 8.56 -9.37 15.36
C LYS A 82 8.09 -8.85 16.72
N ARG A 83 7.06 -8.01 16.70
CA ARG A 83 6.52 -7.45 17.93
C ARG A 83 5.71 -8.48 18.70
N HIS A 84 5.01 -9.35 17.96
CA HIS A 84 4.21 -10.39 18.57
C HIS A 84 5.02 -11.23 19.55
N ARG A 85 4.62 -11.22 20.81
CA ARG A 85 5.31 -11.98 21.85
C ARG A 85 5.34 -13.46 21.52
N HIS A 86 6.42 -14.13 21.91
CA HIS A 86 6.57 -15.56 21.65
C HIS A 86 6.57 -15.85 20.15
N SER A 87 6.93 -17.08 19.79
CA SER A 87 6.98 -17.47 18.38
C SER A 87 6.51 -18.91 18.22
N GLU A 88 5.43 -19.09 17.46
CA GLU A 88 4.88 -20.43 17.21
C GLU A 88 5.88 -21.29 16.45
N SER A 89 5.63 -22.61 16.45
CA SER A 89 6.51 -23.55 15.77
C SER A 89 5.84 -24.09 14.51
N GLY A 90 6.66 -24.36 13.49
CA GLY A 90 6.13 -24.88 12.25
C GLY A 90 6.92 -26.08 11.74
N PRO A 91 6.60 -26.53 10.52
CA PRO A 91 7.27 -27.68 9.90
C PRO A 91 8.72 -27.38 9.52
N SER A 92 8.96 -26.14 9.11
CA SER A 92 10.30 -25.73 8.72
C SER A 92 10.42 -24.21 8.70
N SER A 93 11.08 -23.66 9.72
CA SER A 93 11.26 -22.22 9.83
C SER A 93 12.58 -21.79 9.20
N GLY A 94 12.69 -20.50 8.87
CA GLY A 94 13.90 -19.98 8.27
C GLY A 94 13.74 -18.56 7.77
ZN ZN B . 4.18 5.50 -10.28
N GLY A 1 15.75 15.91 4.58
CA GLY A 1 16.27 15.11 3.49
C GLY A 1 16.95 13.84 3.98
N SER A 2 17.07 12.85 3.09
CA SER A 2 17.69 11.58 3.43
C SER A 2 16.96 10.92 4.60
N SER A 3 15.70 10.56 4.37
CA SER A 3 14.89 9.91 5.41
C SER A 3 14.32 8.59 4.90
N GLY A 4 14.38 7.56 5.76
CA GLY A 4 13.87 6.26 5.37
C GLY A 4 12.47 6.02 5.91
N SER A 5 11.54 5.73 5.00
CA SER A 5 10.16 5.48 5.38
C SER A 5 10.07 4.36 6.42
N SER A 6 9.09 4.46 7.30
CA SER A 6 8.90 3.46 8.35
C SER A 6 7.90 2.39 7.91
N GLY A 7 8.43 1.24 7.49
CA GLY A 7 7.58 0.16 7.05
C GLY A 7 6.95 0.44 5.70
N PHE A 8 5.62 0.43 5.67
CA PHE A 8 4.88 0.69 4.43
C PHE A 8 3.66 1.55 4.69
N THR A 9 3.65 2.75 4.11
CA THR A 9 2.54 3.68 4.29
C THR A 9 1.89 4.01 2.95
N CYS A 10 0.57 4.10 2.94
CA CYS A 10 -0.17 4.42 1.73
C CYS A 10 -0.26 5.92 1.52
N PRO A 11 0.08 6.38 0.31
CA PRO A 11 0.06 7.80 -0.05
C PRO A 11 -1.36 8.34 -0.14
N ILE A 12 -2.34 7.45 -0.07
CA ILE A 12 -3.75 7.84 -0.15
C ILE A 12 -4.37 7.91 1.24
N THR A 13 -4.45 6.76 1.91
CA THR A 13 -5.03 6.69 3.24
C THR A 13 -4.10 7.30 4.28
N LYS A 14 -2.81 7.39 3.93
CA LYS A 14 -1.82 7.95 4.83
C LYS A 14 -1.69 7.12 6.10
N GLU A 15 -1.68 5.79 5.94
CA GLU A 15 -1.56 4.88 7.07
C GLU A 15 -0.94 3.57 6.64
N GLU A 16 -0.63 2.71 7.61
CA GLU A 16 -0.02 1.42 7.34
C GLU A 16 -0.87 0.63 6.35
N MET A 17 -0.21 -0.13 5.49
CA MET A 17 -0.90 -0.94 4.49
C MET A 17 -0.95 -2.41 4.92
N LYS A 18 -2.06 -3.06 4.62
CA LYS A 18 -2.24 -4.47 4.97
C LYS A 18 -2.23 -5.34 3.73
N LYS A 19 -2.78 -4.82 2.64
CA LYS A 19 -2.83 -5.56 1.38
C LYS A 19 -2.16 -4.78 0.26
N PRO A 20 -0.82 -4.89 0.19
CA PRO A 20 -0.02 -4.20 -0.84
C PRO A 20 -0.25 -4.78 -2.23
N VAL A 21 -0.53 -3.90 -3.19
CA VAL A 21 -0.77 -4.32 -4.56
C VAL A 21 0.12 -3.54 -5.54
N LYS A 22 0.81 -4.27 -6.40
CA LYS A 22 1.70 -3.65 -7.38
C LYS A 22 0.99 -3.49 -8.73
N ASN A 23 1.36 -2.46 -9.48
CA ASN A 23 0.77 -2.21 -10.78
C ASN A 23 1.63 -2.80 -11.91
N LYS A 24 1.01 -3.01 -13.06
CA LYS A 24 1.72 -3.58 -14.21
C LYS A 24 2.19 -2.47 -15.15
N VAL A 25 1.54 -1.32 -15.06
CA VAL A 25 1.89 -0.18 -15.91
C VAL A 25 3.12 0.55 -15.37
N CYS A 26 2.97 1.16 -14.20
CA CYS A 26 4.05 1.90 -13.56
C CYS A 26 4.93 0.95 -12.74
N GLY A 27 4.30 0.16 -11.88
CA GLY A 27 5.05 -0.76 -11.05
C GLY A 27 4.97 -0.40 -9.58
N HIS A 28 4.48 0.79 -9.28
CA HIS A 28 4.37 1.26 -7.91
C HIS A 28 3.53 0.29 -7.08
N THR A 29 3.37 0.61 -5.79
CA THR A 29 2.59 -0.23 -4.89
C THR A 29 1.65 0.61 -4.04
N TYR A 30 0.44 0.10 -3.81
CA TYR A 30 -0.55 0.79 -3.01
C TYR A 30 -1.38 -0.18 -2.18
N GLU A 31 -2.28 0.35 -1.37
CA GLU A 31 -3.14 -0.48 -0.53
C GLU A 31 -4.40 -0.90 -1.28
N GLU A 32 -4.89 -2.10 -0.98
CA GLU A 32 -6.09 -2.62 -1.63
C GLU A 32 -7.25 -1.65 -1.48
N ASP A 33 -7.73 -1.48 -0.26
CA ASP A 33 -8.85 -0.57 0.00
C ASP A 33 -8.58 0.80 -0.60
N ALA A 34 -7.32 1.17 -0.68
CA ALA A 34 -6.93 2.46 -1.23
C ALA A 34 -7.18 2.51 -2.73
N ILE A 35 -6.51 1.65 -3.47
CA ILE A 35 -6.67 1.59 -4.92
C ILE A 35 -8.09 1.20 -5.30
N VAL A 36 -8.80 0.58 -4.37
CA VAL A 36 -10.18 0.16 -4.60
C VAL A 36 -11.16 1.29 -4.34
N ARG A 37 -10.88 2.07 -3.29
CA ARG A 37 -11.74 3.19 -2.92
C ARG A 37 -11.45 4.41 -3.79
N MET A 38 -10.22 4.48 -4.32
CA MET A 38 -9.81 5.59 -5.16
C MET A 38 -10.45 5.48 -6.55
N ILE A 39 -10.18 4.38 -7.24
CA ILE A 39 -10.73 4.16 -8.57
C ILE A 39 -12.24 4.34 -8.58
N GLU A 40 -12.88 3.98 -7.47
CA GLU A 40 -14.33 4.12 -7.35
C GLU A 40 -14.73 5.56 -7.04
N SER A 41 -13.90 6.24 -6.26
CA SER A 41 -14.17 7.62 -5.88
C SER A 41 -13.90 8.56 -7.06
N ARG A 42 -13.06 8.13 -7.98
CA ARG A 42 -12.72 8.92 -9.16
C ARG A 42 -13.76 8.73 -10.26
N GLN A 43 -13.99 7.47 -10.63
CA GLN A 43 -14.95 7.15 -11.68
C GLN A 43 -16.30 7.80 -11.38
N LYS A 44 -16.76 7.67 -10.15
CA LYS A 44 -18.04 8.24 -9.74
C LYS A 44 -18.08 9.74 -10.01
N ARG A 45 -16.90 10.36 -10.04
CA ARG A 45 -16.80 11.79 -10.29
C ARG A 45 -16.24 12.06 -11.68
N LYS A 46 -16.43 11.10 -12.58
CA LYS A 46 -15.96 11.24 -13.95
C LYS A 46 -14.48 11.61 -13.98
N LYS A 47 -13.71 11.02 -13.08
CA LYS A 47 -12.27 11.29 -13.00
C LYS A 47 -11.46 10.07 -13.42
N LYS A 48 -10.15 10.17 -13.30
CA LYS A 48 -9.26 9.07 -13.67
C LYS A 48 -8.30 8.73 -12.53
N ALA A 49 -7.81 7.50 -12.52
CA ALA A 49 -6.89 7.05 -11.49
C ALA A 49 -5.44 7.30 -11.91
N TYR A 50 -4.76 8.18 -11.17
CA TYR A 50 -3.37 8.51 -11.47
C TYR A 50 -2.45 8.07 -10.33
N CYS A 51 -1.18 7.88 -10.65
CA CYS A 51 -0.20 7.45 -9.66
C CYS A 51 -0.25 8.35 -8.42
N PRO A 52 -0.86 7.85 -7.34
CA PRO A 52 -1.00 8.58 -6.08
C PRO A 52 0.35 8.75 -5.38
N GLN A 53 1.37 8.08 -5.88
CA GLN A 53 2.71 8.16 -5.29
C GLN A 53 3.33 9.53 -5.55
N ILE A 54 3.40 10.35 -4.51
CA ILE A 54 3.99 11.68 -4.63
C ILE A 54 5.36 11.63 -5.27
N GLY A 55 5.51 12.29 -6.41
CA GLY A 55 6.78 12.30 -7.11
C GLY A 55 6.69 11.69 -8.49
N CYS A 56 5.73 10.79 -8.68
CA CYS A 56 5.54 10.13 -9.96
C CYS A 56 4.88 11.06 -10.97
N SER A 57 5.11 10.79 -12.25
CA SER A 57 4.53 11.62 -13.31
C SER A 57 3.38 10.89 -14.01
N HIS A 58 3.42 9.56 -13.95
CA HIS A 58 2.37 8.75 -14.57
C HIS A 58 1.00 9.13 -14.04
N THR A 59 -0.03 8.91 -14.86
CA THR A 59 -1.40 9.24 -14.47
C THR A 59 -2.40 8.32 -15.18
N ASP A 60 -2.01 7.06 -15.35
CA ASP A 60 -2.88 6.09 -16.00
C ASP A 60 -2.82 4.74 -15.28
N ILE A 61 -3.81 4.48 -14.45
CA ILE A 61 -3.88 3.24 -13.70
C ILE A 61 -5.22 2.53 -13.91
N ARG A 62 -5.17 1.23 -14.15
CA ARG A 62 -6.37 0.44 -14.37
C ARG A 62 -6.45 -0.72 -13.39
N LYS A 63 -7.64 -0.96 -12.86
CA LYS A 63 -7.85 -2.05 -11.90
C LYS A 63 -7.40 -3.38 -12.48
N SER A 64 -7.41 -3.47 -13.81
CA SER A 64 -7.01 -4.70 -14.49
C SER A 64 -5.50 -4.92 -14.38
N ASP A 65 -4.77 -3.82 -14.18
CA ASP A 65 -3.32 -3.88 -14.06
C ASP A 65 -2.90 -3.94 -12.59
N LEU A 66 -3.81 -4.40 -11.74
CA LEU A 66 -3.53 -4.51 -10.31
C LEU A 66 -3.26 -5.95 -9.91
N ILE A 67 -2.11 -6.18 -9.28
CA ILE A 67 -1.73 -7.52 -8.85
C ILE A 67 -1.31 -7.52 -7.38
N GLN A 68 -1.34 -8.70 -6.77
CA GLN A 68 -0.96 -8.83 -5.36
C GLN A 68 0.52 -9.21 -5.23
N ASP A 69 1.26 -8.39 -4.49
CA ASP A 69 2.68 -8.65 -4.28
C ASP A 69 2.91 -9.47 -3.02
N GLU A 70 3.63 -10.57 -3.17
CA GLU A 70 3.92 -11.45 -2.04
C GLU A 70 5.22 -11.06 -1.37
N ALA A 71 6.22 -10.71 -2.16
CA ALA A 71 7.52 -10.30 -1.64
C ALA A 71 7.39 -9.12 -0.69
N LEU A 72 6.32 -8.33 -0.87
CA LEU A 72 6.08 -7.18 -0.02
C LEU A 72 5.21 -7.55 1.18
N ARG A 73 4.17 -8.34 0.93
CA ARG A 73 3.27 -8.77 1.99
C ARG A 73 4.04 -9.45 3.12
N ARG A 74 4.84 -10.44 2.76
CA ARG A 74 5.63 -11.18 3.74
C ARG A 74 6.45 -10.23 4.60
N ALA A 75 7.00 -9.19 3.97
CA ALA A 75 7.80 -8.21 4.69
C ALA A 75 7.00 -7.53 5.79
N ILE A 76 5.81 -7.05 5.44
CA ILE A 76 4.94 -6.39 6.40
C ILE A 76 4.61 -7.30 7.58
N GLU A 77 4.47 -8.59 7.29
CA GLU A 77 4.16 -9.57 8.32
C GLU A 77 5.38 -9.84 9.21
N ASN A 78 6.57 -9.74 8.62
CA ASN A 78 7.80 -9.97 9.35
C ASN A 78 8.08 -8.84 10.32
N HIS A 79 7.55 -7.65 10.02
CA HIS A 79 7.73 -6.49 10.87
C HIS A 79 6.58 -6.35 11.85
N ASN A 80 5.42 -6.87 11.47
CA ASN A 80 4.24 -6.80 12.32
C ASN A 80 4.32 -7.81 13.46
N LYS A 81 5.02 -8.91 13.21
CA LYS A 81 5.18 -9.95 14.22
C LYS A 81 5.77 -9.38 15.51
N LYS A 82 6.58 -8.34 15.36
CA LYS A 82 7.21 -7.69 16.51
C LYS A 82 6.17 -7.08 17.44
N ARG A 83 5.07 -6.60 16.86
CA ARG A 83 4.00 -5.99 17.63
C ARG A 83 2.66 -6.67 17.34
N HIS A 84 2.25 -7.55 18.24
CA HIS A 84 0.99 -8.27 18.07
C HIS A 84 0.18 -8.26 19.37
N ARG A 85 0.29 -7.17 20.13
CA ARG A 85 -0.42 -7.03 21.38
C ARG A 85 -0.10 -8.20 22.32
N HIS A 86 1.17 -8.30 22.72
CA HIS A 86 1.60 -9.36 23.61
C HIS A 86 1.79 -8.84 25.03
N SER A 87 1.07 -9.43 25.98
CA SER A 87 1.16 -9.02 27.38
C SER A 87 1.77 -10.13 28.24
N GLU A 88 1.23 -11.35 28.08
CA GLU A 88 1.71 -12.49 28.84
C GLU A 88 3.17 -12.81 28.49
N SER A 89 3.99 -13.02 29.51
CA SER A 89 5.40 -13.33 29.31
C SER A 89 5.64 -14.82 29.41
N GLY A 90 6.54 -15.33 28.56
CA GLY A 90 6.86 -16.75 28.57
C GLY A 90 7.72 -17.16 27.39
N PRO A 91 8.94 -16.62 27.33
CA PRO A 91 9.89 -16.91 26.25
C PRO A 91 10.42 -18.34 26.32
N SER A 92 10.79 -18.76 27.53
CA SER A 92 11.31 -20.11 27.73
C SER A 92 12.63 -20.31 26.97
N SER A 93 13.75 -20.11 27.65
CA SER A 93 15.06 -20.25 27.04
C SER A 93 16.16 -20.11 28.08
N GLY A 94 17.41 -20.29 27.64
CA GLY A 94 18.53 -20.19 28.54
C GLY A 94 18.89 -21.51 29.20
ZN ZN B . 4.12 5.50 -10.28
N GLY A 1 7.05 9.67 2.11
CA GLY A 1 6.03 10.40 2.84
C GLY A 1 6.19 11.90 2.74
N SER A 2 6.93 12.47 3.69
CA SER A 2 7.16 13.92 3.71
C SER A 2 8.10 14.30 4.85
N SER A 3 7.85 13.74 6.03
CA SER A 3 8.68 14.02 7.19
C SER A 3 8.79 12.79 8.09
N GLY A 4 9.01 11.64 7.49
CA GLY A 4 9.14 10.41 8.25
C GLY A 4 8.43 9.24 7.59
N SER A 5 8.93 8.04 7.81
CA SER A 5 8.33 6.84 7.23
C SER A 5 8.66 5.61 8.07
N SER A 6 7.82 4.59 7.96
CA SER A 6 8.02 3.35 8.71
C SER A 6 7.26 2.20 8.06
N GLY A 7 7.98 1.10 7.80
CA GLY A 7 7.36 -0.06 7.19
C GLY A 7 6.76 0.25 5.83
N PHE A 8 5.45 0.14 5.72
CA PHE A 8 4.75 0.41 4.47
C PHE A 8 3.54 1.32 4.70
N THR A 9 3.58 2.51 4.13
CA THR A 9 2.48 3.47 4.27
C THR A 9 1.92 3.88 2.91
N CYS A 10 0.60 3.89 2.81
CA CYS A 10 -0.07 4.26 1.56
C CYS A 10 -0.15 5.77 1.42
N PRO A 11 0.27 6.28 0.25
CA PRO A 11 0.27 7.71 -0.04
C PRO A 11 -1.15 8.27 -0.20
N ILE A 12 -2.12 7.37 -0.26
CA ILE A 12 -3.52 7.76 -0.40
C ILE A 12 -4.22 7.80 0.95
N THR A 13 -4.35 6.65 1.59
CA THR A 13 -5.01 6.55 2.88
C THR A 13 -4.12 7.13 3.99
N LYS A 14 -2.82 7.21 3.72
CA LYS A 14 -1.87 7.75 4.68
C LYS A 14 -1.82 6.89 5.94
N GLU A 15 -1.82 5.57 5.74
CA GLU A 15 -1.76 4.63 6.86
C GLU A 15 -1.13 3.31 6.43
N GLU A 16 -0.85 2.46 7.41
CA GLU A 16 -0.23 1.16 7.14
C GLU A 16 -1.02 0.40 6.07
N MET A 17 -0.31 -0.37 5.26
CA MET A 17 -0.93 -1.15 4.20
C MET A 17 -0.96 -2.64 4.56
N LYS A 18 -2.16 -3.22 4.53
CA LYS A 18 -2.33 -4.63 4.86
C LYS A 18 -2.28 -5.48 3.59
N LYS A 19 -2.79 -4.94 2.49
CA LYS A 19 -2.81 -5.65 1.22
C LYS A 19 -2.12 -4.83 0.13
N PRO A 20 -0.79 -4.91 0.08
CA PRO A 20 0.02 -4.19 -0.91
C PRO A 20 -0.17 -4.73 -2.32
N VAL A 21 -0.38 -3.83 -3.27
CA VAL A 21 -0.58 -4.22 -4.66
C VAL A 21 0.27 -3.36 -5.60
N LYS A 22 0.97 -4.02 -6.52
CA LYS A 22 1.82 -3.32 -7.47
C LYS A 22 1.08 -3.08 -8.79
N ASN A 23 1.44 -2.00 -9.48
CA ASN A 23 0.81 -1.67 -10.75
C ASN A 23 1.63 -2.21 -11.91
N LYS A 24 0.99 -3.01 -12.75
CA LYS A 24 1.65 -3.59 -13.91
C LYS A 24 2.01 -2.51 -14.93
N VAL A 25 1.32 -1.38 -14.86
CA VAL A 25 1.57 -0.28 -15.77
C VAL A 25 2.83 0.50 -15.37
N CYS A 26 2.76 1.15 -14.22
CA CYS A 26 3.89 1.93 -13.71
C CYS A 26 4.87 1.03 -12.97
N GLY A 27 4.39 0.40 -11.90
CA GLY A 27 5.25 -0.48 -11.12
C GLY A 27 5.21 -0.16 -9.64
N HIS A 28 4.74 1.04 -9.30
CA HIS A 28 4.65 1.46 -7.92
C HIS A 28 3.79 0.50 -7.10
N THR A 29 3.64 0.78 -5.81
CA THR A 29 2.85 -0.05 -4.93
C THR A 29 1.82 0.78 -4.16
N TYR A 30 0.63 0.21 -3.97
CA TYR A 30 -0.43 0.88 -3.25
C TYR A 30 -1.22 -0.09 -2.38
N GLU A 31 -2.17 0.44 -1.63
CA GLU A 31 -3.00 -0.39 -0.75
C GLU A 31 -4.28 -0.82 -1.46
N GLU A 32 -4.74 -2.03 -1.16
CA GLU A 32 -5.94 -2.57 -1.77
C GLU A 32 -7.12 -1.60 -1.58
N ASP A 33 -7.56 -1.46 -0.34
CA ASP A 33 -8.67 -0.57 -0.02
C ASP A 33 -8.45 0.81 -0.64
N ALA A 34 -7.19 1.21 -0.75
CA ALA A 34 -6.85 2.50 -1.31
C ALA A 34 -7.16 2.56 -2.80
N ILE A 35 -6.49 1.70 -3.57
CA ILE A 35 -6.70 1.64 -5.01
C ILE A 35 -8.12 1.24 -5.35
N VAL A 36 -8.80 0.61 -4.39
CA VAL A 36 -10.18 0.18 -4.59
C VAL A 36 -11.16 1.32 -4.29
N ARG A 37 -10.85 2.10 -3.25
CA ARG A 37 -11.71 3.21 -2.86
C ARG A 37 -11.44 4.43 -3.74
N MET A 38 -10.24 4.49 -4.31
CA MET A 38 -9.86 5.61 -5.17
C MET A 38 -10.54 5.50 -6.53
N ILE A 39 -10.31 4.38 -7.22
CA ILE A 39 -10.90 4.16 -8.53
C ILE A 39 -12.41 4.32 -8.49
N GLU A 40 -13.03 3.90 -7.39
CA GLU A 40 -14.47 4.00 -7.23
C GLU A 40 -14.88 5.43 -6.90
N SER A 41 -13.96 6.19 -6.31
CA SER A 41 -14.22 7.58 -5.95
C SER A 41 -13.99 8.51 -7.13
N ARG A 42 -13.16 8.05 -8.07
CA ARG A 42 -12.84 8.85 -9.26
C ARG A 42 -13.87 8.61 -10.35
N GLN A 43 -14.13 7.33 -10.65
CA GLN A 43 -15.09 6.97 -11.68
C GLN A 43 -16.43 7.66 -11.44
N LYS A 44 -16.88 7.63 -10.19
CA LYS A 44 -18.15 8.25 -9.83
C LYS A 44 -18.18 9.72 -10.23
N ARG A 45 -17.00 10.32 -10.33
CA ARG A 45 -16.88 11.72 -10.72
C ARG A 45 -16.29 11.86 -12.12
N LYS A 46 -16.45 10.82 -12.92
CA LYS A 46 -15.93 10.82 -14.29
C LYS A 46 -14.45 11.21 -14.30
N LYS A 47 -13.74 10.88 -13.22
CA LYS A 47 -12.33 11.18 -13.12
C LYS A 47 -11.47 9.98 -13.53
N LYS A 48 -10.16 10.13 -13.38
CA LYS A 48 -9.23 9.06 -13.73
C LYS A 48 -8.30 8.74 -12.58
N ALA A 49 -7.78 7.51 -12.55
CA ALA A 49 -6.86 7.10 -11.50
C ALA A 49 -5.41 7.32 -11.90
N TYR A 50 -4.76 8.26 -11.23
CA TYR A 50 -3.36 8.58 -11.53
C TYR A 50 -2.45 8.13 -10.39
N CYS A 51 -1.18 7.92 -10.71
CA CYS A 51 -0.19 7.49 -9.72
C CYS A 51 -0.23 8.39 -8.49
N PRO A 52 -0.85 7.89 -7.40
CA PRO A 52 -0.97 8.64 -6.15
C PRO A 52 0.38 8.79 -5.44
N GLN A 53 1.39 8.11 -5.95
CA GLN A 53 2.73 8.18 -5.37
C GLN A 53 3.36 9.53 -5.62
N ILE A 54 3.38 10.37 -4.58
CA ILE A 54 3.97 11.71 -4.68
C ILE A 54 5.38 11.64 -5.25
N GLY A 55 5.52 12.11 -6.48
CA GLY A 55 6.83 12.11 -7.12
C GLY A 55 6.80 11.49 -8.51
N CYS A 56 5.74 10.73 -8.79
CA CYS A 56 5.60 10.07 -10.08
C CYS A 56 4.92 11.00 -11.08
N SER A 57 5.10 10.72 -12.37
CA SER A 57 4.50 11.53 -13.42
C SER A 57 3.34 10.79 -14.09
N HIS A 58 3.39 9.47 -14.03
CA HIS A 58 2.34 8.64 -14.62
C HIS A 58 0.98 9.03 -14.08
N THR A 59 -0.06 8.80 -14.87
CA THR A 59 -1.43 9.12 -14.47
C THR A 59 -2.43 8.20 -15.14
N ASP A 60 -2.06 6.94 -15.30
CA ASP A 60 -2.93 5.94 -15.93
C ASP A 60 -2.88 4.62 -15.17
N ILE A 61 -3.88 4.38 -14.33
CA ILE A 61 -3.95 3.15 -13.55
C ILE A 61 -5.29 2.45 -13.75
N ARG A 62 -5.25 1.14 -13.99
CA ARG A 62 -6.46 0.37 -14.20
C ARG A 62 -6.52 -0.80 -13.22
N LYS A 63 -7.71 -1.10 -12.73
CA LYS A 63 -7.92 -2.20 -11.79
C LYS A 63 -7.39 -3.51 -12.36
N SER A 64 -7.34 -3.60 -13.68
CA SER A 64 -6.86 -4.80 -14.35
C SER A 64 -5.35 -4.95 -14.18
N ASP A 65 -4.68 -3.83 -13.96
CA ASP A 65 -3.23 -3.82 -13.76
C ASP A 65 -2.87 -3.87 -12.29
N LEU A 66 -3.78 -4.42 -11.48
CA LEU A 66 -3.55 -4.51 -10.05
C LEU A 66 -3.25 -5.96 -9.64
N ILE A 67 -2.06 -6.17 -9.07
CA ILE A 67 -1.65 -7.50 -8.64
C ILE A 67 -1.33 -7.51 -7.15
N GLN A 68 -1.26 -8.71 -6.57
CA GLN A 68 -0.96 -8.86 -5.15
C GLN A 68 0.49 -9.29 -4.95
N ASP A 69 1.32 -8.35 -4.53
CA ASP A 69 2.73 -8.62 -4.30
C ASP A 69 2.92 -9.46 -3.03
N GLU A 70 3.48 -10.66 -3.21
CA GLU A 70 3.71 -11.55 -2.08
C GLU A 70 5.02 -11.22 -1.37
N ALA A 71 6.06 -10.96 -2.16
CA ALA A 71 7.37 -10.62 -1.61
C ALA A 71 7.27 -9.43 -0.65
N LEU A 72 6.35 -8.52 -0.94
CA LEU A 72 6.15 -7.34 -0.11
C LEU A 72 5.22 -7.64 1.07
N ARG A 73 4.19 -8.44 0.80
CA ARG A 73 3.23 -8.81 1.84
C ARG A 73 3.93 -9.50 3.01
N ARG A 74 4.71 -10.53 2.70
CA ARG A 74 5.43 -11.28 3.72
C ARG A 74 6.26 -10.34 4.60
N ALA A 75 6.81 -9.30 3.98
CA ALA A 75 7.63 -8.33 4.70
C ALA A 75 6.83 -7.66 5.81
N ILE A 76 5.65 -7.14 5.46
CA ILE A 76 4.79 -6.46 6.42
C ILE A 76 4.36 -7.42 7.52
N GLU A 77 4.21 -8.69 7.17
CA GLU A 77 3.80 -9.70 8.14
C GLU A 77 4.94 -10.04 9.11
N ASN A 78 6.16 -10.09 8.58
CA ASN A 78 7.33 -10.40 9.39
C ASN A 78 7.65 -9.24 10.32
N HIS A 79 7.28 -8.03 9.92
CA HIS A 79 7.52 -6.84 10.72
C HIS A 79 6.46 -6.68 11.80
N ASN A 80 5.27 -7.20 11.54
CA ASN A 80 4.17 -7.12 12.49
C ASN A 80 4.26 -8.25 13.52
N LYS A 81 4.66 -9.43 13.06
CA LYS A 81 4.79 -10.58 13.94
C LYS A 81 5.93 -10.40 14.93
N LYS A 82 6.92 -9.60 14.53
CA LYS A 82 8.07 -9.34 15.39
C LYS A 82 7.67 -8.55 16.62
N ARG A 83 6.88 -7.50 16.43
CA ARG A 83 6.42 -6.67 17.52
C ARG A 83 7.59 -5.97 18.20
N HIS A 84 7.28 -5.06 19.12
CA HIS A 84 8.31 -4.32 19.84
C HIS A 84 8.51 -4.89 21.25
N ARG A 85 9.77 -5.08 21.63
CA ARG A 85 10.09 -5.62 22.95
C ARG A 85 9.52 -7.04 23.11
N HIS A 86 10.08 -7.97 22.36
CA HIS A 86 9.63 -9.36 22.41
C HIS A 86 10.02 -10.01 23.73
N SER A 87 9.06 -10.15 24.64
CA SER A 87 9.31 -10.75 25.94
C SER A 87 8.51 -12.04 26.11
N GLU A 88 8.77 -12.75 27.21
CA GLU A 88 8.09 -14.00 27.48
C GLU A 88 8.26 -14.98 26.32
N SER A 89 9.35 -15.72 26.33
CA SER A 89 9.63 -16.69 25.28
C SER A 89 10.29 -17.95 25.86
N GLY A 90 10.00 -19.09 25.25
CA GLY A 90 10.57 -20.35 25.71
C GLY A 90 10.42 -21.46 24.70
N PRO A 91 10.71 -22.70 25.14
CA PRO A 91 10.60 -23.88 24.27
C PRO A 91 9.16 -24.22 23.93
N SER A 92 8.97 -24.82 22.76
CA SER A 92 7.64 -25.20 22.30
C SER A 92 7.72 -26.21 21.16
N SER A 93 7.11 -27.38 21.36
CA SER A 93 7.11 -28.42 20.35
C SER A 93 5.71 -29.03 20.19
N GLY A 94 5.18 -28.95 18.97
CA GLY A 94 3.86 -29.50 18.71
C GLY A 94 3.02 -28.58 17.83
ZN ZN B . 4.18 5.59 -10.47
N GLY A 1 10.66 14.75 11.04
CA GLY A 1 11.28 14.29 12.27
C GLY A 1 11.49 12.80 12.31
N SER A 2 11.46 12.22 13.50
CA SER A 2 11.66 10.79 13.66
C SER A 2 10.33 10.10 14.03
N SER A 3 9.23 10.68 13.59
CA SER A 3 7.91 10.14 13.87
C SER A 3 7.46 9.20 12.76
N GLY A 4 8.32 8.26 12.40
CA GLY A 4 8.00 7.31 11.34
C GLY A 4 8.77 6.02 11.46
N SER A 5 8.27 4.96 10.81
CA SER A 5 8.92 3.66 10.86
C SER A 5 9.31 3.20 9.46
N SER A 6 9.98 2.06 9.38
CA SER A 6 10.41 1.51 8.10
C SER A 6 9.44 0.44 7.62
N GLY A 7 8.15 0.67 7.82
CA GLY A 7 7.14 -0.28 7.39
C GLY A 7 6.56 0.05 6.03
N PHE A 8 5.23 -0.03 5.92
CA PHE A 8 4.56 0.26 4.67
C PHE A 8 3.34 1.15 4.89
N THR A 9 3.39 2.36 4.35
CA THR A 9 2.29 3.31 4.49
C THR A 9 1.75 3.74 3.14
N CYS A 10 0.42 3.75 3.01
CA CYS A 10 -0.22 4.14 1.76
C CYS A 10 -0.26 5.66 1.62
N PRO A 11 0.18 6.17 0.46
CA PRO A 11 0.20 7.61 0.18
C PRO A 11 -1.20 8.19 0.02
N ILE A 12 -2.20 7.32 -0.01
CA ILE A 12 -3.58 7.74 -0.16
C ILE A 12 -4.27 7.87 1.20
N THR A 13 -4.37 6.75 1.91
CA THR A 13 -5.00 6.73 3.22
C THR A 13 -4.03 7.20 4.31
N LYS A 14 -2.78 7.39 3.93
CA LYS A 14 -1.76 7.84 4.86
C LYS A 14 -1.72 6.94 6.09
N GLU A 15 -2.09 5.67 5.91
CA GLU A 15 -2.10 4.72 7.01
C GLU A 15 -1.43 3.40 6.60
N GLU A 16 -1.16 2.55 7.58
CA GLU A 16 -0.52 1.26 7.31
C GLU A 16 -1.28 0.50 6.22
N MET A 17 -0.55 -0.31 5.47
CA MET A 17 -1.14 -1.10 4.40
C MET A 17 -1.22 -2.58 4.80
N LYS A 18 -2.40 -3.16 4.63
CA LYS A 18 -2.61 -4.57 4.96
C LYS A 18 -2.53 -5.44 3.71
N LYS A 19 -2.99 -4.91 2.59
CA LYS A 19 -2.98 -5.64 1.33
C LYS A 19 -2.24 -4.84 0.25
N PRO A 20 -0.91 -4.95 0.25
CA PRO A 20 -0.05 -4.26 -0.72
C PRO A 20 -0.21 -4.81 -2.13
N VAL A 21 -0.45 -3.93 -3.09
CA VAL A 21 -0.61 -4.33 -4.48
C VAL A 21 0.26 -3.49 -5.41
N LYS A 22 0.94 -4.14 -6.33
CA LYS A 22 1.81 -3.46 -7.28
C LYS A 22 1.13 -3.31 -8.63
N ASN A 23 1.54 -2.30 -9.39
CA ASN A 23 0.97 -2.04 -10.71
C ASN A 23 1.95 -2.42 -11.82
N LYS A 24 1.52 -3.31 -12.70
CA LYS A 24 2.36 -3.75 -13.81
C LYS A 24 2.66 -2.61 -14.76
N VAL A 25 1.83 -1.56 -14.71
CA VAL A 25 2.00 -0.40 -15.56
C VAL A 25 3.23 0.41 -15.14
N CYS A 26 3.16 1.00 -13.96
CA CYS A 26 4.26 1.81 -13.43
C CYS A 26 5.23 0.95 -12.63
N GLY A 27 4.70 0.27 -11.61
CA GLY A 27 5.53 -0.57 -10.77
C GLY A 27 5.38 -0.25 -9.29
N HIS A 28 4.85 0.93 -8.99
CA HIS A 28 4.66 1.35 -7.61
C HIS A 28 3.69 0.41 -6.89
N THR A 29 3.59 0.59 -5.57
CA THR A 29 2.70 -0.25 -4.76
C THR A 29 1.70 0.60 -3.99
N TYR A 30 0.50 0.07 -3.80
CA TYR A 30 -0.55 0.78 -3.08
C TYR A 30 -1.39 -0.19 -2.25
N GLU A 31 -2.31 0.37 -1.47
CA GLU A 31 -3.17 -0.45 -0.62
C GLU A 31 -4.43 -0.86 -1.37
N GLU A 32 -4.91 -2.07 -1.08
CA GLU A 32 -6.11 -2.59 -1.72
C GLU A 32 -7.28 -1.62 -1.56
N ASP A 33 -7.75 -1.47 -0.34
CA ASP A 33 -8.87 -0.58 -0.05
C ASP A 33 -8.62 0.81 -0.65
N ALA A 34 -7.35 1.19 -0.72
CA ALA A 34 -6.98 2.49 -1.27
C ALA A 34 -7.25 2.55 -2.77
N ILE A 35 -6.57 1.69 -3.52
CA ILE A 35 -6.74 1.64 -4.97
C ILE A 35 -8.16 1.25 -5.34
N VAL A 36 -8.87 0.63 -4.41
CA VAL A 36 -10.25 0.21 -4.64
C VAL A 36 -11.22 1.34 -4.35
N ARG A 37 -10.93 2.12 -3.33
CA ARG A 37 -11.79 3.24 -2.95
C ARG A 37 -11.49 4.47 -3.81
N MET A 38 -10.28 4.52 -4.35
CA MET A 38 -9.86 5.64 -5.19
C MET A 38 -10.50 5.53 -6.58
N ILE A 39 -10.26 4.42 -7.25
CA ILE A 39 -10.81 4.21 -8.60
C ILE A 39 -12.32 4.38 -8.59
N GLU A 40 -12.96 4.02 -7.48
CA GLU A 40 -14.41 4.15 -7.36
C GLU A 40 -14.81 5.59 -7.07
N SER A 41 -13.95 6.30 -6.35
CA SER A 41 -14.22 7.69 -6.00
C SER A 41 -13.93 8.61 -7.18
N ARG A 42 -13.07 8.15 -8.09
CA ARG A 42 -12.71 8.93 -9.27
C ARG A 42 -13.71 8.72 -10.40
N GLN A 43 -13.98 7.44 -10.71
CA GLN A 43 -14.92 7.10 -11.76
C GLN A 43 -16.25 7.80 -11.56
N LYS A 44 -16.72 7.83 -10.32
CA LYS A 44 -17.98 8.47 -9.98
C LYS A 44 -17.92 9.97 -10.23
N ARG A 45 -16.71 10.53 -10.18
CA ARG A 45 -16.51 11.95 -10.40
C ARG A 45 -15.95 12.22 -11.80
N LYS A 46 -16.18 11.27 -12.71
CA LYS A 46 -15.70 11.40 -14.09
C LYS A 46 -14.22 11.73 -14.11
N LYS A 47 -13.49 11.26 -13.10
CA LYS A 47 -12.05 11.49 -13.01
C LYS A 47 -11.27 10.27 -13.46
N LYS A 48 -9.96 10.30 -13.24
CA LYS A 48 -9.09 9.18 -13.61
C LYS A 48 -8.14 8.83 -12.47
N ALA A 49 -7.70 7.58 -12.43
CA ALA A 49 -6.78 7.11 -11.41
C ALA A 49 -5.33 7.35 -11.81
N TYR A 50 -4.66 8.25 -11.11
CA TYR A 50 -3.26 8.56 -11.40
C TYR A 50 -2.35 8.09 -10.28
N CYS A 51 -1.08 7.86 -10.61
CA CYS A 51 -0.11 7.40 -9.63
C CYS A 51 -0.11 8.29 -8.40
N PRO A 52 -0.73 7.79 -7.30
CA PRO A 52 -0.83 8.52 -6.05
C PRO A 52 0.52 8.65 -5.35
N GLN A 53 1.52 7.95 -5.87
CA GLN A 53 2.87 7.99 -5.29
C GLN A 53 3.52 9.34 -5.52
N ILE A 54 3.59 10.15 -4.46
CA ILE A 54 4.19 11.47 -4.55
C ILE A 54 5.57 11.41 -5.17
N GLY A 55 5.76 12.12 -6.27
CA GLY A 55 7.05 12.14 -6.95
C GLY A 55 6.98 11.51 -8.33
N CYS A 56 5.96 10.68 -8.56
CA CYS A 56 5.78 10.01 -9.84
C CYS A 56 5.09 10.93 -10.84
N SER A 57 5.28 10.65 -12.13
CA SER A 57 4.67 11.45 -13.18
C SER A 57 3.51 10.70 -13.83
N HIS A 58 3.56 9.38 -13.77
CA HIS A 58 2.50 8.55 -14.35
C HIS A 58 1.14 8.99 -13.85
N THR A 59 0.11 8.77 -14.68
CA THR A 59 -1.25 9.14 -14.32
C THR A 59 -2.26 8.25 -15.02
N ASP A 60 -1.91 6.98 -15.19
CA ASP A 60 -2.79 6.02 -15.85
C ASP A 60 -2.76 4.68 -15.12
N ILE A 61 -3.76 4.44 -14.29
CA ILE A 61 -3.85 3.19 -13.54
C ILE A 61 -5.21 2.52 -13.75
N ARG A 62 -5.17 1.21 -13.99
CA ARG A 62 -6.40 0.44 -14.21
C ARG A 62 -6.50 -0.71 -13.22
N LYS A 63 -7.71 -0.98 -12.75
CA LYS A 63 -7.95 -2.06 -11.81
C LYS A 63 -7.45 -3.39 -12.37
N SER A 64 -7.40 -3.49 -13.69
CA SER A 64 -6.95 -4.71 -14.35
C SER A 64 -5.44 -4.89 -14.18
N ASP A 65 -4.74 -3.79 -13.92
CA ASP A 65 -3.30 -3.83 -13.74
C ASP A 65 -2.95 -3.93 -12.24
N LEU A 66 -3.88 -4.44 -11.45
CA LEU A 66 -3.67 -4.60 -10.02
C LEU A 66 -3.35 -6.05 -9.66
N ILE A 67 -2.16 -6.27 -9.12
CA ILE A 67 -1.75 -7.62 -8.73
C ILE A 67 -1.38 -7.67 -7.25
N GLN A 68 -1.36 -8.87 -6.69
CA GLN A 68 -1.02 -9.06 -5.29
C GLN A 68 0.47 -9.35 -5.12
N ASP A 69 1.17 -8.43 -4.48
CA ASP A 69 2.61 -8.59 -4.26
C ASP A 69 2.88 -9.49 -3.06
N GLU A 70 3.64 -10.56 -3.29
CA GLU A 70 3.96 -11.50 -2.22
C GLU A 70 5.25 -11.10 -1.50
N ALA A 71 6.28 -10.78 -2.28
CA ALA A 71 7.57 -10.38 -1.73
C ALA A 71 7.40 -9.18 -0.79
N LEU A 72 6.35 -8.40 -1.01
CA LEU A 72 6.09 -7.23 -0.18
C LEU A 72 5.24 -7.60 1.03
N ARG A 73 4.19 -8.37 0.81
CA ARG A 73 3.31 -8.80 1.88
C ARG A 73 4.10 -9.47 3.00
N ARG A 74 4.88 -10.48 2.63
CA ARG A 74 5.68 -11.21 3.61
C ARG A 74 6.55 -10.25 4.43
N ALA A 75 6.93 -9.13 3.82
CA ALA A 75 7.75 -8.14 4.49
C ALA A 75 7.02 -7.56 5.70
N ILE A 76 5.80 -7.07 5.49
CA ILE A 76 5.02 -6.49 6.57
C ILE A 76 4.80 -7.49 7.69
N GLU A 77 4.54 -8.75 7.32
CA GLU A 77 4.32 -9.81 8.30
C GLU A 77 5.56 -10.04 9.13
N ASN A 78 6.73 -9.89 8.51
CA ASN A 78 8.00 -10.09 9.21
C ASN A 78 8.23 -8.99 10.24
N HIS A 79 7.64 -7.83 10.01
CA HIS A 79 7.78 -6.70 10.92
C HIS A 79 6.71 -6.74 12.01
N ASN A 80 5.58 -7.37 11.69
CA ASN A 80 4.48 -7.48 12.64
C ASN A 80 4.88 -8.32 13.84
N LYS A 81 5.79 -9.26 13.62
CA LYS A 81 6.27 -10.14 14.70
C LYS A 81 6.80 -9.31 15.87
N LYS A 82 7.30 -8.12 15.58
CA LYS A 82 7.84 -7.24 16.60
C LYS A 82 6.80 -6.97 17.68
N ARG A 83 5.53 -6.98 17.29
CA ARG A 83 4.44 -6.73 18.23
C ARG A 83 4.65 -5.42 18.97
N HIS A 84 5.21 -4.43 18.28
CA HIS A 84 5.46 -3.12 18.89
C HIS A 84 6.28 -3.27 20.16
N ARG A 85 7.60 -3.36 20.00
CA ARG A 85 8.50 -3.49 21.13
C ARG A 85 8.76 -2.14 21.79
N HIS A 86 7.84 -1.72 22.66
CA HIS A 86 7.97 -0.45 23.36
C HIS A 86 8.05 -0.66 24.87
N SER A 87 9.21 -1.09 25.34
CA SER A 87 9.41 -1.33 26.77
C SER A 87 10.79 -0.84 27.22
N GLU A 88 10.80 -0.06 28.30
CA GLU A 88 12.05 0.47 28.83
C GLU A 88 12.44 -0.24 30.12
N SER A 89 12.99 -1.44 29.98
CA SER A 89 13.41 -2.23 31.14
C SER A 89 14.38 -3.33 30.72
N GLY A 90 14.06 -4.01 29.62
CA GLY A 90 14.92 -5.07 29.13
C GLY A 90 15.08 -6.19 30.14
N PRO A 91 14.11 -7.10 30.20
CA PRO A 91 14.13 -8.24 31.11
C PRO A 91 15.21 -9.26 30.76
N SER A 92 16.30 -9.23 31.50
CA SER A 92 17.41 -10.16 31.27
C SER A 92 18.38 -10.16 32.45
N SER A 93 17.85 -10.48 33.62
CA SER A 93 18.66 -10.53 34.84
C SER A 93 18.80 -11.96 35.34
N GLY A 94 17.69 -12.69 35.33
CA GLY A 94 17.70 -14.07 35.80
C GLY A 94 16.32 -14.60 36.06
ZN ZN B . 4.30 5.53 -10.23
N GLY A 1 22.93 7.81 7.59
CA GLY A 1 22.97 6.42 7.99
C GLY A 1 22.59 6.23 9.46
N SER A 2 21.32 6.42 9.77
CA SER A 2 20.84 6.27 11.14
C SER A 2 19.87 5.10 11.26
N SER A 3 18.90 5.06 10.34
CA SER A 3 17.89 4.00 10.33
C SER A 3 17.07 4.03 11.62
N GLY A 4 16.21 3.03 11.78
CA GLY A 4 15.37 2.97 12.97
C GLY A 4 13.95 2.57 12.65
N SER A 5 13.05 3.56 12.61
CA SER A 5 11.65 3.30 12.32
C SER A 5 11.42 3.18 10.82
N SER A 6 10.98 2.00 10.39
CA SER A 6 10.72 1.75 8.97
C SER A 6 9.52 0.83 8.79
N GLY A 7 8.59 1.25 7.93
CA GLY A 7 7.40 0.46 7.69
C GLY A 7 6.81 0.72 6.33
N PHE A 8 5.49 0.59 6.22
CA PHE A 8 4.80 0.81 4.95
C PHE A 8 3.54 1.65 5.16
N THR A 9 3.52 2.84 4.56
CA THR A 9 2.39 3.74 4.68
C THR A 9 1.81 4.09 3.32
N CYS A 10 0.48 4.15 3.23
CA CYS A 10 -0.19 4.47 1.98
C CYS A 10 -0.28 5.98 1.78
N PRO A 11 0.14 6.44 0.59
CA PRO A 11 0.12 7.87 0.25
C PRO A 11 -1.30 8.41 0.08
N ILE A 12 -2.27 7.51 0.08
CA ILE A 12 -3.67 7.89 -0.07
C ILE A 12 -4.38 7.94 1.28
N THR A 13 -4.56 6.78 1.89
CA THR A 13 -5.23 6.69 3.19
C THR A 13 -4.35 7.30 4.29
N LYS A 14 -3.06 7.41 4.01
CA LYS A 14 -2.12 7.98 4.99
C LYS A 14 -2.05 7.11 6.24
N GLU A 15 -2.10 5.80 6.05
CA GLU A 15 -2.04 4.87 7.17
C GLU A 15 -1.22 3.63 6.80
N GLU A 16 -1.10 2.71 7.75
CA GLU A 16 -0.34 1.47 7.52
C GLU A 16 -0.98 0.65 6.41
N MET A 17 -0.16 -0.07 5.68
CA MET A 17 -0.64 -0.92 4.58
C MET A 17 -0.57 -2.39 4.96
N LYS A 18 -1.62 -3.14 4.62
CA LYS A 18 -1.67 -4.56 4.92
C LYS A 18 -1.73 -5.38 3.64
N LYS A 19 -2.32 -4.81 2.60
CA LYS A 19 -2.45 -5.48 1.32
C LYS A 19 -1.82 -4.65 0.20
N PRO A 20 -0.50 -4.76 0.04
CA PRO A 20 0.24 -4.03 -0.98
C PRO A 20 -0.06 -4.54 -2.39
N VAL A 21 -0.47 -3.63 -3.27
CA VAL A 21 -0.79 -3.98 -4.65
C VAL A 21 0.14 -3.26 -5.62
N LYS A 22 0.84 -4.05 -6.44
CA LYS A 22 1.76 -3.49 -7.43
C LYS A 22 1.09 -3.36 -8.79
N ASN A 23 1.39 -2.28 -9.50
CA ASN A 23 0.81 -2.04 -10.81
C ASN A 23 1.69 -2.63 -11.91
N LYS A 24 1.06 -3.07 -12.99
CA LYS A 24 1.78 -3.67 -14.12
C LYS A 24 2.29 -2.59 -15.07
N VAL A 25 1.62 -1.44 -15.06
CA VAL A 25 2.00 -0.33 -15.92
C VAL A 25 3.22 0.42 -15.35
N CYS A 26 3.02 1.05 -14.21
CA CYS A 26 4.10 1.80 -13.56
C CYS A 26 4.98 0.87 -12.74
N GLY A 27 4.41 0.31 -11.67
CA GLY A 27 5.17 -0.60 -10.82
C GLY A 27 5.05 -0.23 -9.35
N HIS A 28 4.60 1.00 -9.08
CA HIS A 28 4.45 1.47 -7.71
C HIS A 28 3.58 0.51 -6.89
N THR A 29 3.49 0.75 -5.60
CA THR A 29 2.70 -0.09 -4.71
C THR A 29 1.77 0.75 -3.83
N TYR A 30 0.54 0.28 -3.65
CA TYR A 30 -0.44 0.98 -2.83
C TYR A 30 -1.28 0.00 -2.02
N GLU A 31 -2.16 0.55 -1.19
CA GLU A 31 -3.02 -0.28 -0.36
C GLU A 31 -4.26 -0.75 -1.12
N GLU A 32 -4.73 -1.95 -0.82
CA GLU A 32 -5.90 -2.50 -1.49
C GLU A 32 -7.09 -1.54 -1.38
N ASP A 33 -7.60 -1.39 -0.17
CA ASP A 33 -8.74 -0.50 0.08
C ASP A 33 -8.49 0.88 -0.54
N ALA A 34 -7.22 1.28 -0.60
CA ALA A 34 -6.86 2.58 -1.16
C ALA A 34 -7.10 2.60 -2.67
N ILE A 35 -6.39 1.74 -3.39
CA ILE A 35 -6.52 1.67 -4.84
C ILE A 35 -7.93 1.24 -5.25
N VAL A 36 -8.64 0.61 -4.31
CA VAL A 36 -10.00 0.16 -4.57
C VAL A 36 -11.01 1.28 -4.33
N ARG A 37 -10.77 2.07 -3.29
CA ARG A 37 -11.66 3.18 -2.96
C ARG A 37 -11.36 4.40 -3.83
N MET A 38 -10.13 4.48 -4.34
CA MET A 38 -9.73 5.59 -5.19
C MET A 38 -10.35 5.46 -6.57
N ILE A 39 -10.12 4.31 -7.22
CA ILE A 39 -10.66 4.07 -8.55
C ILE A 39 -12.17 4.20 -8.57
N GLU A 40 -12.81 3.70 -7.50
CA GLU A 40 -14.27 3.77 -7.40
C GLU A 40 -14.74 5.21 -7.19
N SER A 41 -13.96 5.96 -6.42
CA SER A 41 -14.31 7.35 -6.13
C SER A 41 -14.09 8.23 -7.37
N ARG A 42 -13.00 7.96 -8.10
CA ARG A 42 -12.69 8.72 -9.29
C ARG A 42 -13.77 8.56 -10.35
N GLN A 43 -14.11 7.31 -10.67
CA GLN A 43 -15.14 7.03 -11.66
C GLN A 43 -16.42 7.78 -11.35
N LYS A 44 -16.73 7.91 -10.07
CA LYS A 44 -17.93 8.62 -9.64
C LYS A 44 -17.90 10.07 -10.09
N ARG A 45 -16.72 10.67 -10.06
CA ARG A 45 -16.55 12.06 -10.47
C ARG A 45 -16.01 12.15 -11.89
N LYS A 46 -16.29 11.12 -12.68
CA LYS A 46 -15.82 11.08 -14.07
C LYS A 46 -14.33 11.35 -14.16
N LYS A 47 -13.59 10.87 -13.18
CA LYS A 47 -12.14 11.05 -13.14
C LYS A 47 -11.41 9.77 -13.56
N LYS A 48 -10.09 9.78 -13.40
CA LYS A 48 -9.29 8.62 -13.75
C LYS A 48 -8.25 8.33 -12.68
N ALA A 49 -7.90 7.05 -12.51
CA ALA A 49 -6.92 6.65 -11.52
C ALA A 49 -5.51 6.97 -11.97
N TYR A 50 -4.82 7.83 -11.22
CA TYR A 50 -3.47 8.22 -11.54
C TYR A 50 -2.51 7.89 -10.40
N CYS A 51 -1.23 7.72 -10.73
CA CYS A 51 -0.22 7.40 -9.74
C CYS A 51 -0.27 8.37 -8.56
N PRO A 52 -0.84 7.91 -7.44
CA PRO A 52 -0.97 8.73 -6.23
C PRO A 52 0.37 9.00 -5.56
N GLN A 53 1.38 8.23 -5.95
CA GLN A 53 2.72 8.38 -5.39
C GLN A 53 3.30 9.75 -5.73
N ILE A 54 3.30 10.65 -4.76
CA ILE A 54 3.84 11.99 -4.96
C ILE A 54 5.24 11.95 -5.55
N GLY A 55 5.34 12.23 -6.85
CA GLY A 55 6.62 12.22 -7.52
C GLY A 55 6.56 11.57 -8.88
N CYS A 56 5.53 10.75 -9.10
CA CYS A 56 5.35 10.07 -10.37
C CYS A 56 4.62 10.95 -11.37
N SER A 57 4.92 10.76 -12.65
CA SER A 57 4.29 11.54 -13.72
C SER A 57 3.13 10.77 -14.34
N HIS A 58 3.19 9.44 -14.25
CA HIS A 58 2.16 8.59 -14.82
C HIS A 58 0.78 9.03 -14.33
N THR A 59 -0.25 8.71 -15.11
CA THR A 59 -1.61 9.07 -14.76
C THR A 59 -2.62 8.12 -15.41
N ASP A 60 -2.24 6.84 -15.51
CA ASP A 60 -3.10 5.83 -16.11
C ASP A 60 -3.04 4.53 -15.32
N ILE A 61 -4.04 4.32 -14.47
CA ILE A 61 -4.10 3.11 -13.66
C ILE A 61 -5.43 2.39 -13.83
N ARG A 62 -5.38 1.09 -14.08
CA ARG A 62 -6.58 0.29 -14.27
C ARG A 62 -6.61 -0.88 -13.29
N LYS A 63 -7.80 -1.18 -12.78
CA LYS A 63 -7.97 -2.28 -11.83
C LYS A 63 -7.44 -3.59 -12.41
N SER A 64 -7.44 -3.68 -13.74
CA SER A 64 -6.96 -4.88 -14.42
C SER A 64 -5.44 -5.00 -14.31
N ASP A 65 -4.77 -3.86 -14.12
CA ASP A 65 -3.32 -3.84 -14.00
C ASP A 65 -2.90 -3.84 -12.53
N LEU A 66 -3.77 -4.37 -11.68
CA LEU A 66 -3.49 -4.43 -10.25
C LEU A 66 -3.27 -5.87 -9.80
N ILE A 67 -2.14 -6.11 -9.14
CA ILE A 67 -1.82 -7.45 -8.66
C ILE A 67 -1.38 -7.41 -7.20
N GLN A 68 -1.47 -8.55 -6.53
CA GLN A 68 -1.08 -8.65 -5.12
C GLN A 68 0.39 -9.06 -4.99
N ASP A 69 1.21 -8.14 -4.50
CA ASP A 69 2.63 -8.41 -4.32
C ASP A 69 2.88 -9.30 -3.11
N GLU A 70 3.53 -10.43 -3.34
CA GLU A 70 3.82 -11.38 -2.26
C GLU A 70 5.07 -10.98 -1.51
N ALA A 71 6.12 -10.64 -2.24
CA ALA A 71 7.38 -10.22 -1.63
C ALA A 71 7.16 -9.11 -0.62
N LEU A 72 6.19 -8.24 -0.90
CA LEU A 72 5.87 -7.13 -0.01
C LEU A 72 4.89 -7.56 1.08
N ARG A 73 4.06 -8.54 0.77
CA ARG A 73 3.08 -9.04 1.72
C ARG A 73 3.76 -9.70 2.92
N ARG A 74 4.57 -10.72 2.63
CA ARG A 74 5.29 -11.43 3.69
C ARG A 74 6.21 -10.49 4.46
N ALA A 75 6.67 -9.44 3.78
CA ALA A 75 7.56 -8.46 4.39
C ALA A 75 6.88 -7.78 5.58
N ILE A 76 5.75 -7.13 5.33
CA ILE A 76 5.01 -6.45 6.37
C ILE A 76 4.72 -7.38 7.55
N GLU A 77 4.49 -8.65 7.24
CA GLU A 77 4.20 -9.65 8.27
C GLU A 77 5.44 -9.96 9.09
N ASN A 78 6.57 -10.10 8.40
CA ASN A 78 7.84 -10.41 9.06
C ASN A 78 8.19 -9.33 10.09
N HIS A 79 7.69 -8.12 9.86
CA HIS A 79 7.95 -7.01 10.76
C HIS A 79 6.88 -6.92 11.84
N ASN A 80 5.62 -7.08 11.44
CA ASN A 80 4.50 -7.03 12.37
C ASN A 80 4.62 -8.13 13.42
N LYS A 81 5.22 -9.24 13.04
CA LYS A 81 5.39 -10.37 13.94
C LYS A 81 6.17 -9.96 15.19
N LYS A 82 6.99 -8.92 15.05
CA LYS A 82 7.79 -8.42 16.16
C LYS A 82 6.90 -7.89 17.28
N ARG A 83 5.76 -7.32 16.90
CA ARG A 83 4.83 -6.76 17.86
C ARG A 83 3.73 -7.77 18.20
N HIS A 84 3.26 -8.49 17.18
CA HIS A 84 2.22 -9.48 17.35
C HIS A 84 2.66 -10.57 18.33
N ARG A 85 1.78 -11.53 18.59
CA ARG A 85 2.08 -12.62 19.50
C ARG A 85 2.18 -12.12 20.94
N HIS A 86 3.29 -11.46 21.25
CA HIS A 86 3.51 -10.92 22.59
C HIS A 86 2.57 -9.76 22.88
N SER A 87 1.55 -10.01 23.71
CA SER A 87 0.58 -8.98 24.05
C SER A 87 0.93 -8.33 25.39
N GLU A 88 0.22 -7.26 25.73
CA GLU A 88 0.45 -6.55 26.98
C GLU A 88 -0.10 -7.34 28.15
N SER A 89 0.37 -7.02 29.36
CA SER A 89 -0.07 -7.69 30.57
C SER A 89 -1.57 -7.48 30.79
N GLY A 90 -2.36 -8.49 30.45
CA GLY A 90 -3.79 -8.39 30.63
C GLY A 90 -4.51 -8.05 29.34
N PRO A 91 -5.86 -8.04 29.39
CA PRO A 91 -6.69 -7.73 28.23
C PRO A 91 -6.60 -6.25 27.83
N SER A 92 -6.40 -5.39 28.82
CA SER A 92 -6.29 -3.96 28.58
C SER A 92 -4.83 -3.53 28.50
N SER A 93 -4.47 -2.84 27.42
CA SER A 93 -3.11 -2.38 27.23
C SER A 93 -3.02 -0.86 27.38
N GLY A 94 -1.81 -0.36 27.60
CA GLY A 94 -1.62 1.07 27.77
C GLY A 94 -1.25 1.76 26.47
ZN ZN B . 4.11 5.49 -10.36
N GLY A 1 4.49 14.30 4.11
CA GLY A 1 5.76 14.57 4.76
C GLY A 1 6.65 13.35 4.80
N SER A 2 7.76 13.46 5.55
CA SER A 2 8.71 12.36 5.66
C SER A 2 9.41 12.39 7.02
N SER A 3 8.90 11.60 7.96
CA SER A 3 9.48 11.54 9.30
C SER A 3 8.79 10.46 10.13
N GLY A 4 9.51 9.36 10.37
CA GLY A 4 8.95 8.27 11.15
C GLY A 4 8.63 7.06 10.30
N SER A 5 8.34 7.29 9.02
CA SER A 5 8.00 6.20 8.11
C SER A 5 9.15 5.20 8.01
N SER A 6 8.84 3.94 8.27
CA SER A 6 9.84 2.88 8.21
C SER A 6 9.27 1.63 7.54
N GLY A 7 8.09 1.21 7.96
CA GLY A 7 7.46 0.03 7.39
C GLY A 7 6.81 0.32 6.06
N PHE A 8 5.48 0.28 6.02
CA PHE A 8 4.74 0.53 4.79
C PHE A 8 3.52 1.41 5.06
N THR A 9 3.51 2.61 4.48
CA THR A 9 2.41 3.54 4.66
C THR A 9 1.79 3.93 3.32
N CYS A 10 0.46 3.91 3.26
CA CYS A 10 -0.24 4.26 2.03
C CYS A 10 -0.31 5.77 1.86
N PRO A 11 0.07 6.26 0.67
CA PRO A 11 0.05 7.69 0.35
C PRO A 11 -1.37 8.24 0.24
N ILE A 12 -2.35 7.35 0.27
CA ILE A 12 -3.75 7.76 0.17
C ILE A 12 -4.39 7.85 1.56
N THR A 13 -4.39 6.74 2.28
CA THR A 13 -4.97 6.70 3.61
C THR A 13 -4.01 7.26 4.65
N LYS A 14 -2.77 7.51 4.23
CA LYS A 14 -1.76 8.05 5.12
C LYS A 14 -1.60 7.18 6.36
N GLU A 15 -1.93 5.89 6.22
CA GLU A 15 -1.82 4.95 7.33
C GLU A 15 -1.06 3.70 6.91
N GLU A 16 -1.04 2.71 7.78
CA GLU A 16 -0.34 1.45 7.51
C GLU A 16 -1.06 0.66 6.42
N MET A 17 -0.31 -0.18 5.71
CA MET A 17 -0.88 -0.99 4.64
C MET A 17 -0.97 -2.45 5.07
N LYS A 18 -2.03 -3.13 4.63
CA LYS A 18 -2.24 -4.53 4.97
C LYS A 18 -2.24 -5.40 3.71
N LYS A 19 -2.74 -4.83 2.61
CA LYS A 19 -2.79 -5.55 1.35
C LYS A 19 -2.08 -4.78 0.25
N PRO A 20 -0.74 -4.93 0.19
CA PRO A 20 0.08 -4.25 -0.81
C PRO A 20 -0.15 -4.79 -2.22
N VAL A 21 -0.48 -3.90 -3.15
CA VAL A 21 -0.71 -4.29 -4.54
C VAL A 21 0.22 -3.55 -5.48
N LYS A 22 0.94 -4.31 -6.32
CA LYS A 22 1.86 -3.73 -7.27
C LYS A 22 1.21 -3.61 -8.65
N ASN A 23 1.58 -2.57 -9.38
CA ASN A 23 1.04 -2.33 -10.71
C ASN A 23 2.01 -2.82 -11.79
N LYS A 24 1.46 -3.36 -12.88
CA LYS A 24 2.27 -3.85 -13.97
C LYS A 24 2.69 -2.73 -14.91
N VAL A 25 1.94 -1.62 -14.86
CA VAL A 25 2.24 -0.47 -15.70
C VAL A 25 3.43 0.31 -15.17
N CYS A 26 3.28 0.90 -13.98
CA CYS A 26 4.34 1.66 -13.36
C CYS A 26 5.25 0.76 -12.51
N GLY A 27 4.67 0.16 -11.48
CA GLY A 27 5.44 -0.71 -10.61
C GLY A 27 5.27 -0.37 -9.15
N HIS A 28 4.79 0.84 -8.88
CA HIS A 28 4.59 1.30 -7.50
C HIS A 28 3.68 0.33 -6.74
N THR A 29 3.51 0.58 -5.45
CA THR A 29 2.68 -0.28 -4.60
C THR A 29 1.72 0.55 -3.75
N TYR A 30 0.51 0.05 -3.58
CA TYR A 30 -0.50 0.74 -2.79
C TYR A 30 -1.36 -0.24 -2.01
N GLU A 31 -2.28 0.28 -1.21
CA GLU A 31 -3.17 -0.56 -0.42
C GLU A 31 -4.41 -0.95 -1.22
N GLU A 32 -4.90 -2.16 -0.97
CA GLU A 32 -6.08 -2.66 -1.68
C GLU A 32 -7.25 -1.68 -1.54
N ASP A 33 -7.77 -1.56 -0.32
CA ASP A 33 -8.89 -0.66 -0.06
C ASP A 33 -8.61 0.73 -0.61
N ALA A 34 -7.34 1.11 -0.64
CA ALA A 34 -6.93 2.41 -1.15
C ALA A 34 -7.15 2.50 -2.65
N ILE A 35 -6.45 1.66 -3.40
CA ILE A 35 -6.56 1.64 -4.86
C ILE A 35 -7.97 1.27 -5.29
N VAL A 36 -8.71 0.62 -4.40
CA VAL A 36 -10.08 0.21 -4.69
C VAL A 36 -11.07 1.33 -4.41
N ARG A 37 -10.82 2.08 -3.33
CA ARG A 37 -11.69 3.20 -2.97
C ARG A 37 -11.36 4.43 -3.80
N MET A 38 -10.13 4.51 -4.28
CA MET A 38 -9.70 5.65 -5.08
C MET A 38 -10.31 5.58 -6.48
N ILE A 39 -10.08 4.47 -7.17
CA ILE A 39 -10.61 4.29 -8.52
C ILE A 39 -12.13 4.47 -8.54
N GLU A 40 -12.81 3.81 -7.60
CA GLU A 40 -14.26 3.91 -7.52
C GLU A 40 -14.70 5.34 -7.24
N SER A 41 -13.92 6.04 -6.43
CA SER A 41 -14.23 7.43 -6.08
C SER A 41 -13.91 8.37 -7.23
N ARG A 42 -13.00 7.94 -8.10
CA ARG A 42 -12.60 8.75 -9.24
C ARG A 42 -13.60 8.61 -10.39
N GLN A 43 -13.84 7.37 -10.80
CA GLN A 43 -14.77 7.09 -11.89
C GLN A 43 -16.12 7.76 -11.63
N LYS A 44 -16.65 7.56 -10.43
CA LYS A 44 -17.94 8.15 -10.06
C LYS A 44 -17.91 9.66 -10.22
N ARG A 45 -16.71 10.24 -10.15
CA ARG A 45 -16.55 11.68 -10.28
C ARG A 45 -15.97 12.04 -11.64
N LYS A 46 -16.19 11.16 -12.62
CA LYS A 46 -15.68 11.38 -13.97
C LYS A 46 -14.20 11.69 -13.96
N LYS A 47 -13.44 10.93 -13.17
CA LYS A 47 -12.00 11.13 -13.07
C LYS A 47 -11.25 9.86 -13.47
N LYS A 48 -9.92 9.91 -13.37
CA LYS A 48 -9.09 8.76 -13.72
C LYS A 48 -8.08 8.47 -12.62
N ALA A 49 -7.70 7.20 -12.48
CA ALA A 49 -6.74 6.79 -11.46
C ALA A 49 -5.31 7.07 -11.91
N TYR A 50 -4.58 7.82 -11.10
CA TYR A 50 -3.20 8.16 -11.42
C TYR A 50 -2.27 7.82 -10.26
N CYS A 51 -1.00 7.63 -10.56
CA CYS A 51 0.00 7.30 -9.54
C CYS A 51 -0.07 8.28 -8.38
N PRO A 52 -0.67 7.82 -7.26
CA PRO A 52 -0.81 8.64 -6.06
C PRO A 52 0.52 8.89 -5.36
N GLN A 53 1.54 8.12 -5.74
CA GLN A 53 2.87 8.26 -5.15
C GLN A 53 3.47 9.62 -5.49
N ILE A 54 3.46 10.51 -4.51
CA ILE A 54 4.00 11.85 -4.69
C ILE A 54 5.42 11.80 -5.25
N GLY A 55 5.55 12.08 -6.55
CA GLY A 55 6.85 12.06 -7.18
C GLY A 55 6.82 11.41 -8.55
N CYS A 56 5.78 10.62 -8.80
CA CYS A 56 5.63 9.93 -10.07
C CYS A 56 4.95 10.83 -11.11
N SER A 57 5.26 10.59 -12.38
CA SER A 57 4.68 11.37 -13.46
C SER A 57 3.54 10.63 -14.14
N HIS A 58 3.55 9.30 -14.02
CA HIS A 58 2.51 8.47 -14.63
C HIS A 58 1.13 8.89 -14.13
N THR A 59 0.12 8.64 -14.95
CA THR A 59 -1.25 8.98 -14.59
C THR A 59 -2.25 8.06 -15.29
N ASP A 60 -1.90 6.79 -15.39
CA ASP A 60 -2.76 5.80 -16.03
C ASP A 60 -2.78 4.49 -15.24
N ILE A 61 -3.83 4.31 -14.44
CA ILE A 61 -3.95 3.11 -13.64
C ILE A 61 -5.31 2.43 -13.87
N ARG A 62 -5.27 1.12 -14.07
CA ARG A 62 -6.50 0.36 -14.31
C ARG A 62 -6.63 -0.77 -13.29
N LYS A 63 -7.86 -1.03 -12.87
CA LYS A 63 -8.14 -2.09 -11.89
C LYS A 63 -7.60 -3.44 -12.39
N SER A 64 -7.58 -3.60 -13.71
CA SER A 64 -7.09 -4.84 -14.31
C SER A 64 -5.58 -4.95 -14.19
N ASP A 65 -4.92 -3.80 -14.01
CA ASP A 65 -3.47 -3.76 -13.88
C ASP A 65 -3.05 -3.77 -12.41
N LEU A 66 -3.92 -4.30 -11.56
CA LEU A 66 -3.64 -4.37 -10.13
C LEU A 66 -3.45 -5.81 -9.67
N ILE A 67 -2.30 -6.07 -9.06
CA ILE A 67 -1.99 -7.42 -8.57
C ILE A 67 -1.40 -7.36 -7.16
N GLN A 68 -1.44 -8.49 -6.47
CA GLN A 68 -0.90 -8.58 -5.11
C GLN A 68 0.61 -8.83 -5.15
N ASP A 69 1.34 -8.11 -4.30
CA ASP A 69 2.78 -8.24 -4.23
C ASP A 69 3.19 -9.10 -3.03
N GLU A 70 3.45 -10.38 -3.28
CA GLU A 70 3.84 -11.31 -2.22
C GLU A 70 5.14 -10.85 -1.57
N ALA A 71 6.12 -10.47 -2.39
CA ALA A 71 7.40 -10.02 -1.88
C ALA A 71 7.23 -8.92 -0.84
N LEU A 72 6.17 -8.14 -0.97
CA LEU A 72 5.88 -7.07 -0.04
C LEU A 72 4.97 -7.53 1.09
N ARG A 73 4.01 -8.38 0.73
CA ARG A 73 3.06 -8.92 1.71
C ARG A 73 3.79 -9.62 2.85
N ARG A 74 4.81 -10.38 2.51
CA ARG A 74 5.59 -11.12 3.50
C ARG A 74 6.45 -10.16 4.32
N ALA A 75 6.92 -9.10 3.67
CA ALA A 75 7.76 -8.11 4.35
C ALA A 75 7.04 -7.51 5.54
N ILE A 76 5.81 -7.05 5.32
CA ILE A 76 5.02 -6.45 6.39
C ILE A 76 4.81 -7.43 7.53
N GLU A 77 4.61 -8.70 7.19
CA GLU A 77 4.40 -9.73 8.20
C GLU A 77 5.65 -9.94 9.03
N ASN A 78 6.81 -9.74 8.41
CA ASN A 78 8.08 -9.91 9.10
C ASN A 78 8.25 -8.88 10.21
N HIS A 79 7.58 -7.75 10.07
CA HIS A 79 7.65 -6.69 11.06
C HIS A 79 6.55 -6.85 12.11
N ASN A 80 5.41 -7.38 11.68
CA ASN A 80 4.28 -7.59 12.58
C ASN A 80 4.52 -8.80 13.48
N LYS A 81 5.07 -9.86 12.90
CA LYS A 81 5.36 -11.08 13.64
C LYS A 81 6.30 -10.79 14.81
N LYS A 82 7.21 -9.85 14.61
CA LYS A 82 8.17 -9.48 15.65
C LYS A 82 7.46 -9.12 16.95
N ARG A 83 6.22 -8.65 16.84
CA ARG A 83 5.44 -8.27 18.00
C ARG A 83 6.01 -7.02 18.66
N HIS A 84 7.12 -7.19 19.38
CA HIS A 84 7.77 -6.08 20.06
C HIS A 84 9.09 -6.52 20.69
N ARG A 85 10.16 -6.47 19.90
CA ARG A 85 11.47 -6.87 20.38
C ARG A 85 12.39 -5.66 20.51
N HIS A 86 12.64 -4.98 19.40
CA HIS A 86 13.49 -3.79 19.38
C HIS A 86 12.85 -2.65 18.61
N SER A 87 11.90 -1.98 19.24
CA SER A 87 11.21 -0.86 18.61
C SER A 87 10.98 0.28 19.60
N GLU A 88 10.47 1.39 19.10
CA GLU A 88 10.21 2.55 19.93
C GLU A 88 9.26 2.20 21.08
N SER A 89 8.35 1.28 20.83
CA SER A 89 7.38 0.85 21.83
C SER A 89 6.48 2.01 22.25
N GLY A 90 5.30 2.08 21.64
CA GLY A 90 4.36 3.14 21.95
C GLY A 90 3.63 3.65 20.72
N PRO A 91 2.63 2.89 20.27
CA PRO A 91 1.83 3.25 19.09
C PRO A 91 0.93 4.45 19.35
N SER A 92 1.18 5.54 18.63
CA SER A 92 0.39 6.76 18.79
C SER A 92 0.46 7.61 17.52
N SER A 93 0.66 6.96 16.38
CA SER A 93 0.74 7.65 15.11
C SER A 93 0.48 6.70 13.94
N GLY A 94 -0.71 6.77 13.37
CA GLY A 94 -1.06 5.90 12.26
C GLY A 94 -0.68 6.50 10.93
ZN ZN B . 4.32 5.35 -10.14
N GLY A 1 11.74 11.58 15.74
CA GLY A 1 12.96 11.51 14.95
C GLY A 1 12.81 10.64 13.72
N SER A 2 13.34 9.44 13.79
CA SER A 2 13.27 8.50 12.66
C SER A 2 13.89 7.16 13.04
N SER A 3 15.12 7.19 13.54
CA SER A 3 15.81 5.98 13.94
C SER A 3 16.25 5.18 12.71
N GLY A 4 15.28 4.61 12.00
CA GLY A 4 15.60 3.84 10.81
C GLY A 4 14.46 3.86 9.80
N SER A 5 14.48 2.90 8.88
CA SER A 5 13.45 2.81 7.85
C SER A 5 12.12 2.37 8.45
N SER A 6 11.04 2.90 7.89
CA SER A 6 9.70 2.57 8.38
C SER A 6 9.15 1.34 7.65
N GLY A 7 7.94 0.94 8.03
CA GLY A 7 7.31 -0.22 7.41
C GLY A 7 6.72 0.10 6.06
N PHE A 8 5.40 0.00 5.95
CA PHE A 8 4.71 0.28 4.70
C PHE A 8 3.48 1.16 4.94
N THR A 9 3.50 2.36 4.38
CA THR A 9 2.41 3.30 4.53
C THR A 9 1.84 3.71 3.18
N CYS A 10 0.52 3.81 3.10
CA CYS A 10 -0.15 4.20 1.87
C CYS A 10 -0.21 5.71 1.73
N PRO A 11 0.21 6.21 0.55
CA PRO A 11 0.21 7.65 0.26
C PRO A 11 -1.19 8.22 0.12
N ILE A 12 -2.19 7.34 0.07
CA ILE A 12 -3.57 7.75 -0.06
C ILE A 12 -4.26 7.80 1.30
N THR A 13 -4.45 6.63 1.90
CA THR A 13 -5.10 6.54 3.21
C THR A 13 -4.20 7.10 4.30
N LYS A 14 -2.91 7.18 4.02
CA LYS A 14 -1.94 7.69 4.99
C LYS A 14 -1.88 6.80 6.22
N GLU A 15 -2.07 5.50 6.02
CA GLU A 15 -2.03 4.54 7.11
C GLU A 15 -1.37 3.23 6.68
N GLU A 16 -1.07 2.38 7.64
CA GLU A 16 -0.43 1.10 7.36
C GLU A 16 -1.20 0.34 6.28
N MET A 17 -0.48 -0.44 5.49
CA MET A 17 -1.08 -1.23 4.42
C MET A 17 -1.12 -2.71 4.78
N LYS A 18 -2.30 -3.32 4.65
CA LYS A 18 -2.48 -4.72 4.97
C LYS A 18 -2.43 -5.57 3.70
N LYS A 19 -2.98 -5.03 2.61
CA LYS A 19 -3.01 -5.73 1.34
C LYS A 19 -2.33 -4.91 0.25
N PRO A 20 -0.99 -5.00 0.19
CA PRO A 20 -0.20 -4.26 -0.80
C PRO A 20 -0.40 -4.81 -2.21
N VAL A 21 -0.64 -3.91 -3.16
CA VAL A 21 -0.84 -4.29 -4.56
C VAL A 21 0.12 -3.54 -5.48
N LYS A 22 0.73 -4.27 -6.40
CA LYS A 22 1.66 -3.67 -7.35
C LYS A 22 1.01 -3.51 -8.73
N ASN A 23 1.41 -2.48 -9.45
CA ASN A 23 0.87 -2.21 -10.78
C ASN A 23 1.76 -2.84 -11.85
N LYS A 24 1.16 -3.11 -13.01
CA LYS A 24 1.90 -3.70 -14.12
C LYS A 24 2.43 -2.63 -15.07
N VAL A 25 1.77 -1.47 -15.07
CA VAL A 25 2.17 -0.37 -15.91
C VAL A 25 3.36 0.39 -15.32
N CYS A 26 3.15 1.02 -14.18
CA CYS A 26 4.20 1.77 -13.51
C CYS A 26 5.08 0.84 -12.67
N GLY A 27 4.44 0.10 -11.77
CA GLY A 27 5.17 -0.82 -10.91
C GLY A 27 5.10 -0.43 -9.45
N HIS A 28 4.59 0.76 -9.17
CA HIS A 28 4.45 1.24 -7.80
C HIS A 28 3.62 0.28 -6.97
N THR A 29 3.43 0.62 -5.70
CA THR A 29 2.66 -0.21 -4.78
C THR A 29 1.70 0.63 -3.95
N TYR A 30 0.49 0.11 -3.75
CA TYR A 30 -0.52 0.82 -2.96
C TYR A 30 -1.35 -0.16 -2.14
N GLU A 31 -2.26 0.38 -1.34
CA GLU A 31 -3.12 -0.44 -0.50
C GLU A 31 -4.38 -0.86 -1.25
N GLU A 32 -4.87 -2.06 -0.97
CA GLU A 32 -6.07 -2.57 -1.62
C GLU A 32 -7.23 -1.60 -1.46
N ASP A 33 -7.71 -1.47 -0.23
CA ASP A 33 -8.82 -0.56 0.05
C ASP A 33 -8.56 0.82 -0.53
N ALA A 34 -7.30 1.20 -0.60
CA ALA A 34 -6.92 2.50 -1.14
C ALA A 34 -7.19 2.57 -2.64
N ILE A 35 -6.51 1.71 -3.40
CA ILE A 35 -6.67 1.68 -4.85
C ILE A 35 -8.10 1.29 -5.23
N VAL A 36 -8.81 0.66 -4.30
CA VAL A 36 -10.17 0.24 -4.54
C VAL A 36 -11.16 1.37 -4.25
N ARG A 37 -10.87 2.14 -3.20
CA ARG A 37 -11.72 3.26 -2.82
C ARG A 37 -11.43 4.49 -3.67
N MET A 38 -10.21 4.54 -4.21
CA MET A 38 -9.80 5.67 -5.05
C MET A 38 -10.43 5.58 -6.43
N ILE A 39 -10.20 4.47 -7.12
CA ILE A 39 -10.75 4.27 -8.45
C ILE A 39 -12.26 4.44 -8.45
N GLU A 40 -12.92 3.88 -7.44
CA GLU A 40 -14.37 3.97 -7.34
C GLU A 40 -14.80 5.41 -7.06
N SER A 41 -13.91 6.18 -6.43
CA SER A 41 -14.20 7.57 -6.11
C SER A 41 -13.89 8.48 -7.30
N ARG A 42 -13.01 8.02 -8.17
CA ARG A 42 -12.64 8.79 -9.35
C ARG A 42 -13.65 8.61 -10.47
N GLN A 43 -13.91 7.35 -10.82
CA GLN A 43 -14.87 7.03 -11.87
C GLN A 43 -16.19 7.74 -11.64
N LYS A 44 -16.72 7.62 -10.43
CA LYS A 44 -17.98 8.26 -10.07
C LYS A 44 -17.93 9.76 -10.32
N ARG A 45 -16.73 10.31 -10.30
CA ARG A 45 -16.54 11.75 -10.51
C ARG A 45 -15.98 12.01 -11.91
N LYS A 46 -16.22 11.08 -12.83
CA LYS A 46 -15.75 11.21 -14.20
C LYS A 46 -14.26 11.52 -14.23
N LYS A 47 -13.51 10.86 -13.35
CA LYS A 47 -12.07 11.06 -13.27
C LYS A 47 -11.32 9.77 -13.64
N LYS A 48 -10.01 9.80 -13.50
CA LYS A 48 -9.18 8.63 -13.80
C LYS A 48 -8.20 8.35 -12.67
N ALA A 49 -7.80 7.09 -12.54
CA ALA A 49 -6.86 6.69 -11.51
C ALA A 49 -5.42 6.97 -11.93
N TYR A 50 -4.77 7.89 -11.23
CA TYR A 50 -3.39 8.26 -11.55
C TYR A 50 -2.46 7.89 -10.39
N CYS A 51 -1.17 7.72 -10.70
CA CYS A 51 -0.18 7.37 -9.70
C CYS A 51 -0.26 8.32 -8.50
N PRO A 52 -0.85 7.83 -7.40
CA PRO A 52 -1.01 8.61 -6.17
C PRO A 52 0.33 8.85 -5.47
N GLN A 53 1.36 8.14 -5.91
CA GLN A 53 2.69 8.28 -5.32
C GLN A 53 3.28 9.65 -5.64
N ILE A 54 3.27 10.54 -4.64
CA ILE A 54 3.81 11.89 -4.82
C ILE A 54 5.23 11.84 -5.39
N GLY A 55 5.36 12.21 -6.66
CA GLY A 55 6.66 12.20 -7.30
C GLY A 55 6.64 11.54 -8.65
N CYS A 56 5.62 10.73 -8.90
CA CYS A 56 5.47 10.03 -10.17
C CYS A 56 4.80 10.91 -11.21
N SER A 57 5.09 10.65 -12.48
CA SER A 57 4.52 11.43 -13.57
C SER A 57 3.35 10.67 -14.22
N HIS A 58 3.38 9.35 -14.10
CA HIS A 58 2.33 8.52 -14.68
C HIS A 58 0.95 8.99 -14.22
N THR A 59 -0.07 8.69 -15.02
CA THR A 59 -1.43 9.09 -14.70
C THR A 59 -2.45 8.15 -15.36
N ASP A 60 -2.07 6.88 -15.49
CA ASP A 60 -2.95 5.89 -16.09
C ASP A 60 -2.90 4.58 -15.32
N ILE A 61 -3.90 4.36 -14.47
CA ILE A 61 -3.97 3.14 -13.66
C ILE A 61 -5.32 2.45 -13.84
N ARG A 62 -5.28 1.14 -14.09
CA ARG A 62 -6.49 0.36 -14.28
C ARG A 62 -6.54 -0.81 -13.30
N LYS A 63 -7.74 -1.09 -12.79
CA LYS A 63 -7.91 -2.18 -11.84
C LYS A 63 -7.42 -3.50 -12.42
N SER A 64 -7.42 -3.59 -13.75
CA SER A 64 -6.97 -4.80 -14.43
C SER A 64 -5.45 -4.95 -14.32
N ASP A 65 -4.76 -3.83 -14.13
CA ASP A 65 -3.31 -3.85 -14.01
C ASP A 65 -2.89 -3.87 -12.54
N LEU A 66 -3.77 -4.38 -11.69
CA LEU A 66 -3.49 -4.47 -10.26
C LEU A 66 -3.25 -5.91 -9.84
N ILE A 67 -2.09 -6.15 -9.22
CA ILE A 67 -1.74 -7.49 -8.77
C ILE A 67 -1.30 -7.48 -7.31
N GLN A 68 -1.28 -8.65 -6.68
CA GLN A 68 -0.87 -8.77 -5.29
C GLN A 68 0.61 -9.11 -5.19
N ASP A 69 1.36 -8.25 -4.49
CA ASP A 69 2.79 -8.45 -4.31
C ASP A 69 3.06 -9.28 -3.06
N GLU A 70 3.62 -10.47 -3.26
CA GLU A 70 3.93 -11.37 -2.15
C GLU A 70 5.23 -10.95 -1.47
N ALA A 71 6.22 -10.56 -2.27
CA ALA A 71 7.51 -10.13 -1.74
C ALA A 71 7.34 -9.01 -0.73
N LEU A 72 6.26 -8.25 -0.87
CA LEU A 72 5.99 -7.14 0.04
C LEU A 72 5.11 -7.59 1.21
N ARG A 73 4.06 -8.33 0.90
CA ARG A 73 3.14 -8.83 1.92
C ARG A 73 3.90 -9.60 3.00
N ARG A 74 4.81 -10.47 2.57
CA ARG A 74 5.60 -11.27 3.50
C ARG A 74 6.52 -10.38 4.33
N ALA A 75 6.88 -9.23 3.78
CA ALA A 75 7.76 -8.29 4.47
C ALA A 75 7.03 -7.61 5.63
N ILE A 76 5.83 -7.13 5.36
CA ILE A 76 5.02 -6.46 6.38
C ILE A 76 4.83 -7.35 7.60
N GLU A 77 4.74 -8.65 7.37
CA GLU A 77 4.55 -9.61 8.45
C GLU A 77 5.87 -9.86 9.18
N ASN A 78 6.97 -9.82 8.44
CA ASN A 78 8.29 -10.04 9.01
C ASN A 78 8.62 -8.97 10.05
N HIS A 79 8.02 -7.79 9.89
CA HIS A 79 8.26 -6.68 10.81
C HIS A 79 7.19 -6.66 11.90
N ASN A 80 6.01 -7.18 11.58
CA ASN A 80 4.92 -7.22 12.54
C ASN A 80 5.21 -8.20 13.67
N LYS A 81 5.94 -9.26 13.36
CA LYS A 81 6.30 -10.27 14.35
C LYS A 81 7.08 -9.65 15.50
N LYS A 82 7.81 -8.58 15.20
CA LYS A 82 8.62 -7.89 16.21
C LYS A 82 7.72 -7.09 17.16
N ARG A 83 6.70 -6.45 16.60
CA ARG A 83 5.77 -5.65 17.39
C ARG A 83 6.50 -4.49 18.08
N HIS A 84 5.72 -3.57 18.64
CA HIS A 84 6.29 -2.41 19.32
C HIS A 84 5.90 -2.42 20.80
N ARG A 85 5.81 -3.61 21.38
CA ARG A 85 5.44 -3.74 22.79
C ARG A 85 4.04 -3.18 23.05
N HIS A 86 3.03 -3.88 22.54
CA HIS A 86 1.64 -3.46 22.72
C HIS A 86 1.04 -4.07 23.98
N SER A 87 1.24 -3.41 25.12
CA SER A 87 0.71 -3.89 26.39
C SER A 87 0.27 -2.73 27.27
N GLU A 88 1.21 -1.85 27.61
CA GLU A 88 0.91 -0.70 28.44
C GLU A 88 0.39 0.46 27.61
N SER A 89 -0.80 0.95 27.95
CA SER A 89 -1.42 2.06 27.23
C SER A 89 -1.72 3.21 28.17
N GLY A 90 -1.58 4.43 27.65
CA GLY A 90 -1.83 5.61 28.46
C GLY A 90 -1.21 6.86 27.87
N PRO A 91 0.13 6.88 27.81
CA PRO A 91 0.87 8.02 27.26
C PRO A 91 0.70 8.17 25.76
N SER A 92 0.30 7.08 25.09
CA SER A 92 0.10 7.09 23.66
C SER A 92 -1.31 7.55 23.30
N SER A 93 -1.64 7.51 22.02
CA SER A 93 -2.96 7.93 21.56
C SER A 93 -3.56 6.88 20.62
N GLY A 94 -2.73 6.36 19.72
CA GLY A 94 -3.20 5.35 18.79
C GLY A 94 -3.63 5.96 17.46
ZN ZN B . 4.13 5.43 -10.28
N GLY A 1 13.47 10.22 0.84
CA GLY A 1 12.59 10.48 1.96
C GLY A 1 12.37 9.24 2.81
N SER A 2 12.79 9.31 4.07
CA SER A 2 12.64 8.18 4.98
C SER A 2 13.55 7.02 4.58
N SER A 3 13.15 6.31 3.53
CA SER A 3 13.93 5.18 3.04
C SER A 3 14.11 4.13 4.13
N GLY A 4 13.05 3.37 4.39
CA GLY A 4 13.11 2.34 5.42
C GLY A 4 12.61 0.99 4.92
N SER A 5 13.23 -0.08 5.41
CA SER A 5 12.84 -1.43 5.01
C SER A 5 11.59 -1.89 5.75
N SER A 6 11.56 -1.64 7.06
CA SER A 6 10.42 -2.03 7.89
C SER A 6 9.42 -0.89 7.99
N GLY A 7 8.30 -1.03 7.30
CA GLY A 7 7.27 -0.01 7.33
C GLY A 7 6.70 0.28 5.96
N PHE A 8 5.38 0.24 5.85
CA PHE A 8 4.70 0.50 4.58
C PHE A 8 3.49 1.40 4.78
N THR A 9 3.53 2.58 4.18
CA THR A 9 2.43 3.54 4.28
C THR A 9 1.89 3.91 2.92
N CYS A 10 0.56 4.00 2.82
CA CYS A 10 -0.08 4.34 1.56
C CYS A 10 -0.16 5.85 1.38
N PRO A 11 0.27 6.34 0.21
CA PRO A 11 0.27 7.77 -0.11
C PRO A 11 -1.14 8.31 -0.29
N ILE A 12 -2.13 7.42 -0.32
CA ILE A 12 -3.52 7.81 -0.49
C ILE A 12 -4.23 7.90 0.86
N THR A 13 -4.37 6.76 1.52
CA THR A 13 -5.03 6.69 2.82
C THR A 13 -4.14 7.28 3.91
N LYS A 14 -2.85 7.36 3.64
CA LYS A 14 -1.89 7.90 4.60
C LYS A 14 -1.84 7.04 5.85
N GLU A 15 -1.98 5.72 5.68
CA GLU A 15 -1.95 4.79 6.80
C GLU A 15 -1.23 3.50 6.41
N GLU A 16 -1.04 2.62 7.40
CA GLU A 16 -0.37 1.35 7.15
C GLU A 16 -1.08 0.55 6.07
N MET A 17 -0.31 -0.21 5.30
CA MET A 17 -0.87 -1.01 4.22
C MET A 17 -0.87 -2.50 4.60
N LYS A 18 -2.04 -3.13 4.51
CA LYS A 18 -2.17 -4.53 4.85
C LYS A 18 -2.12 -5.40 3.59
N LYS A 19 -2.64 -4.86 2.49
CA LYS A 19 -2.63 -5.58 1.21
C LYS A 19 -1.95 -4.77 0.13
N PRO A 20 -0.61 -4.85 0.08
CA PRO A 20 0.20 -4.13 -0.91
C PRO A 20 0.01 -4.67 -2.32
N VAL A 21 -0.25 -3.78 -3.27
CA VAL A 21 -0.44 -4.18 -4.65
C VAL A 21 0.41 -3.34 -5.60
N LYS A 22 1.09 -4.00 -6.53
CA LYS A 22 1.94 -3.31 -7.48
C LYS A 22 1.20 -3.05 -8.80
N ASN A 23 1.57 -1.97 -9.48
CA ASN A 23 0.92 -1.62 -10.75
C ASN A 23 1.74 -2.15 -11.92
N LYS A 24 1.10 -2.98 -12.75
CA LYS A 24 1.76 -3.55 -13.91
C LYS A 24 2.11 -2.48 -14.93
N VAL A 25 1.44 -1.33 -14.83
CA VAL A 25 1.67 -0.22 -15.74
C VAL A 25 2.91 0.57 -15.33
N CYS A 26 2.83 1.22 -14.18
CA CYS A 26 3.95 2.00 -13.67
C CYS A 26 4.95 1.12 -12.93
N GLY A 27 4.46 0.45 -11.88
CA GLY A 27 5.33 -0.42 -11.11
C GLY A 27 5.28 -0.11 -9.62
N HIS A 28 4.81 1.10 -9.28
CA HIS A 28 4.72 1.52 -7.89
C HIS A 28 3.85 0.55 -7.09
N THR A 29 3.69 0.83 -5.80
CA THR A 29 2.89 -0.01 -4.92
C THR A 29 1.85 0.82 -4.17
N TYR A 30 0.67 0.24 -3.98
CA TYR A 30 -0.40 0.93 -3.27
C TYR A 30 -1.18 -0.05 -2.40
N GLU A 31 -2.13 0.48 -1.62
CA GLU A 31 -2.95 -0.35 -0.74
C GLU A 31 -4.23 -0.80 -1.45
N GLU A 32 -4.66 -2.02 -1.15
CA GLU A 32 -5.88 -2.56 -1.76
C GLU A 32 -7.06 -1.61 -1.57
N ASP A 33 -7.50 -1.47 -0.33
CA ASP A 33 -8.62 -0.58 -0.01
C ASP A 33 -8.42 0.79 -0.63
N ALA A 34 -7.16 1.21 -0.74
CA ALA A 34 -6.83 2.51 -1.32
C ALA A 34 -7.15 2.54 -2.80
N ILE A 35 -6.47 1.69 -3.57
CA ILE A 35 -6.67 1.63 -5.01
C ILE A 35 -8.11 1.21 -5.34
N VAL A 36 -8.78 0.58 -4.38
CA VAL A 36 -10.15 0.13 -4.57
C VAL A 36 -11.14 1.26 -4.27
N ARG A 37 -10.83 2.04 -3.25
CA ARG A 37 -11.70 3.16 -2.86
C ARG A 37 -11.45 4.38 -3.73
N MET A 38 -10.25 4.45 -4.31
CA MET A 38 -9.89 5.56 -5.18
C MET A 38 -10.57 5.44 -6.54
N ILE A 39 -10.31 4.34 -7.23
CA ILE A 39 -10.88 4.10 -8.54
C ILE A 39 -12.40 4.25 -8.50
N GLU A 40 -13.00 3.87 -7.38
CA GLU A 40 -14.45 3.97 -7.22
C GLU A 40 -14.86 5.40 -6.87
N SER A 41 -13.95 6.12 -6.24
CA SER A 41 -14.22 7.51 -5.84
C SER A 41 -14.02 8.46 -7.01
N ARG A 42 -13.20 8.04 -7.97
CA ARG A 42 -12.92 8.86 -9.15
C ARG A 42 -13.96 8.61 -10.24
N GLN A 43 -14.18 7.34 -10.56
CA GLN A 43 -15.15 6.97 -11.59
C GLN A 43 -16.51 7.60 -11.31
N LYS A 44 -16.90 7.60 -10.04
CA LYS A 44 -18.19 8.17 -9.64
C LYS A 44 -18.23 9.67 -9.90
N ARG A 45 -17.05 10.29 -9.95
CA ARG A 45 -16.95 11.72 -10.20
C ARG A 45 -16.39 11.99 -11.59
N LYS A 46 -16.53 11.01 -12.47
CA LYS A 46 -16.04 11.14 -13.85
C LYS A 46 -14.57 11.57 -13.86
N LYS A 47 -13.76 10.90 -13.04
CA LYS A 47 -12.34 11.20 -12.96
C LYS A 47 -11.49 10.01 -13.40
N LYS A 48 -10.18 10.17 -13.33
CA LYS A 48 -9.27 9.10 -13.72
C LYS A 48 -8.29 8.78 -12.59
N ALA A 49 -7.86 7.52 -12.52
CA ALA A 49 -6.93 7.09 -11.49
C ALA A 49 -5.48 7.35 -11.92
N TYR A 50 -4.83 8.28 -11.24
CA TYR A 50 -3.45 8.63 -11.55
C TYR A 50 -2.52 8.18 -10.43
N CYS A 51 -1.25 7.95 -10.78
CA CYS A 51 -0.26 7.51 -9.81
C CYS A 51 -0.25 8.42 -8.59
N PRO A 52 -0.85 7.92 -7.48
CA PRO A 52 -0.92 8.67 -6.23
C PRO A 52 0.44 8.82 -5.55
N GLN A 53 1.44 8.12 -6.08
CA GLN A 53 2.79 8.17 -5.53
C GLN A 53 3.42 9.54 -5.78
N ILE A 54 3.52 10.34 -4.73
CA ILE A 54 4.11 11.66 -4.83
C ILE A 54 5.48 11.61 -5.50
N GLY A 55 5.61 12.32 -6.62
CA GLY A 55 6.87 12.34 -7.33
C GLY A 55 6.76 11.72 -8.71
N CYS A 56 5.75 10.87 -8.90
CA CYS A 56 5.54 10.20 -10.18
C CYS A 56 4.80 11.13 -11.16
N SER A 57 4.96 10.85 -12.45
CA SER A 57 4.31 11.65 -13.48
C SER A 57 3.16 10.89 -14.12
N HIS A 58 3.24 9.56 -14.07
CA HIS A 58 2.20 8.72 -14.65
C HIS A 58 0.83 9.09 -14.09
N THR A 59 -0.21 8.85 -14.88
CA THR A 59 -1.58 9.16 -14.46
C THR A 59 -2.58 8.22 -15.13
N ASP A 60 -2.18 6.97 -15.29
CA ASP A 60 -3.05 5.97 -15.92
C ASP A 60 -2.97 4.64 -15.18
N ILE A 61 -3.96 4.38 -14.33
CA ILE A 61 -3.99 3.14 -13.56
C ILE A 61 -5.32 2.42 -13.74
N ARG A 62 -5.25 1.11 -14.00
CA ARG A 62 -6.46 0.31 -14.19
C ARG A 62 -6.49 -0.85 -13.21
N LYS A 63 -7.69 -1.19 -12.73
CA LYS A 63 -7.86 -2.28 -11.78
C LYS A 63 -7.29 -3.58 -12.36
N SER A 64 -7.25 -3.67 -13.68
CA SER A 64 -6.74 -4.86 -14.35
C SER A 64 -5.22 -4.99 -14.16
N ASP A 65 -4.57 -3.85 -13.91
CA ASP A 65 -3.14 -3.83 -13.70
C ASP A 65 -2.80 -3.87 -12.22
N LEU A 66 -3.70 -4.44 -11.43
CA LEU A 66 -3.50 -4.54 -9.98
C LEU A 66 -3.21 -5.98 -9.58
N ILE A 67 -2.04 -6.19 -8.98
CA ILE A 67 -1.65 -7.52 -8.54
C ILE A 67 -1.29 -7.53 -7.06
N GLN A 68 -1.24 -8.71 -6.46
CA GLN A 68 -0.91 -8.86 -5.05
C GLN A 68 0.54 -9.29 -4.87
N ASP A 69 1.40 -8.34 -4.52
CA ASP A 69 2.81 -8.63 -4.31
C ASP A 69 3.01 -9.47 -3.06
N GLU A 70 3.33 -10.74 -3.25
CA GLU A 70 3.55 -11.66 -2.13
C GLU A 70 4.86 -11.32 -1.41
N ALA A 71 5.92 -11.12 -2.20
CA ALA A 71 7.23 -10.79 -1.63
C ALA A 71 7.13 -9.60 -0.69
N LEU A 72 6.33 -8.62 -1.06
CA LEU A 72 6.15 -7.41 -0.26
C LEU A 72 5.17 -7.66 0.88
N ARG A 73 4.12 -8.43 0.59
CA ARG A 73 3.11 -8.75 1.58
C ARG A 73 3.72 -9.36 2.83
N ARG A 74 4.44 -10.47 2.65
CA ARG A 74 5.08 -11.15 3.76
C ARG A 74 5.96 -10.19 4.55
N ALA A 75 6.51 -9.19 3.86
CA ALA A 75 7.37 -8.20 4.50
C ALA A 75 6.64 -7.50 5.66
N ILE A 76 5.49 -6.91 5.36
CA ILE A 76 4.71 -6.22 6.37
C ILE A 76 4.34 -7.15 7.52
N GLU A 77 3.95 -8.38 7.18
CA GLU A 77 3.57 -9.36 8.18
C GLU A 77 4.72 -9.59 9.16
N ASN A 78 5.95 -9.37 8.71
CA ASN A 78 7.12 -9.55 9.54
C ASN A 78 7.19 -8.49 10.63
N HIS A 79 6.64 -7.31 10.34
CA HIS A 79 6.64 -6.22 11.30
C HIS A 79 5.49 -6.36 12.29
N ASN A 80 4.40 -6.99 11.84
CA ASN A 80 3.23 -7.19 12.68
C ASN A 80 3.41 -8.42 13.57
N LYS A 81 3.96 -9.48 12.99
CA LYS A 81 4.19 -10.73 13.71
C LYS A 81 5.15 -10.52 14.87
N LYS A 82 6.07 -9.57 14.72
CA LYS A 82 7.04 -9.25 15.75
C LYS A 82 6.42 -8.40 16.86
N ARG A 83 5.64 -7.39 16.46
CA ARG A 83 4.99 -6.52 17.41
C ARG A 83 3.61 -6.10 16.90
N HIS A 84 2.70 -5.82 17.84
CA HIS A 84 1.35 -5.41 17.49
C HIS A 84 0.62 -4.86 18.70
N ARG A 85 -0.53 -4.23 18.47
CA ARG A 85 -1.33 -3.66 19.55
C ARG A 85 -1.89 -4.75 20.45
N HIS A 86 -2.19 -5.90 19.86
CA HIS A 86 -2.74 -7.02 20.62
C HIS A 86 -1.69 -8.12 20.78
N SER A 87 -1.47 -8.52 22.02
CA SER A 87 -0.48 -9.56 22.32
C SER A 87 -1.16 -10.78 22.95
N GLU A 88 -1.46 -11.77 22.11
CA GLU A 88 -2.11 -12.99 22.57
C GLU A 88 -1.34 -14.22 22.11
N SER A 89 -0.98 -15.08 23.06
CA SER A 89 -0.23 -16.29 22.76
C SER A 89 -1.02 -17.53 23.18
N GLY A 90 -2.09 -17.82 22.46
CA GLY A 90 -2.91 -18.98 22.77
C GLY A 90 -2.23 -20.28 22.42
N PRO A 91 -2.94 -21.40 22.63
CA PRO A 91 -2.41 -22.73 22.34
C PRO A 91 -2.25 -22.99 20.84
N SER A 92 -1.05 -22.72 20.32
CA SER A 92 -0.77 -22.91 18.91
C SER A 92 0.52 -23.70 18.71
N SER A 93 0.54 -24.55 17.69
CA SER A 93 1.72 -25.37 17.39
C SER A 93 2.97 -24.50 17.31
N GLY A 94 3.91 -24.74 18.22
CA GLY A 94 5.14 -23.98 18.24
C GLY A 94 6.36 -24.85 18.55
ZN ZN B . 4.17 5.68 -10.42
N GLY A 1 15.07 16.95 4.25
CA GLY A 1 14.02 16.12 4.80
C GLY A 1 14.55 14.80 5.33
N SER A 2 13.72 14.10 6.10
CA SER A 2 14.10 12.82 6.68
C SER A 2 13.11 11.73 6.31
N SER A 3 13.54 10.81 5.45
CA SER A 3 12.69 9.70 5.01
C SER A 3 13.25 8.36 5.46
N GLY A 4 13.67 8.30 6.73
CA GLY A 4 14.22 7.07 7.27
C GLY A 4 13.19 6.26 8.03
N SER A 5 12.16 5.80 7.33
CA SER A 5 11.10 5.01 7.94
C SER A 5 11.22 3.54 7.54
N SER A 6 10.93 2.66 8.49
CA SER A 6 11.01 1.22 8.25
C SER A 6 9.62 0.60 8.24
N GLY A 7 8.87 0.86 7.17
CA GLY A 7 7.53 0.33 7.06
C GLY A 7 6.90 0.61 5.70
N PHE A 8 5.57 0.49 5.63
CA PHE A 8 4.85 0.73 4.38
C PHE A 8 3.64 1.62 4.63
N THR A 9 3.66 2.80 4.03
CA THR A 9 2.56 3.75 4.19
C THR A 9 1.98 4.14 2.83
N CYS A 10 0.65 4.15 2.75
CA CYS A 10 -0.03 4.49 1.51
C CYS A 10 -0.13 6.01 1.35
N PRO A 11 0.26 6.51 0.17
CA PRO A 11 0.23 7.95 -0.13
C PRO A 11 -1.20 8.47 -0.28
N ILE A 12 -2.16 7.56 -0.33
CA ILE A 12 -3.56 7.93 -0.46
C ILE A 12 -4.25 7.98 0.90
N THR A 13 -4.35 6.82 1.54
CA THR A 13 -4.98 6.72 2.85
C THR A 13 -4.10 7.34 3.93
N LYS A 14 -2.81 7.44 3.64
CA LYS A 14 -1.86 8.00 4.60
C LYS A 14 -1.78 7.16 5.87
N GLU A 15 -1.76 5.84 5.69
CA GLU A 15 -1.67 4.92 6.82
C GLU A 15 -1.01 3.61 6.40
N GLU A 16 -0.72 2.76 7.38
CA GLU A 16 -0.09 1.48 7.12
C GLU A 16 -0.86 0.70 6.06
N MET A 17 -0.13 -0.09 5.26
CA MET A 17 -0.75 -0.88 4.20
C MET A 17 -0.76 -2.36 4.58
N LYS A 18 -1.95 -2.95 4.60
CA LYS A 18 -2.11 -4.36 4.94
C LYS A 18 -2.08 -5.23 3.69
N LYS A 19 -2.60 -4.69 2.59
CA LYS A 19 -2.63 -5.41 1.32
C LYS A 19 -1.94 -4.61 0.22
N PRO A 20 -0.60 -4.71 0.16
CA PRO A 20 0.20 -4.01 -0.85
C PRO A 20 -0.02 -4.56 -2.26
N VAL A 21 -0.27 -3.68 -3.21
CA VAL A 21 -0.49 -4.07 -4.59
C VAL A 21 0.37 -3.25 -5.54
N LYS A 22 1.04 -3.93 -6.47
CA LYS A 22 1.89 -3.26 -7.44
C LYS A 22 1.15 -3.02 -8.75
N ASN A 23 1.53 -1.97 -9.46
CA ASN A 23 0.90 -1.63 -10.73
C ASN A 23 1.71 -2.16 -11.90
N LYS A 24 1.08 -3.02 -12.71
CA LYS A 24 1.73 -3.59 -13.86
C LYS A 24 2.10 -2.53 -14.89
N VAL A 25 1.41 -1.39 -14.82
CA VAL A 25 1.67 -0.29 -15.74
C VAL A 25 2.91 0.49 -15.31
N CYS A 26 2.83 1.16 -14.16
CA CYS A 26 3.95 1.94 -13.66
C CYS A 26 4.94 1.05 -12.89
N GLY A 27 4.45 0.42 -11.83
CA GLY A 27 5.31 -0.44 -11.03
C GLY A 27 5.26 -0.10 -9.56
N HIS A 28 4.81 1.10 -9.24
CA HIS A 28 4.72 1.55 -7.86
C HIS A 28 3.85 0.60 -7.04
N THR A 29 3.71 0.90 -5.75
CA THR A 29 2.90 0.07 -4.85
C THR A 29 1.87 0.91 -4.11
N TYR A 30 0.69 0.33 -3.91
CA TYR A 30 -0.39 1.03 -3.21
C TYR A 30 -1.18 0.06 -2.34
N GLU A 31 -2.12 0.59 -1.57
CA GLU A 31 -2.94 -0.21 -0.69
C GLU A 31 -4.22 -0.67 -1.39
N GLU A 32 -4.67 -1.88 -1.08
CA GLU A 32 -5.87 -2.43 -1.69
C GLU A 32 -7.05 -1.48 -1.51
N ASP A 33 -7.51 -1.32 -0.27
CA ASP A 33 -8.62 -0.43 0.03
C ASP A 33 -8.41 0.94 -0.60
N ALA A 34 -7.16 1.35 -0.71
CA ALA A 34 -6.82 2.64 -1.30
C ALA A 34 -7.13 2.66 -2.80
N ILE A 35 -6.46 1.80 -3.55
CA ILE A 35 -6.66 1.72 -4.99
C ILE A 35 -8.08 1.31 -5.32
N VAL A 36 -8.76 0.70 -4.35
CA VAL A 36 -10.13 0.24 -4.54
C VAL A 36 -11.12 1.37 -4.25
N ARG A 37 -10.83 2.17 -3.24
CA ARG A 37 -11.68 3.28 -2.87
C ARG A 37 -11.43 4.50 -3.76
N MET A 38 -10.23 4.55 -4.33
CA MET A 38 -9.86 5.66 -5.21
C MET A 38 -10.53 5.52 -6.57
N ILE A 39 -10.30 4.39 -7.23
CA ILE A 39 -10.88 4.14 -8.54
C ILE A 39 -12.41 4.28 -8.50
N GLU A 40 -13.01 3.79 -7.43
CA GLU A 40 -14.46 3.86 -7.27
C GLU A 40 -14.91 5.30 -7.04
N SER A 41 -14.12 6.04 -6.26
CA SER A 41 -14.45 7.42 -5.96
C SER A 41 -14.21 8.32 -7.17
N ARG A 42 -13.33 7.86 -8.07
CA ARG A 42 -13.01 8.62 -9.27
C ARG A 42 -13.99 8.30 -10.39
N GLN A 43 -14.15 7.01 -10.67
CA GLN A 43 -15.06 6.56 -11.72
C GLN A 43 -16.46 7.16 -11.54
N LYS A 44 -16.93 7.18 -10.29
CA LYS A 44 -18.24 7.73 -9.98
C LYS A 44 -18.36 9.17 -10.46
N ARG A 45 -17.22 9.84 -10.58
CA ARG A 45 -17.20 11.23 -11.03
C ARG A 45 -16.52 11.35 -12.38
N LYS A 46 -16.51 10.25 -13.14
CA LYS A 46 -15.90 10.23 -14.46
C LYS A 46 -14.47 10.76 -14.40
N LYS A 47 -13.80 10.50 -13.28
CA LYS A 47 -12.43 10.96 -13.10
C LYS A 47 -11.43 9.89 -13.56
N LYS A 48 -10.16 10.17 -13.42
CA LYS A 48 -9.11 9.23 -13.82
C LYS A 48 -8.16 8.94 -12.66
N ALA A 49 -7.73 7.69 -12.55
CA ALA A 49 -6.83 7.28 -11.48
C ALA A 49 -5.37 7.48 -11.90
N TYR A 50 -4.69 8.39 -11.23
CA TYR A 50 -3.30 8.69 -11.53
C TYR A 50 -2.39 8.23 -10.39
N CYS A 51 -1.12 8.00 -10.72
CA CYS A 51 -0.14 7.56 -9.72
C CYS A 51 -0.16 8.47 -8.50
N PRO A 52 -0.78 7.99 -7.41
CA PRO A 52 -0.88 8.74 -6.15
C PRO A 52 0.46 8.87 -5.46
N GLN A 53 1.47 8.17 -5.96
CA GLN A 53 2.80 8.21 -5.38
C GLN A 53 3.45 9.57 -5.62
N ILE A 54 3.50 10.39 -4.58
CA ILE A 54 4.10 11.72 -4.68
C ILE A 54 5.50 11.64 -5.28
N GLY A 55 5.64 12.13 -6.50
CA GLY A 55 6.93 12.11 -7.17
C GLY A 55 6.87 11.51 -8.56
N CYS A 56 5.80 10.75 -8.82
CA CYS A 56 5.61 10.11 -10.11
C CYS A 56 4.91 11.05 -11.09
N SER A 57 5.05 10.75 -12.38
CA SER A 57 4.42 11.56 -13.42
C SER A 57 3.27 10.81 -14.09
N HIS A 58 3.34 9.48 -14.05
CA HIS A 58 2.31 8.65 -14.65
C HIS A 58 0.93 9.04 -14.13
N THR A 59 -0.10 8.79 -14.94
CA THR A 59 -1.47 9.12 -14.57
C THR A 59 -2.46 8.16 -15.23
N ASP A 60 -2.07 6.90 -15.36
CA ASP A 60 -2.93 5.89 -15.97
C ASP A 60 -2.87 4.58 -15.20
N ILE A 61 -3.87 4.35 -14.36
CA ILE A 61 -3.94 3.13 -13.55
C ILE A 61 -5.28 2.43 -13.75
N ARG A 62 -5.21 1.12 -13.98
CA ARG A 62 -6.41 0.32 -14.18
C ARG A 62 -6.46 -0.84 -13.19
N LYS A 63 -7.67 -1.15 -12.72
CA LYS A 63 -7.85 -2.23 -11.75
C LYS A 63 -7.31 -3.55 -12.31
N SER A 64 -7.26 -3.65 -13.64
CA SER A 64 -6.76 -4.85 -14.30
C SER A 64 -5.25 -4.98 -14.12
N ASP A 65 -4.59 -3.84 -13.91
CA ASP A 65 -3.14 -3.83 -13.72
C ASP A 65 -2.78 -3.85 -12.24
N LEU A 66 -3.68 -4.38 -11.42
CA LEU A 66 -3.46 -4.47 -9.98
C LEU A 66 -3.17 -5.90 -9.55
N ILE A 67 -1.99 -6.12 -8.98
CA ILE A 67 -1.60 -7.43 -8.53
C ILE A 67 -1.19 -7.41 -7.06
N GLN A 68 -1.24 -8.57 -6.41
CA GLN A 68 -0.88 -8.69 -5.00
C GLN A 68 0.57 -9.13 -4.85
N ASP A 69 1.44 -8.21 -4.47
CA ASP A 69 2.86 -8.52 -4.29
C ASP A 69 3.06 -9.42 -3.07
N GLU A 70 3.41 -10.68 -3.34
CA GLU A 70 3.63 -11.65 -2.27
C GLU A 70 4.91 -11.31 -1.49
N ALA A 71 5.99 -11.06 -2.23
CA ALA A 71 7.26 -10.72 -1.61
C ALA A 71 7.12 -9.53 -0.67
N LEU A 72 6.13 -8.69 -0.93
CA LEU A 72 5.90 -7.51 -0.10
C LEU A 72 4.98 -7.85 1.06
N ARG A 73 3.88 -8.53 0.78
CA ARG A 73 2.92 -8.92 1.81
C ARG A 73 3.61 -9.63 2.95
N ARG A 74 4.37 -10.67 2.63
CA ARG A 74 5.08 -11.44 3.64
C ARG A 74 6.07 -10.56 4.40
N ALA A 75 6.56 -9.52 3.74
CA ALA A 75 7.51 -8.60 4.36
C ALA A 75 6.85 -7.83 5.49
N ILE A 76 5.75 -7.15 5.17
CA ILE A 76 5.03 -6.36 6.17
C ILE A 76 4.71 -7.20 7.40
N GLU A 77 4.37 -8.46 7.19
CA GLU A 77 4.05 -9.36 8.29
C GLU A 77 5.29 -9.71 9.10
N ASN A 78 6.44 -9.78 8.42
CA ASN A 78 7.70 -10.11 9.06
C ASN A 78 8.08 -9.03 10.08
N HIS A 79 7.60 -7.82 9.85
CA HIS A 79 7.88 -6.70 10.75
C HIS A 79 6.79 -6.55 11.81
N ASN A 80 5.55 -6.74 11.39
CA ASN A 80 4.42 -6.64 12.30
C ASN A 80 4.46 -7.73 13.36
N LYS A 81 4.92 -8.92 12.95
CA LYS A 81 5.02 -10.05 13.86
C LYS A 81 6.04 -9.78 14.95
N LYS A 82 7.01 -8.93 14.66
CA LYS A 82 8.05 -8.58 15.62
C LYS A 82 7.64 -7.39 16.47
N ARG A 83 7.11 -6.36 15.82
CA ARG A 83 6.67 -5.16 16.52
C ARG A 83 7.86 -4.38 17.08
N HIS A 84 8.44 -4.89 18.17
CA HIS A 84 9.58 -4.25 18.79
C HIS A 84 10.28 -5.22 19.75
N ARG A 85 10.62 -6.40 19.25
CA ARG A 85 11.30 -7.41 20.06
C ARG A 85 12.57 -7.90 19.37
N HIS A 86 13.72 -7.58 19.95
CA HIS A 86 15.00 -7.99 19.39
C HIS A 86 15.30 -9.45 19.72
N SER A 87 15.22 -10.31 18.72
CA SER A 87 15.48 -11.73 18.90
C SER A 87 16.98 -12.04 18.86
N GLU A 88 17.49 -12.64 19.92
CA GLU A 88 18.90 -12.97 20.00
C GLU A 88 19.16 -14.36 19.41
N SER A 89 20.42 -14.81 19.51
CA SER A 89 20.80 -16.12 19.00
C SER A 89 20.23 -17.24 19.86
N GLY A 90 20.74 -17.35 21.08
CA GLY A 90 20.27 -18.38 21.99
C GLY A 90 21.02 -19.68 21.83
N PRO A 91 20.98 -20.53 22.87
CA PRO A 91 21.67 -21.82 22.87
C PRO A 91 21.02 -22.82 21.91
N SER A 92 21.84 -23.65 21.28
CA SER A 92 21.35 -24.64 20.33
C SER A 92 21.86 -26.03 20.69
N SER A 93 21.32 -27.05 20.02
CA SER A 93 21.73 -28.43 20.27
C SER A 93 21.79 -29.22 18.96
N GLY A 94 22.20 -30.48 19.07
CA GLY A 94 22.30 -31.32 17.89
C GLY A 94 23.47 -30.92 16.99
ZN ZN B . 4.21 5.63 -10.44
#